data_9B8T
#
_entry.id   9B8T
#
_cell.length_a   1.00
_cell.length_b   1.00
_cell.length_c   1.00
_cell.angle_alpha   90.00
_cell.angle_beta   90.00
_cell.angle_gamma   90.00
#
_symmetry.space_group_name_H-M   'P 1'
#
loop_
_entity.id
_entity.type
_entity.pdbx_description
1 polymer 'DNA polymerase epsilon catalytic subunit'
2 polymer 'Proliferating cell nuclear antigen'
3 polymer 'Primer DNA'
4 polymer 'Template DNA'
5 non-polymer "THYMIDINE-5'-TRIPHOSPHATE"
6 non-polymer 'MAGNESIUM ION'
7 non-polymer 'IRON/SULFUR CLUSTER'
#
loop_
_entity_poly.entity_id
_entity_poly.type
_entity_poly.pdbx_seq_one_letter_code
_entity_poly.pdbx_strand_id
1 'polypeptide(L)'
;MSLRSGGRRRADPGADGEASRDDGATSSVSALKRLERSQWTDKMDLRFGFERLKEPGEKTGWLINMHPTEILDEDKRLGS
AVDYYFIQDDGSRFKVALPYKPYFYIATRKGCEREVSSFLSKKFQGKIAKVETVPKEDLDLPNHLVGLKRNYIRLSFHTV
EDLVKVRKEISPAVKKNREQDHASDAYTALLSSVLQRGGVITDEEETSKKIADQLDNIVDMREYDVPYHIRLSIDLKIHV
AHWYNVRYRGNAFPVEITRRDDLVERPDPVVLAFAIATTKLPLKFPDAETDQIMMISYMIDGQGYLITNREIVSEDIEDF
EFTPKPEYEGPFCVFNEPDEAHLIQRWFEHVQETKPTIMVTYNGDFFDWPFVEARAAVHGLSMQQEIGFQKDSQGEYKAP
QCIHMDCLRWVKRDSYLPVGSHNLKAAAKAKLGYDPVELDPEDMCRMATEQPQTLATYSVSDAVATYYLYMKYVHPFIFA
LCTIIPMEPDEVLRKGSGTLCEALLMVQAFHANIIFPNKQEQEFNKLTDDGHVLDSETYVGGHVEALESGVFRSDIPCRF
RMNPAAFDFLLQRVEKTLRHALEEEEKVPVEQVTNFEEVCDEIKSKLASLKDVPSRIECPLIYHLDVGAMYPNIILTNRL
QPSAMVDEATCAACDFNKPGANCQRKMAWQWRGEFMPASRSEYHRIQHQLESEKFPPLFPEGPARAFHELSREEQAKYEK
RRLADYCRKAYKKIHITKVEERLTTICQRENSFYVDTVRAFRDRRYEFKGLHKVWKKKLSAAVEVGDAAEVKRCKNMEVL
YDSLQLAHKCILNSFYGYVMRKGARWYSMEMAGIVCFTGANIITQARELIEQIGRPLELDTDGIWCVLPNSFPENFVFKT
TNVKKPKVTISYPGAMLNIMVKEGFTNDQYQELAEPSSLTYVTRSENSIFFEVDGPYLAMILPASKEEGKKLKKRYAVFN
EDGSLAELKGFEVKRRGELQLIKIFQSSVFEAFLKGSTLEEVYGSVAKVADYWLDVLYSKAANMPDSELFELISENRSMS
RKLEDYGEQKSTSISTAKRLAEFLGDQMVKDAGLSCRYIISRKPEGSPVTERAIPLAIFQAEPTVRKHFLRKWLKSSSLQ
DFDIRAILDWDYYIERLGSAIQKIITIPAALQQVKNPVPRVKHPDWLHKKLLEKNDVYKQKKISELFTLEGRRQVTMAEA
SEDSPRPSAPDMEDFGLVKLPHPAAPVTVKRKRVLWESQEESQDLTPTVPWQEILGQPPALGTSQEEWLVWLRFHKKKWQ
LQARQRLARRKRQRLESAEGVLRPGAIRDGPATGLGSFLRRTARSILDLPWQIVQISETSQAGLFRLWALVGSDLHCIRL
SIPRVFYVNQRVAKAEEGASYRKVNRVLPRSNMVYNLYEYSVPEDMYQEHINEINAELSAPDIEGVYETQVPLLFRALVH
LGCVCVVNKQLVRHLSGWEAETFALEHLEMRSLAQFSYLEPGSIRHIYLYHHAQAHKALFGIFIPSQRRASVFVLDTVRT
DQMPSLGALYSAEHGLLLEKVGPELLPPPKHTFEVRAETDLKTICRAIQRFLLAYKEERRGPTLIAVQSSWELKRLASEI
PVLEEFPLVPICVADKINYGVLDWQRHGARRMIRHYLNLDTCLSQAFEMSRYFHIPIGNLPEDISTFGSDLFFARHLQRH
NHLLWLSPTARPDLGGKEADDNCLVMEFDDQATVEINSSGCYSTVCVELDLQNLAVNTILQSHHVNDMEGADSMGISFDV
IQQASLEDMITGGQAASAPASYDETALCSNTFRILKSMVVGWVKEITQYHNIYADNQVMHFYRWLRSPSSLLHDPALHRT
LHNMMKKLFLQLIAEFKRLGSSVIYANFNRIILCTKKRRVEDAIAYVEYITSSIHSKETFHSLTISFSRCWEFLLWMDPS
NYGGIKGKVSSRIHCGLQDSQKAGGAEDEQENEDDEEERDGEEEEEAEESNVEDLLENNWNILQFLPQAASCQNYFLMIV
SAYIVAVYHCMKDGLRRSAPGSTPVRRRGASQLSQEAEGAVGALPGMITFSQDYVANELTQSFFTITQKIQKKVTGSRNS
TELSEMFPVLPGSHLLLNNPALEFIKYVCKVLSLDTNITNQVNKLNRDLLRLVDVGEFSEEAQFRDPCRSYVLPEVICRS
CNFCRDLDLCKDSSFSEDGAVLPQWLCSNCQAPYDSSAIEMTLVEVLQKKLMAFTLQDLVCLKCRGVKETSMPVYCTCAG
DFALTIHTQVFMEQIGIFRNIAQHYGMSYLLETLEWLLQKNPQLGH
;
A
2 'polypeptide(L)'
;MFEARLVQGSILKKVLEALKDLINEACWDISSSGVNLQSMDSSHVSLVQLTLRSEGFDTYRCDRNLAMGVNLTSMSKILK
CAGNEDIITLRAEDNADTLALVFEAPNQEKVSDYEMKLMDLDVEQLGIPEQEYSCVVKMPSGEFARICRDLSHIGDAVVI
SCAKDGVKFSASGELGNGNIKLSQTSNVDKEEEAVTIEMNEPVQLTFALRYLNFFTKATPLSSTVTLSMSADVPLVVEYK
IADMGHLKYYLAPKIEDEEGS
;
B,C,D
3 'polydeoxyribonucleotide'
;(DT)(DG)(DA)(DG)(DG)(DT)(DT)(DC)(DA)(DG)(DC)(DA)(DA)(DG)(DG)(DT)(DG)(DA)(DT)(DG)
(DC)(DT)(DT)(DT)(DA)(DG)(DA)(DT)(DT)(DT)(DT)(DT)(DC)(DA)(DC)
;
P
4 'polydeoxyribonucleotide'
;(DG)(DC)(DC)(DA)(DC)(DG)(DC)(DT)(DG)(DA)(DG)(DA)(DG)(DC)(DC)(DA)(DG)(DC)(DA)(DG)
(DC)(DA)(DA)(DA)(DG)(DT)(DG)(DA)(DA)(DA)(DA)(DA)(DT)(DC)(DT)(DA)(DA)(DA)(DG)(DC)
(DA)(DT)(DC)(DA)(DC)(DC)(DT)(DT)(DG)(DC)(DT)(DG)(DA)(DA)(DC)(DC)(DT)(DC)(DA)
;
T
#
# COMPACT_ATOMS: atom_id res chain seq x y z
N GLY A 24 -1.41 -54.24 19.59
CA GLY A 24 -1.08 -55.65 19.68
C GLY A 24 0.16 -56.04 18.89
N ALA A 25 -0.06 -56.69 17.75
CA ALA A 25 1.06 -57.07 16.88
C ALA A 25 1.66 -55.84 16.21
N THR A 26 0.83 -54.88 15.82
CA THR A 26 1.35 -53.66 15.21
C THR A 26 1.98 -52.73 16.25
N SER A 27 1.54 -52.83 17.51
CA SER A 27 2.18 -52.05 18.56
C SER A 27 3.50 -52.67 18.99
N SER A 28 3.63 -53.99 18.88
CA SER A 28 4.88 -54.65 19.24
C SER A 28 5.98 -54.36 18.23
N VAL A 29 5.64 -54.36 16.94
CA VAL A 29 6.65 -54.04 15.92
C VAL A 29 6.98 -52.55 15.91
N SER A 30 6.07 -51.68 16.38
CA SER A 30 6.42 -50.28 16.56
C SER A 30 7.44 -50.10 17.68
N ALA A 31 7.28 -50.85 18.77
CA ALA A 31 8.27 -50.84 19.84
C ALA A 31 9.58 -51.46 19.39
N LEU A 32 9.52 -52.48 18.53
CA LEU A 32 10.73 -53.06 17.95
C LEU A 32 11.47 -52.07 17.06
N LYS A 33 10.72 -51.31 16.25
CA LYS A 33 11.30 -50.26 15.42
C LYS A 33 11.91 -49.15 16.28
N ARG A 34 11.25 -48.79 17.38
CA ARG A 34 11.79 -47.77 18.28
C ARG A 34 13.05 -48.26 19.00
N LEU A 35 13.07 -49.53 19.38
CA LEU A 35 14.28 -50.12 19.97
C LEU A 35 15.41 -50.21 18.97
N GLU A 36 15.09 -50.49 17.69
CA GLU A 36 16.08 -50.46 16.62
C GLU A 36 16.61 -49.05 16.44
N ARG A 37 15.71 -48.05 16.53
CA ARG A 37 16.10 -46.65 16.44
C ARG A 37 17.06 -46.27 17.56
N SER A 38 16.76 -46.73 18.78
CA SER A 38 17.59 -46.43 19.94
C SER A 38 18.96 -47.11 19.85
N GLN A 39 18.99 -48.39 19.47
CA GLN A 39 20.26 -49.09 19.34
C GLN A 39 21.11 -48.52 18.21
N TRP A 40 20.48 -48.11 17.11
CA TRP A 40 21.21 -47.44 16.05
C TRP A 40 21.77 -46.10 16.51
N THR A 41 20.98 -45.34 17.29
CA THR A 41 21.43 -44.07 17.84
C THR A 41 22.62 -44.23 18.78
N ASP A 42 22.58 -45.23 19.68
CA ASP A 42 23.72 -45.46 20.56
C ASP A 42 24.93 -46.00 19.80
N LYS A 43 24.73 -46.78 18.74
CA LYS A 43 25.85 -47.22 17.91
C LYS A 43 26.48 -46.04 17.17
N MET A 44 25.64 -45.13 16.68
CA MET A 44 26.09 -43.90 16.04
C MET A 44 26.86 -43.02 17.02
N ASP A 45 26.39 -42.97 18.27
CA ASP A 45 27.08 -42.22 19.32
C ASP A 45 28.43 -42.83 19.63
N LEU A 46 28.48 -44.16 19.77
CA LEU A 46 29.73 -44.85 20.11
C LEU A 46 30.74 -44.78 18.98
N ARG A 47 30.27 -44.63 17.73
CA ARG A 47 31.18 -44.44 16.62
C ARG A 47 31.89 -43.09 16.70
N PHE A 48 31.18 -42.05 17.14
CA PHE A 48 31.70 -40.69 17.13
C PHE A 48 32.20 -40.24 18.49
N GLY A 49 32.81 -41.13 19.25
CA GLY A 49 33.15 -40.86 20.63
C GLY A 49 32.04 -41.34 21.56
N PHE A 50 31.62 -40.47 22.48
CA PHE A 50 30.32 -40.47 23.17
C PHE A 50 29.94 -41.83 23.76
N GLU A 51 30.84 -42.37 24.57
CA GLU A 51 30.57 -43.66 25.21
C GLU A 51 29.51 -43.50 26.29
N ARG A 52 28.73 -44.56 26.48
CA ARG A 52 27.77 -44.59 27.57
C ARG A 52 28.51 -44.70 28.90
N LEU A 53 27.82 -44.32 29.98
CA LEU A 53 28.41 -44.43 31.33
C LEU A 53 28.03 -45.78 31.92
N LYS A 54 28.53 -46.85 31.30
CA LYS A 54 28.30 -48.19 31.80
C LYS A 54 29.05 -48.46 33.09
N GLU A 55 30.28 -47.96 33.19
CA GLU A 55 31.06 -48.13 34.41
C GLU A 55 30.52 -47.21 35.50
N PRO A 56 30.40 -47.69 36.74
CA PRO A 56 29.98 -46.80 37.82
C PRO A 56 31.10 -45.90 38.30
N GLY A 57 30.73 -44.73 38.76
CA GLY A 57 31.68 -43.75 39.24
C GLY A 57 31.16 -42.35 39.01
N GLU A 58 32.06 -41.38 39.21
CA GLU A 58 31.73 -39.96 39.09
C GLU A 58 32.59 -39.34 38.01
N LYS A 59 31.95 -38.64 37.07
CA LYS A 59 32.64 -37.98 35.98
C LYS A 59 32.17 -36.54 35.88
N THR A 60 33.09 -35.67 35.45
CA THR A 60 32.81 -34.25 35.28
C THR A 60 32.74 -33.93 33.80
N GLY A 61 31.66 -33.29 33.37
CA GLY A 61 31.46 -33.05 31.96
C GLY A 61 30.81 -31.70 31.71
N TRP A 62 31.07 -31.17 30.52
CA TRP A 62 30.51 -29.89 30.07
C TRP A 62 29.43 -30.19 29.04
N LEU A 63 28.17 -29.86 29.38
CA LEU A 63 27.03 -30.25 28.56
C LEU A 63 27.03 -29.51 27.23
N ILE A 64 26.92 -30.26 26.13
CA ILE A 64 26.96 -29.71 24.79
C ILE A 64 25.69 -30.00 24.00
N ASN A 65 25.11 -31.19 24.16
CA ASN A 65 24.05 -31.70 23.32
C ASN A 65 22.97 -32.38 24.14
N MET A 66 21.73 -32.28 23.65
CA MET A 66 20.59 -33.00 24.19
C MET A 66 19.67 -33.40 23.05
N HIS A 67 19.11 -34.61 23.12
CA HIS A 67 18.07 -35.06 22.17
C HIS A 67 17.15 -36.07 22.84
N PRO A 68 15.84 -36.03 22.58
CA PRO A 68 14.96 -37.04 23.16
C PRO A 68 14.99 -38.36 22.40
N THR A 69 15.65 -39.37 22.98
CA THR A 69 15.73 -40.71 22.42
C THR A 69 15.11 -41.68 23.41
N GLU A 70 14.83 -42.89 22.94
CA GLU A 70 14.20 -43.91 23.77
C GLU A 70 15.24 -44.81 24.41
N ILE A 71 14.87 -45.40 25.55
CA ILE A 71 15.78 -46.26 26.31
C ILE A 71 14.96 -47.40 26.91
N LEU A 72 15.64 -48.47 27.29
CA LEU A 72 15.01 -49.62 27.95
C LEU A 72 15.61 -49.77 29.35
N ASP A 73 14.74 -49.82 30.36
CA ASP A 73 15.20 -49.93 31.73
C ASP A 73 15.23 -51.41 32.15
N GLU A 74 15.39 -51.65 33.45
CA GLU A 74 15.46 -53.02 33.96
C GLU A 74 14.08 -53.68 34.02
N ASP A 75 13.01 -52.91 33.96
CA ASP A 75 11.65 -53.43 34.03
C ASP A 75 11.07 -53.78 32.66
N LYS A 76 11.93 -53.84 31.63
CA LYS A 76 11.56 -54.16 30.24
C LYS A 76 10.49 -53.21 29.69
N ARG A 77 10.62 -51.92 30.04
CA ARG A 77 9.72 -50.88 29.57
C ARG A 77 10.49 -49.93 28.65
N LEU A 78 9.88 -49.58 27.53
CA LEU A 78 10.49 -48.63 26.60
C LEU A 78 10.06 -47.22 27.01
N GLY A 79 11.01 -46.42 27.48
CA GLY A 79 10.75 -45.06 27.86
C GLY A 79 11.76 -44.13 27.22
N SER A 80 11.40 -42.85 27.12
CA SER A 80 12.31 -41.89 26.53
C SER A 80 13.29 -41.36 27.56
N ALA A 81 14.47 -41.00 27.07
CA ALA A 81 15.55 -40.48 27.91
C ALA A 81 16.38 -39.53 27.07
N VAL A 82 16.50 -38.29 27.53
CA VAL A 82 17.29 -37.29 26.83
C VAL A 82 18.76 -37.64 26.97
N ASP A 83 19.42 -37.88 25.85
CA ASP A 83 20.81 -38.33 25.88
C ASP A 83 21.73 -37.11 25.98
N TYR A 84 22.11 -36.81 27.21
CA TYR A 84 22.98 -35.67 27.50
C TYR A 84 24.39 -36.01 27.06
N TYR A 85 25.01 -35.12 26.29
CA TYR A 85 26.37 -35.33 25.83
C TYR A 85 27.28 -34.34 26.54
N PHE A 86 28.42 -34.81 26.99
CA PHE A 86 29.35 -33.99 27.76
C PHE A 86 30.72 -34.04 27.13
N ILE A 87 31.49 -32.97 27.31
CA ILE A 87 32.88 -32.90 26.89
C ILE A 87 33.71 -32.66 28.15
N GLN A 88 34.71 -33.52 28.36
CA GLN A 88 35.59 -33.34 29.51
C GLN A 88 36.73 -32.38 29.15
N ASP A 89 37.57 -32.10 30.14
CA ASP A 89 38.63 -31.12 29.95
C ASP A 89 39.76 -31.67 29.08
N ASP A 90 40.06 -32.96 29.17
CA ASP A 90 41.14 -33.55 28.42
C ASP A 90 40.78 -33.81 26.95
N GLY A 91 39.53 -33.61 26.56
CA GLY A 91 39.08 -33.87 25.21
C GLY A 91 38.19 -35.09 25.08
N SER A 92 38.15 -35.94 26.10
CA SER A 92 37.27 -37.09 26.09
C SER A 92 35.82 -36.64 26.23
N ARG A 93 34.92 -37.41 25.61
CA ARG A 93 33.50 -37.10 25.61
C ARG A 93 32.71 -38.35 25.90
N PHE A 94 31.51 -38.16 26.45
CA PHE A 94 30.67 -39.28 26.82
C PHE A 94 29.20 -38.88 26.74
N LYS A 95 28.33 -39.89 26.74
CA LYS A 95 26.90 -39.70 26.56
C LYS A 95 26.17 -40.36 27.71
N VAL A 96 25.25 -39.62 28.34
CA VAL A 96 24.45 -40.12 29.44
C VAL A 96 22.98 -39.91 29.09
N ALA A 97 22.20 -40.98 29.13
CA ALA A 97 20.77 -40.90 28.86
C ALA A 97 20.01 -40.88 30.19
N LEU A 98 19.57 -39.70 30.59
CA LEU A 98 18.83 -39.56 31.84
C LEU A 98 17.37 -39.91 31.61
N PRO A 99 16.83 -40.93 32.29
CA PRO A 99 15.43 -41.31 32.05
C PRO A 99 14.44 -40.47 32.83
N TYR A 100 13.54 -39.80 32.10
CA TYR A 100 12.48 -39.00 32.70
C TYR A 100 11.17 -39.31 31.99
N LYS A 101 10.08 -39.10 32.69
CA LYS A 101 8.77 -39.47 32.19
C LYS A 101 8.03 -38.24 31.70
N PRO A 102 7.71 -38.16 30.40
CA PRO A 102 7.09 -36.94 29.85
C PRO A 102 5.67 -36.75 30.36
N TYR A 103 5.24 -35.49 30.40
CA TYR A 103 3.96 -35.15 31.01
C TYR A 103 3.38 -33.85 30.48
N PHE A 104 2.10 -33.67 30.78
CA PHE A 104 1.43 -32.37 30.77
C PHE A 104 0.65 -32.24 32.08
N TYR A 105 -0.11 -31.16 32.21
CA TYR A 105 -0.97 -30.92 33.35
C TYR A 105 -2.41 -30.83 32.87
N ILE A 106 -3.35 -31.31 33.68
CA ILE A 106 -4.77 -31.22 33.36
C ILE A 106 -5.47 -30.41 34.44
N ALA A 107 -6.52 -29.68 34.04
CA ALA A 107 -7.32 -28.94 35.00
C ALA A 107 -8.55 -29.75 35.41
N THR A 108 -9.19 -29.34 36.50
CA THR A 108 -10.34 -30.04 37.02
C THR A 108 -11.29 -28.99 37.60
N ARG A 109 -12.60 -29.23 37.41
CA ARG A 109 -13.62 -28.21 37.72
C ARG A 109 -13.68 -27.89 39.22
N LYS A 110 -13.58 -28.90 40.07
CA LYS A 110 -13.73 -28.72 41.51
C LYS A 110 -12.70 -29.57 42.23
N GLY A 111 -12.93 -29.82 43.52
CA GLY A 111 -12.03 -30.61 44.33
C GLY A 111 -12.07 -32.10 44.10
N CYS A 112 -12.96 -32.59 43.25
CA CYS A 112 -13.01 -34.02 42.93
C CYS A 112 -11.87 -34.39 42.00
N GLU A 113 -10.74 -34.81 42.59
CA GLU A 113 -9.53 -35.11 41.82
C GLU A 113 -9.14 -36.57 41.86
N ARG A 114 -9.60 -37.34 42.84
CA ARG A 114 -9.23 -38.74 42.93
C ARG A 114 -9.99 -39.60 41.92
N GLU A 115 -11.26 -39.27 41.65
CA GLU A 115 -12.06 -40.10 40.78
C GLU A 115 -11.65 -39.97 39.32
N VAL A 116 -11.31 -38.75 38.88
CA VAL A 116 -10.84 -38.55 37.51
C VAL A 116 -9.47 -39.19 37.32
N SER A 117 -8.62 -39.14 38.36
CA SER A 117 -7.32 -39.81 38.32
C SER A 117 -7.47 -41.33 38.23
N SER A 118 -8.40 -41.90 39.01
CA SER A 118 -8.63 -43.34 38.95
C SER A 118 -9.24 -43.75 37.61
N PHE A 119 -10.14 -42.93 37.06
CA PHE A 119 -10.75 -43.23 35.77
C PHE A 119 -9.74 -43.16 34.63
N LEU A 120 -8.80 -42.22 34.71
CA LEU A 120 -7.77 -42.13 33.67
C LEU A 120 -6.64 -43.11 33.91
N SER A 121 -6.53 -43.67 35.11
CA SER A 121 -5.53 -44.69 35.35
C SER A 121 -6.03 -46.09 34.99
N LYS A 122 -7.33 -46.34 35.13
CA LYS A 122 -7.85 -47.68 34.90
C LYS A 122 -8.16 -47.99 33.44
N LYS A 123 -7.98 -47.04 32.52
CA LYS A 123 -8.13 -47.33 31.11
C LYS A 123 -6.89 -46.93 30.30
N PHE A 124 -5.80 -46.56 30.97
CA PHE A 124 -4.52 -46.31 30.33
C PHE A 124 -3.43 -46.98 31.14
N GLN A 125 -3.66 -48.25 31.50
CA GLN A 125 -2.84 -48.91 32.51
C GLN A 125 -1.46 -49.27 31.97
N GLY A 126 -1.32 -49.39 30.66
CA GLY A 126 -0.05 -49.68 30.03
C GLY A 126 0.59 -48.51 29.34
N LYS A 127 0.09 -47.29 29.56
CA LYS A 127 0.52 -46.15 28.78
C LYS A 127 0.75 -44.89 29.60
N ILE A 128 0.35 -44.87 30.87
CA ILE A 128 0.76 -43.83 31.82
C ILE A 128 1.65 -44.49 32.88
N ALA A 129 2.28 -43.64 33.69
CA ALA A 129 3.18 -44.12 34.74
C ALA A 129 2.70 -43.82 36.14
N LYS A 130 2.48 -42.55 36.48
CA LYS A 130 1.98 -42.20 37.81
C LYS A 130 1.19 -40.91 37.70
N VAL A 131 0.24 -40.74 38.61
CA VAL A 131 -0.66 -39.59 38.65
C VAL A 131 -0.57 -38.97 40.03
N GLU A 132 -0.25 -37.67 40.08
CA GLU A 132 -0.19 -36.93 41.34
C GLU A 132 -0.84 -35.56 41.15
N THR A 133 -1.33 -35.00 42.26
CA THR A 133 -2.02 -33.71 42.27
C THR A 133 -1.00 -32.62 42.58
N VAL A 134 -0.93 -31.60 41.74
CA VAL A 134 0.17 -30.65 41.70
C VAL A 134 -0.35 -29.27 42.05
N PRO A 135 0.08 -28.65 43.14
CA PRO A 135 -0.27 -27.25 43.38
C PRO A 135 0.60 -26.30 42.57
N LYS A 136 -0.06 -25.38 41.86
CA LYS A 136 0.61 -24.35 41.07
C LYS A 136 -0.15 -23.04 41.20
N GLU A 137 0.48 -21.97 40.74
CA GLU A 137 -0.09 -20.64 40.74
C GLU A 137 -0.35 -20.22 39.30
N ASP A 138 -1.55 -19.77 38.99
CA ASP A 138 -1.86 -19.23 37.67
C ASP A 138 -2.21 -17.76 37.74
N LEU A 139 -1.80 -17.02 36.71
CA LEU A 139 -1.89 -15.57 36.72
C LEU A 139 -3.31 -15.08 36.52
N ASP A 140 -4.17 -15.92 35.94
CA ASP A 140 -5.49 -15.48 35.50
C ASP A 140 -6.58 -15.68 36.54
N LEU A 141 -6.26 -16.23 37.71
CA LEU A 141 -7.28 -16.46 38.73
C LEU A 141 -7.67 -15.14 39.40
N PRO A 142 -8.96 -14.93 39.68
CA PRO A 142 -9.33 -13.87 40.62
C PRO A 142 -8.85 -14.20 42.02
N ASN A 143 -8.44 -13.14 42.74
CA ASN A 143 -7.94 -13.21 44.11
C ASN A 143 -6.74 -14.15 44.24
N HIS A 144 -5.82 -14.08 43.30
CA HIS A 144 -4.68 -14.98 43.25
C HIS A 144 -3.45 -14.45 43.97
N LEU A 145 -3.57 -13.33 44.68
CA LEU A 145 -2.45 -12.75 45.41
C LEU A 145 -2.61 -12.82 46.92
N VAL A 146 -3.70 -13.41 47.42
CA VAL A 146 -3.86 -13.59 48.86
C VAL A 146 -3.13 -14.81 49.38
N GLY A 147 -2.59 -15.64 48.49
CA GLY A 147 -1.99 -16.90 48.89
C GLY A 147 -2.84 -18.07 48.41
N LEU A 148 -3.55 -17.87 47.31
CA LEU A 148 -4.47 -18.86 46.76
C LEU A 148 -3.85 -19.50 45.54
N LYS A 149 -3.79 -20.84 45.55
CA LYS A 149 -3.23 -21.61 44.45
C LYS A 149 -4.31 -22.52 43.88
N ARG A 150 -4.12 -22.90 42.61
CA ARG A 150 -5.00 -23.84 41.93
C ARG A 150 -4.24 -25.14 41.71
N ASN A 151 -4.78 -26.24 42.22
CA ASN A 151 -4.09 -27.53 42.21
C ASN A 151 -4.42 -28.28 40.92
N TYR A 152 -3.39 -28.56 40.14
CA TYR A 152 -3.52 -29.30 38.88
C TYR A 152 -3.04 -30.73 39.08
N ILE A 153 -3.08 -31.50 37.99
CA ILE A 153 -2.76 -32.93 38.04
C ILE A 153 -1.67 -33.24 37.02
N ARG A 154 -0.55 -33.81 37.48
CA ARG A 154 0.42 -34.47 36.61
C ARG A 154 -0.16 -35.75 36.03
N LEU A 155 0.03 -35.95 34.72
CA LEU A 155 -0.09 -37.26 34.09
C LEU A 155 1.20 -37.56 33.34
N SER A 156 1.97 -38.52 33.84
CA SER A 156 3.28 -38.84 33.30
C SER A 156 3.20 -40.13 32.50
N PHE A 157 3.67 -40.09 31.25
CA PHE A 157 3.67 -41.23 30.37
C PHE A 157 5.08 -41.82 30.28
N HIS A 158 5.26 -42.77 29.37
CA HIS A 158 6.55 -43.47 29.23
C HIS A 158 7.41 -42.91 28.10
N THR A 159 6.84 -42.77 26.90
CA THR A 159 7.58 -42.29 25.75
C THR A 159 6.99 -40.97 25.23
N VAL A 160 7.75 -40.32 24.35
CA VAL A 160 7.25 -39.14 23.65
C VAL A 160 6.15 -39.53 22.67
N GLU A 161 6.27 -40.71 22.03
CA GLU A 161 5.21 -41.20 21.16
C GLU A 161 3.96 -41.54 21.94
N ASP A 162 4.13 -42.01 23.18
CA ASP A 162 3.01 -42.15 24.10
C ASP A 162 2.34 -40.82 24.37
N LEU A 163 3.15 -39.76 24.57
CA LEU A 163 2.64 -38.42 24.81
C LEU A 163 1.85 -37.91 23.61
N VAL A 164 2.37 -38.12 22.39
CA VAL A 164 1.69 -37.69 21.18
C VAL A 164 0.37 -38.44 21.00
N LYS A 165 0.37 -39.75 21.26
CA LYS A 165 -0.83 -40.54 21.00
C LYS A 165 -1.93 -40.22 22.01
N VAL A 166 -1.57 -40.11 23.30
CA VAL A 166 -2.57 -39.74 24.31
C VAL A 166 -3.05 -38.30 24.11
N ARG A 167 -2.16 -37.39 23.70
CA ARG A 167 -2.55 -36.02 23.41
C ARG A 167 -3.53 -35.95 22.25
N LYS A 168 -3.28 -36.73 21.18
CA LYS A 168 -4.22 -36.76 20.06
C LYS A 168 -5.52 -37.46 20.44
N GLU A 169 -5.48 -38.43 21.34
CA GLU A 169 -6.69 -39.10 21.78
C GLU A 169 -7.57 -38.22 22.65
N ILE A 170 -6.98 -37.38 23.49
CA ILE A 170 -7.78 -36.67 24.48
C ILE A 170 -7.97 -35.21 24.06
N SER A 171 -7.33 -34.82 22.96
CA SER A 171 -7.43 -33.45 22.45
C SER A 171 -8.78 -33.06 21.83
N PRO A 172 -9.60 -33.94 21.23
CA PRO A 172 -10.97 -33.50 20.92
C PRO A 172 -11.82 -33.18 22.15
N ALA A 173 -11.52 -33.81 23.30
CA ALA A 173 -12.21 -33.47 24.54
C ALA A 173 -11.88 -32.06 24.99
N VAL A 174 -10.68 -31.56 24.65
CA VAL A 174 -10.33 -30.16 24.89
C VAL A 174 -11.31 -29.24 24.20
N LYS A 175 -11.55 -29.46 22.91
CA LYS A 175 -12.37 -28.56 22.13
C LYS A 175 -13.83 -28.69 22.52
N LYS A 176 -14.27 -29.92 22.82
CA LYS A 176 -15.65 -30.15 23.21
C LYS A 176 -15.97 -29.53 24.57
N ASN A 177 -15.07 -29.71 25.56
CA ASN A 177 -15.33 -29.16 26.88
C ASN A 177 -15.12 -27.64 26.89
N ARG A 178 -14.32 -27.10 25.98
CA ARG A 178 -14.25 -25.65 25.86
C ARG A 178 -15.52 -25.08 25.23
N GLU A 179 -16.04 -25.73 24.18
CA GLU A 179 -17.26 -25.26 23.54
C GLU A 179 -18.49 -25.44 24.41
N GLN A 180 -18.50 -26.44 25.28
CA GLN A 180 -19.58 -26.61 26.25
C GLN A 180 -19.48 -25.53 27.32
N ASP A 181 -20.48 -24.65 27.38
CA ASP A 181 -20.52 -23.59 28.38
C ASP A 181 -21.99 -23.23 28.60
N HIS A 182 -22.55 -23.68 29.72
CA HIS A 182 -23.95 -23.43 30.03
C HIS A 182 -24.10 -22.82 31.42
N ALA A 212 -19.08 -42.54 32.37
CA ALA A 212 -17.96 -41.70 31.99
C ALA A 212 -18.10 -40.30 32.58
N ASP A 213 -18.66 -40.22 33.79
CA ASP A 213 -18.82 -38.95 34.46
C ASP A 213 -17.51 -38.39 34.97
N GLN A 214 -16.52 -39.25 35.22
CA GLN A 214 -15.21 -38.83 35.68
C GLN A 214 -14.25 -38.52 34.54
N LEU A 215 -14.73 -38.56 33.30
CA LEU A 215 -13.95 -38.17 32.13
C LEU A 215 -14.27 -36.78 31.62
N ASP A 216 -15.53 -36.34 31.72
CA ASP A 216 -15.96 -35.07 31.19
C ASP A 216 -15.75 -33.90 32.15
N ASN A 217 -15.31 -34.15 33.37
CA ASN A 217 -15.16 -33.09 34.35
C ASN A 217 -13.86 -32.31 34.18
N ILE A 218 -12.99 -32.71 33.26
CA ILE A 218 -11.71 -32.05 33.07
C ILE A 218 -11.97 -30.75 32.30
N VAL A 219 -11.37 -29.65 32.76
CA VAL A 219 -11.56 -28.37 32.07
C VAL A 219 -10.67 -28.27 30.84
N ASP A 220 -9.36 -28.27 31.04
CA ASP A 220 -8.43 -27.95 29.96
C ASP A 220 -7.05 -28.45 30.34
N MET A 221 -6.48 -29.35 29.52
CA MET A 221 -5.09 -29.77 29.70
C MET A 221 -4.08 -28.68 29.38
N ARG A 222 -3.06 -28.59 30.21
CA ARG A 222 -2.08 -27.52 30.17
C ARG A 222 -0.69 -28.10 29.91
N GLU A 223 0.12 -27.33 29.16
CA GLU A 223 1.52 -27.62 28.85
C GLU A 223 1.68 -28.93 28.07
N TYR A 224 0.87 -29.11 27.04
CA TYR A 224 0.99 -30.26 26.14
C TYR A 224 1.84 -29.98 24.92
N ASP A 225 1.85 -28.74 24.41
CA ASP A 225 2.69 -28.37 23.28
C ASP A 225 4.15 -28.22 23.67
N VAL A 226 4.48 -28.23 24.95
CA VAL A 226 5.87 -28.11 25.40
C VAL A 226 6.62 -29.39 25.04
N PRO A 227 7.75 -29.30 24.35
CA PRO A 227 8.51 -30.51 24.02
C PRO A 227 9.10 -31.17 25.26
N TYR A 228 9.31 -32.49 25.16
CA TYR A 228 9.90 -33.24 26.26
C TYR A 228 11.35 -32.83 26.49
N HIS A 229 12.06 -32.48 25.41
CA HIS A 229 13.39 -31.89 25.46
C HIS A 229 13.41 -30.61 26.30
N ILE A 230 12.50 -29.69 25.98
CA ILE A 230 12.42 -28.38 26.64
C ILE A 230 12.02 -28.59 28.10
N ARG A 231 11.09 -29.53 28.31
CA ARG A 231 10.57 -29.84 29.65
C ARG A 231 11.66 -30.39 30.56
N LEU A 232 12.48 -31.30 30.04
CA LEU A 232 13.53 -31.88 30.87
C LEU A 232 14.68 -30.89 31.09
N SER A 233 14.89 -29.96 30.15
CA SER A 233 15.84 -28.89 30.45
C SER A 233 15.33 -27.94 31.52
N ILE A 234 14.02 -27.68 31.51
CA ILE A 234 13.43 -26.75 32.48
C ILE A 234 13.41 -27.37 33.88
N ASP A 235 13.06 -28.65 33.97
CA ASP A 235 12.71 -29.26 35.26
C ASP A 235 13.92 -29.42 36.18
N LEU A 236 15.01 -29.97 35.67
CA LEU A 236 16.18 -30.26 36.51
C LEU A 236 17.31 -29.27 36.31
N LYS A 237 17.02 -28.11 35.69
CA LYS A 237 17.96 -27.00 35.49
C LYS A 237 19.19 -27.41 34.69
N ILE A 238 19.04 -28.38 33.80
CA ILE A 238 20.17 -28.88 33.00
C ILE A 238 20.23 -28.00 31.76
N HIS A 239 21.09 -26.99 31.82
CA HIS A 239 21.28 -26.09 30.71
C HIS A 239 22.62 -26.34 30.05
N VAL A 240 22.69 -26.02 28.76
CA VAL A 240 23.89 -26.22 27.95
C VAL A 240 24.92 -25.18 28.39
N ALA A 241 26.20 -25.46 28.10
CA ALA A 241 27.35 -24.59 28.42
C ALA A 241 27.51 -24.38 29.93
N HIS A 242 27.24 -25.43 30.70
CA HIS A 242 27.55 -25.44 32.13
C HIS A 242 28.35 -26.70 32.44
N TRP A 243 28.99 -26.68 33.60
CA TRP A 243 29.78 -27.81 34.07
C TRP A 243 28.97 -28.66 35.03
N TYR A 244 29.03 -29.97 34.86
CA TYR A 244 28.20 -30.89 35.63
C TYR A 244 29.04 -32.04 36.14
N ASN A 245 28.57 -32.66 37.22
CA ASN A 245 29.08 -33.94 37.69
C ASN A 245 28.02 -35.00 37.45
N VAL A 246 28.40 -36.06 36.74
CA VAL A 246 27.49 -37.14 36.39
C VAL A 246 27.88 -38.37 37.20
N ARG A 247 26.93 -38.88 37.98
CA ARG A 247 27.15 -40.04 38.83
C ARG A 247 26.21 -41.16 38.43
N TYR A 248 26.77 -42.31 38.08
CA TYR A 248 26.00 -43.50 37.75
C TYR A 248 26.35 -44.58 38.76
N ARG A 249 25.32 -45.21 39.33
CA ARG A 249 25.49 -46.23 40.36
C ARG A 249 24.70 -47.47 40.02
N GLY A 250 24.83 -47.92 38.77
CA GLY A 250 24.10 -49.07 38.28
C GLY A 250 22.85 -48.67 37.51
N ASN A 251 22.23 -49.67 36.90
CA ASN A 251 21.02 -49.44 36.13
C ASN A 251 19.80 -49.25 37.02
N ALA A 252 19.82 -49.81 38.23
CA ALA A 252 18.69 -49.67 39.14
C ALA A 252 18.56 -48.26 39.67
N PHE A 253 19.67 -47.67 40.10
CA PHE A 253 19.65 -46.27 40.53
C PHE A 253 19.68 -45.34 39.32
N PRO A 254 18.80 -44.34 39.26
CA PRO A 254 18.86 -43.37 38.17
C PRO A 254 20.13 -42.53 38.24
N VAL A 255 20.56 -42.04 37.08
CA VAL A 255 21.78 -41.24 37.02
C VAL A 255 21.49 -39.84 37.57
N GLU A 256 22.36 -39.38 38.46
CA GLU A 256 22.19 -38.11 39.15
C GLU A 256 23.09 -37.06 38.53
N ILE A 257 22.55 -35.85 38.36
CA ILE A 257 23.29 -34.72 37.81
C ILE A 257 23.26 -33.59 38.84
N THR A 258 24.38 -32.88 38.95
CA THR A 258 24.52 -31.73 39.82
C THR A 258 25.25 -30.62 39.07
N ARG A 259 24.83 -29.39 39.32
CA ARG A 259 25.54 -28.24 38.76
C ARG A 259 26.87 -28.05 39.46
N ARG A 260 27.88 -27.68 38.67
CA ARG A 260 29.22 -27.37 39.19
C ARG A 260 29.54 -25.93 38.81
N ASP A 261 29.80 -25.11 39.83
CA ASP A 261 29.97 -23.68 39.65
C ASP A 261 31.40 -23.20 39.86
N ASP A 262 32.30 -24.05 40.39
CA ASP A 262 33.66 -23.60 40.65
C ASP A 262 34.47 -23.50 39.36
N LEU A 263 34.10 -24.28 38.35
CA LEU A 263 34.68 -24.11 37.03
C LEU A 263 33.81 -23.16 36.21
N VAL A 264 34.45 -22.17 35.59
CA VAL A 264 33.73 -21.15 34.83
C VAL A 264 34.20 -21.05 33.38
N GLU A 265 35.38 -21.57 33.05
CA GLU A 265 35.90 -21.43 31.70
C GLU A 265 35.24 -22.44 30.77
N ARG A 266 35.21 -22.12 29.48
CA ARG A 266 34.65 -23.03 28.51
C ARG A 266 35.76 -23.89 27.90
N PRO A 267 35.45 -25.14 27.53
CA PRO A 267 36.40 -25.94 26.76
C PRO A 267 36.43 -25.55 25.30
N ASP A 268 37.19 -26.27 24.49
CA ASP A 268 37.28 -26.03 23.05
C ASP A 268 36.69 -27.25 22.35
N PRO A 269 35.42 -27.21 21.99
CA PRO A 269 34.82 -28.32 21.24
C PRO A 269 35.32 -28.36 19.81
N VAL A 270 35.22 -29.54 19.19
CA VAL A 270 35.57 -29.68 17.79
C VAL A 270 34.49 -29.03 16.95
N VAL A 271 34.87 -28.02 16.19
CA VAL A 271 33.93 -27.22 15.41
C VAL A 271 34.28 -27.44 13.95
N LEU A 272 33.30 -27.90 13.16
CA LEU A 272 33.48 -28.11 11.73
C LEU A 272 32.74 -27.01 10.99
N ALA A 273 33.38 -26.46 9.96
CA ALA A 273 32.76 -25.46 9.09
C ALA A 273 32.91 -25.91 7.65
N PHE A 274 31.98 -26.73 7.17
CA PHE A 274 32.05 -27.19 5.80
C PHE A 274 31.12 -26.34 4.93
N ALA A 275 31.49 -26.17 3.67
CA ALA A 275 30.64 -25.51 2.69
C ALA A 275 31.07 -25.97 1.30
N ILE A 276 30.08 -26.27 0.45
CA ILE A 276 30.34 -26.90 -0.83
C ILE A 276 30.16 -25.89 -1.96
N ALA A 277 30.76 -26.21 -3.11
CA ALA A 277 30.63 -25.41 -4.31
C ALA A 277 30.48 -26.35 -5.50
N THR A 278 29.31 -26.35 -6.13
CA THR A 278 28.95 -27.32 -7.16
C THR A 278 28.80 -26.62 -8.50
N THR A 279 29.33 -27.23 -9.56
CA THR A 279 28.97 -26.84 -10.91
C THR A 279 27.53 -27.25 -11.19
N LYS A 280 26.94 -26.60 -12.18
CA LYS A 280 25.53 -26.77 -12.48
C LYS A 280 25.28 -26.42 -13.94
N LEU A 281 24.03 -26.63 -14.36
CA LEU A 281 23.57 -26.07 -15.63
C LEU A 281 23.58 -24.55 -15.53
N PRO A 282 23.90 -23.84 -16.61
CA PRO A 282 24.16 -22.39 -16.52
C PRO A 282 22.94 -21.57 -16.13
N LEU A 283 23.08 -20.82 -15.03
CA LEU A 283 22.07 -19.94 -14.45
C LEU A 283 20.79 -20.72 -14.11
N LYS A 284 20.90 -21.60 -13.12
CA LYS A 284 19.81 -22.45 -12.72
C LYS A 284 19.71 -22.44 -11.19
N PHE A 285 18.57 -22.89 -10.66
CA PHE A 285 18.43 -23.13 -9.24
C PHE A 285 19.11 -24.44 -8.85
N PRO A 286 19.62 -24.55 -7.62
CA PRO A 286 20.42 -25.73 -7.24
C PRO A 286 19.61 -27.02 -7.16
N ASP A 287 19.94 -27.94 -8.07
CA ASP A 287 19.38 -29.27 -8.09
C ASP A 287 20.52 -30.28 -8.25
N ALA A 288 20.43 -31.38 -7.51
CA ALA A 288 21.52 -32.35 -7.43
C ALA A 288 21.40 -33.47 -8.46
N GLU A 289 20.43 -33.41 -9.36
CA GLU A 289 20.23 -34.46 -10.34
C GLU A 289 21.00 -34.25 -11.63
N THR A 290 21.80 -33.19 -11.73
CA THR A 290 22.54 -32.87 -12.95
C THR A 290 23.99 -33.34 -12.87
N ASP A 291 24.75 -32.85 -11.91
CA ASP A 291 26.14 -33.26 -11.72
C ASP A 291 26.45 -33.21 -10.23
N GLN A 292 27.74 -33.24 -9.90
CA GLN A 292 28.19 -33.53 -8.53
C GLN A 292 28.90 -32.33 -7.92
N ILE A 293 29.33 -32.52 -6.67
CA ILE A 293 29.96 -31.47 -5.86
C ILE A 293 31.44 -31.42 -6.19
N MET A 294 31.97 -30.22 -6.44
CA MET A 294 33.38 -30.09 -6.76
C MET A 294 34.27 -30.11 -5.53
N MET A 295 33.96 -29.32 -4.50
CA MET A 295 34.88 -29.13 -3.38
C MET A 295 34.11 -28.94 -2.09
N ILE A 296 34.64 -29.50 -1.00
CA ILE A 296 34.18 -29.20 0.35
C ILE A 296 35.40 -28.73 1.14
N SER A 297 35.28 -27.54 1.75
CA SER A 297 36.33 -26.99 2.60
C SER A 297 35.84 -26.95 4.03
N TYR A 298 36.59 -27.58 4.95
CA TYR A 298 36.12 -27.73 6.31
C TYR A 298 37.25 -27.55 7.31
N MET A 299 36.98 -26.83 8.40
CA MET A 299 38.00 -26.47 9.38
C MET A 299 37.85 -27.29 10.65
N ILE A 300 38.99 -27.61 11.27
CA ILE A 300 39.03 -28.33 12.55
C ILE A 300 39.76 -27.46 13.56
N ASP A 301 39.00 -26.69 14.34
CA ASP A 301 39.49 -25.91 15.48
C ASP A 301 40.62 -24.94 15.09
N GLY A 302 40.33 -24.11 14.10
CA GLY A 302 41.33 -23.24 13.53
C GLY A 302 42.38 -23.98 12.73
N GLN A 303 41.95 -24.94 11.90
CA GLN A 303 42.83 -25.66 10.99
C GLN A 303 41.96 -26.24 9.89
N GLY A 304 42.11 -25.73 8.67
CA GLY A 304 41.20 -26.04 7.58
C GLY A 304 41.67 -27.18 6.71
N TYR A 305 40.76 -28.08 6.36
CA TYR A 305 41.04 -29.22 5.50
C TYR A 305 40.13 -29.16 4.28
N LEU A 306 40.72 -29.36 3.10
CA LEU A 306 39.99 -29.27 1.84
C LEU A 306 40.20 -30.55 1.04
N ILE A 307 39.12 -31.09 0.49
CA ILE A 307 39.14 -32.26 -0.38
C ILE A 307 38.50 -31.88 -1.71
N THR A 308 39.21 -32.18 -2.80
CA THR A 308 38.78 -31.77 -4.13
C THR A 308 38.58 -32.99 -5.00
N ASN A 309 37.76 -32.82 -6.04
CA ASN A 309 37.70 -33.82 -7.10
C ASN A 309 38.92 -33.67 -8.02
N ARG A 310 39.18 -34.70 -8.82
CA ARG A 310 40.25 -34.65 -9.81
C ARG A 310 39.84 -35.06 -11.21
N GLU A 311 38.77 -35.83 -11.39
CA GLU A 311 38.39 -36.28 -12.73
C GLU A 311 37.72 -35.17 -13.56
N ILE A 312 37.16 -34.15 -12.91
CA ILE A 312 36.57 -33.02 -13.59
C ILE A 312 37.39 -31.75 -13.36
N VAL A 313 37.92 -31.59 -12.15
CA VAL A 313 38.82 -30.47 -11.84
C VAL A 313 40.13 -30.68 -12.59
N SER A 314 40.57 -29.65 -13.31
CA SER A 314 41.71 -29.79 -14.21
C SER A 314 43.04 -29.81 -13.45
N GLU A 315 43.36 -28.73 -12.76
CA GLU A 315 44.67 -28.60 -12.11
C GLU A 315 44.70 -29.39 -10.81
N ASP A 316 45.81 -30.09 -10.58
CA ASP A 316 46.08 -30.68 -9.27
C ASP A 316 46.29 -29.57 -8.26
N ILE A 317 45.41 -29.49 -7.28
CA ILE A 317 45.34 -28.32 -6.40
C ILE A 317 46.43 -28.42 -5.34
N GLU A 318 47.26 -27.39 -5.27
CA GLU A 318 48.34 -27.31 -4.29
C GLU A 318 47.86 -26.60 -3.03
N ASP A 319 48.79 -26.24 -2.16
CA ASP A 319 48.47 -25.69 -0.84
C ASP A 319 48.79 -24.20 -0.77
N PHE A 320 48.05 -23.49 0.08
CA PHE A 320 48.21 -22.05 0.25
C PHE A 320 47.81 -21.68 1.67
N GLU A 321 47.93 -20.38 1.97
CA GLU A 321 47.63 -19.85 3.30
C GLU A 321 46.71 -18.64 3.17
N PHE A 322 45.66 -18.63 3.98
CA PHE A 322 44.66 -17.56 3.98
C PHE A 322 44.89 -16.65 5.17
N THR A 323 45.07 -15.35 4.91
CA THR A 323 45.29 -14.35 5.95
C THR A 323 44.34 -13.18 5.74
N PRO A 324 43.07 -13.30 6.14
CA PRO A 324 42.20 -12.11 6.11
C PRO A 324 42.52 -11.12 7.21
N LYS A 325 42.76 -11.62 8.42
CA LYS A 325 43.11 -10.81 9.58
C LYS A 325 44.08 -11.62 10.43
N PRO A 326 44.84 -10.97 11.31
CA PRO A 326 45.64 -11.74 12.28
C PRO A 326 44.81 -12.60 13.23
N GLU A 327 43.56 -12.21 13.51
CA GLU A 327 42.69 -13.03 14.34
C GLU A 327 42.24 -14.30 13.63
N TYR A 328 41.95 -14.23 12.33
CA TYR A 328 41.38 -15.34 11.58
C TYR A 328 42.47 -16.00 10.75
N GLU A 329 42.88 -17.21 11.14
CA GLU A 329 43.91 -17.95 10.42
C GLU A 329 43.44 -19.38 10.14
N GLY A 330 43.69 -19.84 8.91
CA GLY A 330 43.51 -21.23 8.57
C GLY A 330 44.76 -21.87 7.99
N PRO A 331 45.41 -22.76 8.76
CA PRO A 331 46.56 -23.53 8.26
C PRO A 331 46.16 -24.75 7.44
N PHE A 332 45.94 -24.51 6.15
CA PHE A 332 45.35 -25.52 5.27
C PHE A 332 46.33 -26.62 4.90
N CYS A 333 45.77 -27.76 4.50
CA CYS A 333 46.50 -28.86 3.89
C CYS A 333 45.50 -29.64 3.05
N VAL A 334 45.73 -29.71 1.74
CA VAL A 334 44.70 -30.14 0.80
C VAL A 334 44.95 -31.59 0.35
N PHE A 335 43.85 -32.29 0.07
CA PHE A 335 43.87 -33.64 -0.48
C PHE A 335 43.23 -33.62 -1.86
N ASN A 336 43.61 -34.60 -2.68
CA ASN A 336 43.32 -34.63 -4.12
C ASN A 336 42.83 -36.01 -4.55
N GLU A 337 41.80 -36.52 -3.87
CA GLU A 337 41.21 -37.81 -4.23
C GLU A 337 40.58 -37.73 -5.63
N PRO A 338 40.58 -38.83 -6.40
CA PRO A 338 40.23 -38.71 -7.83
C PRO A 338 38.75 -38.71 -8.13
N ASP A 339 37.91 -39.37 -7.34
CA ASP A 339 36.53 -39.61 -7.71
C ASP A 339 35.59 -38.96 -6.69
N GLU A 340 34.33 -38.77 -7.11
CA GLU A 340 33.36 -38.08 -6.28
C GLU A 340 32.82 -38.98 -5.16
N ALA A 341 32.71 -40.28 -5.44
CA ALA A 341 32.40 -41.23 -4.38
C ALA A 341 33.51 -41.26 -3.34
N HIS A 342 34.77 -41.20 -3.79
CA HIS A 342 35.89 -41.09 -2.87
C HIS A 342 35.93 -39.74 -2.16
N LEU A 343 35.40 -38.68 -2.79
CA LEU A 343 35.26 -37.39 -2.11
C LEU A 343 34.35 -37.49 -0.91
N ILE A 344 33.16 -38.07 -1.10
CA ILE A 344 32.25 -38.23 0.04
C ILE A 344 32.79 -39.26 1.03
N GLN A 345 33.52 -40.27 0.55
CA GLN A 345 34.13 -41.25 1.46
C GLN A 345 35.23 -40.63 2.31
N ARG A 346 36.07 -39.77 1.72
CA ARG A 346 37.11 -39.07 2.47
C ARG A 346 36.49 -38.12 3.48
N TRP A 347 35.40 -37.46 3.09
CA TRP A 347 34.62 -36.66 4.04
C TRP A 347 34.08 -37.48 5.20
N PHE A 348 33.52 -38.66 4.91
CA PHE A 348 32.98 -39.51 5.97
C PHE A 348 34.07 -39.99 6.92
N GLU A 349 35.22 -40.43 6.39
CA GLU A 349 36.32 -40.85 7.24
C GLU A 349 36.91 -39.71 8.03
N HIS A 350 36.98 -38.49 7.47
CA HIS A 350 37.60 -37.40 8.21
C HIS A 350 36.67 -36.88 9.30
N VAL A 351 35.36 -36.83 9.04
CA VAL A 351 34.40 -36.54 10.10
C VAL A 351 34.41 -37.61 11.19
N GLN A 352 34.49 -38.89 10.83
CA GLN A 352 34.57 -39.95 11.83
C GLN A 352 35.87 -39.90 12.63
N GLU A 353 36.98 -39.49 12.01
CA GLU A 353 38.24 -39.34 12.72
C GLU A 353 38.20 -38.15 13.67
N THR A 354 37.75 -36.99 13.19
CA THR A 354 37.81 -35.78 14.00
C THR A 354 36.74 -35.72 15.08
N LYS A 355 35.59 -36.40 14.87
CA LYS A 355 34.43 -36.43 15.76
C LYS A 355 33.94 -35.04 16.12
N PRO A 356 33.37 -34.27 15.17
CA PRO A 356 32.95 -32.92 15.50
C PRO A 356 31.65 -32.91 16.29
N THR A 357 31.69 -32.20 17.41
CA THR A 357 30.53 -32.06 18.26
C THR A 357 29.77 -30.76 18.03
N ILE A 358 30.31 -29.84 17.22
CA ILE A 358 29.59 -28.67 16.72
C ILE A 358 29.91 -28.59 15.23
N MET A 359 28.90 -28.41 14.39
CA MET A 359 29.07 -28.46 12.95
C MET A 359 28.29 -27.31 12.31
N VAL A 360 28.99 -26.37 11.66
CA VAL A 360 28.38 -25.17 11.13
C VAL A 360 28.57 -25.10 9.62
N THR A 361 27.73 -24.30 8.96
CA THR A 361 27.67 -24.22 7.51
C THR A 361 26.87 -23.00 7.06
N TYR A 362 26.80 -22.84 5.74
CA TYR A 362 25.99 -21.83 5.08
C TYR A 362 24.77 -22.50 4.44
N ASN A 363 23.59 -22.18 4.98
CA ASN A 363 22.27 -22.62 4.48
C ASN A 363 22.19 -24.14 4.40
N GLY A 364 22.46 -24.79 5.52
CA GLY A 364 22.43 -26.24 5.56
C GLY A 364 21.05 -26.84 5.37
N ASP A 365 20.02 -26.21 5.93
CA ASP A 365 18.68 -26.74 5.80
C ASP A 365 18.08 -26.48 4.41
N PHE A 366 18.70 -25.63 3.60
CA PHE A 366 18.11 -25.21 2.34
C PHE A 366 18.89 -25.67 1.12
N PHE A 367 20.21 -25.55 1.10
CA PHE A 367 20.99 -25.91 -0.08
C PHE A 367 21.96 -27.06 0.16
N ASP A 368 22.79 -26.97 1.20
CA ASP A 368 24.00 -27.79 1.26
C ASP A 368 23.68 -29.24 1.61
N TRP A 369 23.11 -29.47 2.79
CA TRP A 369 22.75 -30.83 3.19
C TRP A 369 21.76 -31.55 2.28
N PRO A 370 20.69 -30.94 1.73
CA PRO A 370 19.92 -31.65 0.69
C PRO A 370 20.75 -32.04 -0.53
N PHE A 371 21.71 -31.22 -0.94
CA PHE A 371 22.54 -31.56 -2.10
C PHE A 371 23.43 -32.76 -1.80
N VAL A 372 24.13 -32.73 -0.66
CA VAL A 372 25.01 -33.86 -0.33
C VAL A 372 24.20 -35.10 0.00
N GLU A 373 22.99 -34.96 0.56
CA GLU A 373 22.16 -36.11 0.87
C GLU A 373 21.59 -36.76 -0.38
N ALA A 374 21.17 -35.94 -1.36
CA ALA A 374 20.71 -36.49 -2.63
C ALA A 374 21.86 -37.17 -3.38
N ARG A 375 23.06 -36.59 -3.32
CA ARG A 375 24.22 -37.23 -3.92
C ARG A 375 24.57 -38.54 -3.22
N ALA A 376 24.46 -38.59 -1.89
CA ALA A 376 24.71 -39.81 -1.14
C ALA A 376 23.69 -40.89 -1.45
N ALA A 377 22.40 -40.52 -1.57
CA ALA A 377 21.37 -41.48 -1.92
C ALA A 377 21.52 -41.97 -3.35
N VAL A 378 22.08 -41.14 -4.24
CA VAL A 378 22.42 -41.61 -5.58
C VAL A 378 23.56 -42.62 -5.52
N HIS A 379 24.62 -42.29 -4.78
CA HIS A 379 25.81 -43.14 -4.77
C HIS A 379 25.68 -44.37 -3.86
N GLY A 380 24.60 -44.47 -3.07
CA GLY A 380 24.29 -45.66 -2.33
C GLY A 380 24.50 -45.56 -0.83
N LEU A 381 25.58 -44.93 -0.40
CA LEU A 381 25.88 -44.80 1.03
C LEU A 381 24.90 -43.82 1.68
N SER A 382 24.34 -44.22 2.82
CA SER A 382 23.28 -43.45 3.44
C SER A 382 23.85 -42.39 4.38
N MET A 383 23.40 -41.15 4.21
CA MET A 383 23.83 -40.05 5.07
C MET A 383 23.45 -40.28 6.52
N GLN A 384 22.21 -40.77 6.76
CA GLN A 384 21.81 -41.18 8.10
C GLN A 384 22.70 -42.26 8.65
N GLN A 385 22.79 -43.41 7.97
CA GLN A 385 23.55 -44.56 8.44
C GLN A 385 25.05 -44.30 8.56
N GLU A 386 25.56 -43.22 7.97
CA GLU A 386 26.95 -42.82 8.18
C GLU A 386 27.13 -41.82 9.32
N ILE A 387 26.45 -40.68 9.31
CA ILE A 387 26.74 -39.61 10.27
C ILE A 387 25.52 -39.08 11.03
N GLY A 388 24.38 -39.75 11.00
CA GLY A 388 23.23 -39.31 11.78
C GLY A 388 22.31 -38.31 11.11
N PHE A 389 22.65 -37.83 9.92
CA PHE A 389 22.02 -36.67 9.30
C PHE A 389 20.92 -37.06 8.33
N GLN A 390 19.69 -36.92 8.79
CA GLN A 390 18.48 -37.08 8.00
C GLN A 390 17.62 -35.83 8.13
N LYS A 391 16.83 -35.56 7.09
CA LYS A 391 15.87 -34.47 7.15
C LYS A 391 14.76 -34.80 8.14
N ASP A 392 14.50 -33.87 9.06
CA ASP A 392 13.44 -34.06 10.04
C ASP A 392 12.14 -33.52 9.48
N SER A 393 11.12 -33.38 10.33
CA SER A 393 9.79 -33.04 9.86
C SER A 393 9.68 -31.57 9.46
N GLN A 394 10.59 -30.72 9.92
CA GLN A 394 10.53 -29.29 9.64
C GLN A 394 11.46 -28.86 8.52
N GLY A 395 12.15 -29.79 7.87
CA GLY A 395 13.13 -29.45 6.87
C GLY A 395 14.51 -29.15 7.40
N GLU A 396 14.68 -29.13 8.72
CA GLU A 396 15.98 -28.98 9.36
C GLU A 396 16.57 -30.36 9.60
N TYR A 397 17.89 -30.47 9.48
CA TYR A 397 18.53 -31.78 9.52
C TYR A 397 19.28 -31.90 10.85
N LYS A 398 18.86 -32.85 11.67
CA LYS A 398 19.34 -32.96 13.05
C LYS A 398 19.94 -34.34 13.26
N ALA A 399 21.24 -34.39 13.49
CA ALA A 399 21.88 -35.63 13.90
C ALA A 399 21.52 -35.93 15.35
N PRO A 400 21.48 -37.20 15.75
CA PRO A 400 21.44 -37.50 17.18
C PRO A 400 22.78 -37.29 17.86
N GLN A 401 23.87 -37.17 17.10
CA GLN A 401 25.21 -37.19 17.67
C GLN A 401 25.93 -35.85 17.61
N CYS A 402 25.32 -34.79 17.09
CA CYS A 402 26.09 -33.59 16.79
C CYS A 402 25.21 -32.34 16.92
N ILE A 403 25.81 -31.20 16.58
CA ILE A 403 25.21 -29.87 16.67
C ILE A 403 25.23 -29.27 15.27
N HIS A 404 24.08 -28.78 14.81
CA HIS A 404 23.99 -28.11 13.52
C HIS A 404 23.64 -26.63 13.74
N MET A 405 24.51 -25.74 13.24
CA MET A 405 24.30 -24.29 13.28
C MET A 405 24.40 -23.71 11.87
N ASP A 406 23.28 -23.28 11.33
CA ASP A 406 23.28 -22.44 10.15
C ASP A 406 23.50 -21.00 10.59
N CYS A 407 24.50 -20.34 10.02
CA CYS A 407 24.79 -18.96 10.40
C CYS A 407 23.71 -17.98 9.95
N LEU A 408 22.93 -18.35 8.93
CA LEU A 408 21.81 -17.50 8.53
C LEU A 408 20.71 -17.49 9.56
N ARG A 409 20.55 -18.56 10.34
CA ARG A 409 19.51 -18.54 11.35
C ARG A 409 19.90 -17.70 12.56
N TRP A 410 21.17 -17.31 12.69
CA TRP A 410 21.57 -16.24 13.60
C TRP A 410 21.54 -14.87 12.93
N VAL A 411 21.97 -14.78 11.66
CA VAL A 411 22.04 -13.49 10.98
C VAL A 411 20.64 -12.92 10.73
N LYS A 412 19.73 -13.75 10.22
CA LYS A 412 18.38 -13.33 9.86
C LYS A 412 17.51 -12.99 11.07
N ARG A 413 17.93 -13.37 12.26
CA ARG A 413 17.14 -13.10 13.47
C ARG A 413 17.82 -12.08 14.38
N ASP A 414 19.06 -12.35 14.78
CA ASP A 414 19.67 -11.69 15.93
C ASP A 414 20.74 -10.67 15.56
N SER A 415 21.20 -10.67 14.32
CA SER A 415 22.30 -9.80 13.94
C SER A 415 21.87 -8.36 13.71
N TYR A 416 20.55 -8.12 13.61
CA TYR A 416 19.96 -6.81 13.30
C TYR A 416 20.50 -6.22 12.01
N LEU A 417 20.68 -7.05 11.02
CA LEU A 417 21.22 -6.60 9.75
C LEU A 417 20.11 -6.34 8.76
N PRO A 418 20.36 -5.52 7.74
CA PRO A 418 19.43 -5.44 6.62
C PRO A 418 19.40 -6.77 5.87
N VAL A 419 18.26 -7.06 5.25
CA VAL A 419 18.11 -8.29 4.48
C VAL A 419 18.97 -8.26 3.22
N GLY A 420 19.34 -7.08 2.74
CA GLY A 420 20.31 -6.98 1.68
C GLY A 420 21.73 -7.32 2.08
N SER A 421 22.00 -7.41 3.37
CA SER A 421 23.29 -7.82 3.88
C SER A 421 23.12 -9.03 4.80
N HIS A 422 22.27 -9.97 4.37
CA HIS A 422 21.97 -11.18 5.13
C HIS A 422 22.80 -12.38 4.73
N ASN A 423 23.39 -12.40 3.54
CA ASN A 423 24.22 -13.52 3.17
C ASN A 423 25.57 -13.43 3.89
N LEU A 424 26.35 -14.51 3.79
CA LEU A 424 27.66 -14.57 4.44
C LEU A 424 28.63 -13.54 3.87
N LYS A 425 28.59 -13.33 2.55
CA LYS A 425 29.50 -12.44 1.85
C LYS A 425 29.32 -10.97 2.22
N ALA A 426 28.20 -10.60 2.82
CA ALA A 426 27.99 -9.25 3.32
C ALA A 426 27.86 -9.17 4.83
N ALA A 427 27.55 -10.28 5.51
CA ALA A 427 27.61 -10.32 6.96
C ALA A 427 29.04 -10.39 7.46
N ALA A 428 29.98 -10.84 6.61
CA ALA A 428 31.40 -10.74 6.92
C ALA A 428 31.84 -9.29 7.11
N LYS A 429 31.38 -8.39 6.23
CA LYS A 429 31.63 -6.96 6.38
C LYS A 429 31.06 -6.41 7.67
N ALA A 430 29.84 -6.79 8.03
CA ALA A 430 29.16 -6.20 9.16
C ALA A 430 29.56 -6.81 10.50
N LYS A 431 30.21 -7.97 10.50
CA LYS A 431 30.64 -8.55 11.76
C LYS A 431 32.15 -8.74 11.85
N LEU A 432 32.77 -9.44 10.90
CA LEU A 432 34.19 -9.74 11.03
C LEU A 432 35.07 -8.58 10.61
N GLY A 433 34.50 -7.54 9.99
CA GLY A 433 35.28 -6.40 9.55
C GLY A 433 36.23 -6.69 8.42
N TYR A 434 35.85 -7.53 7.47
CA TYR A 434 36.67 -7.83 6.32
C TYR A 434 35.76 -8.19 5.15
N ASP A 435 36.28 -8.01 3.93
CA ASP A 435 35.54 -8.26 2.71
C ASP A 435 36.28 -9.31 1.92
N PRO A 436 35.62 -10.38 1.49
CA PRO A 436 36.24 -11.23 0.46
C PRO A 436 36.24 -10.53 -0.89
N VAL A 437 37.39 -9.98 -1.29
CA VAL A 437 37.53 -9.36 -2.59
C VAL A 437 38.39 -10.31 -3.41
N GLU A 438 37.75 -11.18 -4.19
CA GLU A 438 38.47 -12.24 -4.87
C GLU A 438 38.69 -11.91 -6.35
N LEU A 439 37.61 -11.81 -7.13
CA LEU A 439 37.69 -11.63 -8.58
C LEU A 439 36.43 -10.95 -9.07
N ASP A 440 36.34 -10.81 -10.39
CA ASP A 440 35.12 -10.36 -11.03
C ASP A 440 34.07 -11.46 -10.99
N PRO A 441 32.78 -11.12 -10.81
CA PRO A 441 31.77 -12.17 -10.67
C PRO A 441 31.32 -12.82 -11.98
N GLU A 442 31.62 -12.21 -13.14
CA GLU A 442 31.17 -12.75 -14.43
C GLU A 442 32.22 -13.59 -15.12
N ASP A 443 33.36 -12.97 -15.47
CA ASP A 443 34.26 -13.55 -16.47
C ASP A 443 35.04 -14.73 -15.93
N MET A 444 35.52 -14.65 -14.70
CA MET A 444 36.31 -15.74 -14.12
C MET A 444 35.45 -16.75 -13.37
N CYS A 445 34.12 -16.59 -13.39
CA CYS A 445 33.23 -17.47 -12.64
C CYS A 445 32.27 -18.24 -13.53
N ARG A 446 31.59 -17.57 -14.46
CA ARG A 446 30.51 -18.22 -15.19
C ARG A 446 31.00 -19.07 -16.35
N MET A 447 32.15 -18.78 -16.93
CA MET A 447 32.66 -19.63 -18.00
C MET A 447 34.10 -20.07 -17.79
N ALA A 448 34.85 -19.39 -16.91
CA ALA A 448 36.21 -19.79 -16.58
C ALA A 448 36.26 -20.61 -15.28
N THR A 449 35.22 -21.39 -15.00
CA THR A 449 35.17 -22.19 -13.78
C THR A 449 36.04 -23.45 -13.86
N GLU A 450 36.64 -23.73 -15.02
CA GLU A 450 37.55 -24.87 -15.14
C GLU A 450 38.83 -24.65 -14.34
N GLN A 451 39.09 -23.37 -14.02
CA GLN A 451 40.29 -22.97 -13.21
C GLN A 451 40.16 -23.39 -11.74
N PRO A 452 40.84 -24.50 -11.34
CA PRO A 452 40.76 -24.99 -9.98
C PRO A 452 41.39 -24.00 -9.00
N GLN A 453 42.36 -23.18 -9.43
CA GLN A 453 42.91 -22.15 -8.52
C GLN A 453 41.76 -21.28 -8.00
N THR A 454 41.02 -20.65 -8.91
CA THR A 454 39.89 -19.77 -8.52
C THR A 454 38.88 -20.62 -7.73
N LEU A 455 38.61 -21.84 -8.17
CA LEU A 455 37.57 -22.64 -7.48
C LEU A 455 37.98 -22.84 -6.01
N ALA A 456 39.24 -23.19 -5.75
CA ALA A 456 39.72 -23.45 -4.37
C ALA A 456 39.74 -22.15 -3.58
N THR A 457 40.11 -21.04 -4.23
CA THR A 457 40.02 -19.74 -3.51
C THR A 457 38.59 -19.59 -2.98
N TYR A 458 37.60 -19.71 -3.86
CA TYR A 458 36.19 -19.49 -3.41
C TYR A 458 35.83 -20.52 -2.33
N SER A 459 36.30 -21.76 -2.47
CA SER A 459 35.97 -22.82 -1.50
C SER A 459 36.50 -22.46 -0.11
N VAL A 460 37.76 -22.03 -0.02
CA VAL A 460 38.36 -21.63 1.28
C VAL A 460 37.60 -20.42 1.82
N SER A 461 37.21 -19.52 0.92
CA SER A 461 36.41 -18.33 1.33
C SER A 461 35.11 -18.75 2.01
N ASP A 462 34.38 -19.73 1.47
CA ASP A 462 33.04 -20.05 2.08
C ASP A 462 33.16 -20.90 3.37
N ALA A 463 34.34 -20.98 3.97
CA ALA A 463 34.57 -21.83 5.14
C ALA A 463 35.21 -21.06 6.30
N VAL A 464 36.20 -20.21 6.00
CA VAL A 464 36.84 -19.37 7.00
C VAL A 464 35.84 -18.38 7.59
N ALA A 465 35.01 -17.79 6.72
CA ALA A 465 34.00 -16.82 7.17
C ALA A 465 32.98 -17.45 8.08
N THR A 466 32.45 -18.63 7.72
CA THR A 466 31.46 -19.25 8.60
C THR A 466 32.09 -19.78 9.89
N TYR A 467 33.34 -20.26 9.83
CA TYR A 467 34.04 -20.72 11.03
C TYR A 467 34.27 -19.58 12.00
N TYR A 468 34.79 -18.46 11.51
CA TYR A 468 35.13 -17.38 12.42
C TYR A 468 33.93 -16.53 12.80
N LEU A 469 32.90 -16.46 11.95
CA LEU A 469 31.63 -15.88 12.35
C LEU A 469 31.00 -16.66 13.49
N TYR A 470 31.05 -18.00 13.42
CA TYR A 470 30.62 -18.82 14.55
C TYR A 470 31.47 -18.51 15.78
N MET A 471 32.76 -18.79 15.72
CA MET A 471 33.64 -18.63 16.92
C MET A 471 33.55 -17.23 17.53
N LYS A 472 33.38 -16.17 16.73
CA LYS A 472 33.42 -14.83 17.28
C LYS A 472 32.06 -14.31 17.72
N TYR A 473 30.99 -14.56 16.96
CA TYR A 473 29.71 -13.96 17.27
C TYR A 473 28.62 -14.97 17.59
N VAL A 474 28.67 -16.16 17.02
CA VAL A 474 27.58 -17.11 17.21
C VAL A 474 27.89 -18.09 18.33
N HIS A 475 29.13 -18.54 18.44
CA HIS A 475 29.51 -19.43 19.54
C HIS A 475 29.34 -18.80 20.93
N PRO A 476 29.95 -17.65 21.27
CA PRO A 476 29.80 -17.19 22.66
C PRO A 476 28.42 -16.64 22.97
N PHE A 477 27.79 -15.97 22.01
CA PHE A 477 26.45 -15.43 22.25
C PHE A 477 25.42 -16.54 22.34
N ILE A 478 25.48 -17.54 21.46
CA ILE A 478 24.49 -18.60 21.47
C ILE A 478 24.67 -19.49 22.70
N PHE A 479 25.92 -19.74 23.13
CA PHE A 479 26.04 -20.51 24.35
C PHE A 479 25.76 -19.70 25.62
N ALA A 480 25.97 -18.37 25.60
CA ALA A 480 25.50 -17.53 26.69
C ALA A 480 23.98 -17.49 26.74
N LEU A 481 23.33 -17.58 25.58
CA LEU A 481 21.89 -17.79 25.56
C LEU A 481 21.52 -19.14 26.14
N CYS A 482 22.21 -20.21 25.71
CA CYS A 482 21.91 -21.58 26.12
C CYS A 482 22.09 -21.81 27.61
N THR A 483 22.91 -21.00 28.28
CA THR A 483 23.01 -21.07 29.73
C THR A 483 21.70 -20.74 30.45
N ILE A 484 20.81 -19.94 29.86
CA ILE A 484 19.55 -19.56 30.49
C ILE A 484 18.34 -20.09 29.72
N ILE A 485 18.40 -20.09 28.40
CA ILE A 485 17.36 -20.65 27.53
C ILE A 485 17.46 -22.17 27.58
N PRO A 486 16.36 -22.88 27.89
CA PRO A 486 16.42 -24.33 28.14
C PRO A 486 16.36 -25.17 26.87
N MET A 487 17.23 -24.88 25.91
CA MET A 487 17.16 -25.52 24.62
C MET A 487 18.55 -25.88 24.14
N GLU A 488 18.62 -26.89 23.28
CA GLU A 488 19.85 -27.25 22.61
C GLU A 488 20.23 -26.15 21.61
N PRO A 489 21.51 -26.04 21.26
CA PRO A 489 21.93 -24.97 20.35
C PRO A 489 21.27 -24.96 18.96
N ASP A 490 20.88 -26.12 18.43
CA ASP A 490 20.11 -26.16 17.19
C ASP A 490 18.77 -25.45 17.36
N GLU A 491 18.06 -25.75 18.43
CA GLU A 491 16.77 -25.11 18.69
C GLU A 491 16.92 -23.65 19.08
N VAL A 492 17.98 -23.28 19.82
CA VAL A 492 18.21 -21.90 20.19
C VAL A 492 18.50 -21.06 18.94
N LEU A 493 19.32 -21.59 18.03
CA LEU A 493 19.62 -20.90 16.80
C LEU A 493 18.48 -20.92 15.80
N ARG A 494 17.59 -21.91 15.86
CA ARG A 494 16.57 -22.06 14.83
C ARG A 494 15.20 -21.53 15.20
N LYS A 495 14.85 -21.49 16.49
CA LYS A 495 13.52 -21.01 16.87
C LYS A 495 13.45 -19.49 16.74
N GLY A 496 12.24 -18.98 16.73
CA GLY A 496 12.02 -17.56 16.65
C GLY A 496 12.37 -16.85 17.94
N SER A 497 12.49 -15.53 17.84
CA SER A 497 12.82 -14.71 19.01
C SER A 497 11.67 -14.70 20.01
N GLY A 498 10.43 -14.77 19.53
CA GLY A 498 9.31 -14.94 20.42
C GLY A 498 9.31 -16.27 21.14
N THR A 499 9.76 -17.33 20.46
CA THR A 499 9.88 -18.63 21.13
C THR A 499 11.02 -18.63 22.14
N LEU A 500 12.11 -17.91 21.84
CA LEU A 500 13.18 -17.74 22.82
C LEU A 500 12.70 -16.99 24.07
N CYS A 501 11.90 -15.94 23.87
CA CYS A 501 11.34 -15.21 24.99
C CYS A 501 10.36 -16.06 25.78
N GLU A 502 9.57 -16.88 25.07
CA GLU A 502 8.66 -17.81 25.74
C GLU A 502 9.42 -18.84 26.56
N ALA A 503 10.55 -19.33 26.04
CA ALA A 503 11.37 -20.28 26.78
C ALA A 503 11.98 -19.66 28.03
N LEU A 504 12.49 -18.41 27.91
CA LEU A 504 13.05 -17.71 29.07
C LEU A 504 11.98 -17.45 30.13
N LEU A 505 10.80 -17.00 29.70
CA LEU A 505 9.69 -16.81 30.64
C LEU A 505 9.20 -18.15 31.18
N MET A 506 9.40 -19.23 30.44
CA MET A 506 8.96 -20.54 30.90
C MET A 506 9.85 -21.03 32.03
N VAL A 507 11.18 -20.80 31.92
CA VAL A 507 12.10 -21.05 33.03
C VAL A 507 11.74 -20.20 34.24
N GLN A 508 11.46 -18.92 34.02
CA GLN A 508 11.15 -18.04 35.16
C GLN A 508 9.82 -18.39 35.81
N ALA A 509 8.82 -18.83 35.04
CA ALA A 509 7.56 -19.28 35.60
C ALA A 509 7.70 -20.60 36.34
N PHE A 510 8.52 -21.53 35.84
CA PHE A 510 8.73 -22.77 36.57
C PHE A 510 9.55 -22.53 37.84
N HIS A 511 10.45 -21.54 37.82
CA HIS A 511 11.19 -21.18 39.02
C HIS A 511 10.28 -20.51 40.05
N ALA A 512 9.31 -19.70 39.60
CA ALA A 512 8.34 -19.09 40.48
C ALA A 512 7.18 -20.01 40.82
N ASN A 513 7.17 -21.22 40.24
CA ASN A 513 6.11 -22.24 40.39
C ASN A 513 4.81 -21.61 39.86
N ILE A 514 4.80 -21.37 38.56
CA ILE A 514 3.68 -20.79 37.84
C ILE A 514 3.35 -21.71 36.68
N ILE A 515 2.09 -22.15 36.60
CA ILE A 515 1.70 -22.98 35.49
C ILE A 515 1.64 -22.14 34.21
N PHE A 516 1.97 -22.76 33.12
CA PHE A 516 2.27 -22.05 31.89
C PHE A 516 0.94 -21.80 31.20
N PRO A 517 0.56 -20.55 30.93
CA PRO A 517 -0.76 -20.29 30.34
C PRO A 517 -0.87 -20.87 28.94
N ASN A 518 -2.09 -21.22 28.56
CA ASN A 518 -2.28 -22.01 27.35
C ASN A 518 -2.03 -21.19 26.09
N LYS A 519 -1.43 -21.85 25.09
CA LYS A 519 -1.13 -21.24 23.81
C LYS A 519 -2.42 -20.88 23.08
N GLN A 520 -2.70 -19.59 22.97
CA GLN A 520 -3.95 -19.11 22.40
C GLN A 520 -3.95 -19.32 20.88
N GLU A 521 -5.14 -19.28 20.31
CA GLU A 521 -5.32 -19.46 18.88
C GLU A 521 -5.89 -18.19 18.26
N GLN A 522 -5.61 -18.01 16.98
CA GLN A 522 -6.07 -16.83 16.25
C GLN A 522 -7.58 -16.96 16.01
N GLU A 523 -8.35 -16.07 16.64
CA GLU A 523 -9.78 -16.06 16.42
C GLU A 523 -10.09 -15.46 15.06
N PHE A 524 -11.00 -16.11 14.33
CA PHE A 524 -11.40 -15.67 13.00
C PHE A 524 -12.72 -14.92 13.07
N ASN A 525 -12.81 -13.84 12.27
CA ASN A 525 -13.99 -12.98 12.15
C ASN A 525 -14.38 -12.36 13.50
N LYS A 526 -13.45 -11.56 14.03
CA LYS A 526 -13.71 -10.84 15.27
C LYS A 526 -14.70 -9.71 15.03
N LEU A 527 -15.51 -9.44 16.05
CA LEU A 527 -16.65 -8.53 15.91
C LEU A 527 -16.42 -7.26 16.71
N THR A 528 -16.69 -6.13 16.06
CA THR A 528 -16.69 -4.81 16.68
C THR A 528 -17.94 -4.72 17.58
N ASP A 529 -17.88 -3.88 18.61
CA ASP A 529 -18.99 -3.69 19.56
C ASP A 529 -20.29 -3.28 18.88
N ASP A 530 -20.21 -2.44 17.83
CA ASP A 530 -21.42 -2.12 17.08
C ASP A 530 -21.88 -3.31 16.24
N GLY A 531 -20.95 -4.12 15.76
CA GLY A 531 -21.31 -5.33 15.05
C GLY A 531 -20.57 -5.57 13.75
N HIS A 532 -19.65 -4.67 13.41
CA HIS A 532 -18.88 -4.81 12.18
C HIS A 532 -17.86 -5.92 12.32
N VAL A 533 -17.47 -6.51 11.19
CA VAL A 533 -16.53 -7.63 11.17
C VAL A 533 -15.12 -7.08 10.94
N LEU A 534 -14.23 -7.37 11.88
CA LEU A 534 -12.89 -6.79 11.88
C LEU A 534 -11.99 -7.52 10.89
N ASP A 535 -11.45 -6.77 9.92
CA ASP A 535 -10.40 -7.32 9.07
C ASP A 535 -9.10 -7.49 9.85
N SER A 536 -8.69 -6.45 10.57
CA SER A 536 -7.45 -6.48 11.33
C SER A 536 -7.60 -5.60 12.56
N GLU A 537 -7.05 -6.06 13.68
CA GLU A 537 -7.05 -5.33 14.94
C GLU A 537 -5.63 -4.96 15.31
N THR A 538 -5.39 -3.67 15.54
CA THR A 538 -4.06 -3.12 15.66
C THR A 538 -4.12 -2.10 16.80
N TYR A 539 -2.98 -1.63 17.26
CA TYR A 539 -2.94 -0.43 18.09
C TYR A 539 -2.23 0.66 17.29
N VAL A 540 -2.29 1.88 17.80
CA VAL A 540 -1.44 2.94 17.26
C VAL A 540 -0.06 2.81 17.92
N GLY A 541 0.96 2.59 17.10
CA GLY A 541 2.29 2.34 17.59
C GLY A 541 3.05 3.62 17.89
N GLY A 542 4.28 3.69 17.40
CA GLY A 542 5.14 4.81 17.69
C GLY A 542 4.74 6.06 16.94
N HIS A 543 5.07 7.20 17.53
CA HIS A 543 4.76 8.49 16.96
C HIS A 543 5.98 8.99 16.18
N VAL A 544 5.85 9.04 14.86
CA VAL A 544 6.92 9.49 13.97
C VAL A 544 6.47 10.75 13.27
N GLU A 545 7.19 11.85 13.49
CA GLU A 545 7.01 13.02 12.65
C GLU A 545 8.37 13.50 12.18
N ALA A 546 8.46 13.89 10.92
CA ALA A 546 9.60 14.66 10.41
C ALA A 546 9.17 16.11 10.42
N LEU A 547 9.80 16.92 11.27
CA LEU A 547 9.35 18.29 11.47
C LEU A 547 10.03 19.25 10.50
N GLU A 548 11.35 19.17 10.39
CA GLU A 548 12.08 20.01 9.45
C GLU A 548 12.59 19.16 8.30
N SER A 549 13.08 19.83 7.25
CA SER A 549 13.63 19.15 6.09
C SER A 549 14.78 20.00 5.56
N GLY A 550 15.96 19.43 5.49
CA GLY A 550 17.09 20.14 4.92
C GLY A 550 18.36 19.81 5.66
N VAL A 551 19.44 20.44 5.21
CA VAL A 551 20.76 20.20 5.79
C VAL A 551 20.99 21.17 6.95
N PHE A 552 21.32 20.62 8.12
CA PHE A 552 21.58 21.37 9.33
C PHE A 552 22.98 21.01 9.80
N ARG A 553 23.97 21.79 9.37
CA ARG A 553 25.33 21.63 9.84
C ARG A 553 25.57 22.51 11.06
N SER A 554 26.52 22.10 11.90
CA SER A 554 26.87 22.86 13.07
C SER A 554 27.85 23.99 12.79
N ASP A 555 28.28 24.15 11.54
CA ASP A 555 29.17 25.24 11.16
C ASP A 555 28.45 26.37 10.42
N ILE A 556 27.22 26.14 9.97
CA ILE A 556 26.42 27.18 9.33
C ILE A 556 25.47 27.75 10.37
N PRO A 557 25.30 29.06 10.44
CA PRO A 557 24.40 29.64 11.47
C PRO A 557 22.94 29.51 11.05
N CYS A 558 22.10 29.13 12.01
CA CYS A 558 20.67 28.97 11.77
C CYS A 558 19.85 29.71 12.82
N ARG A 559 18.64 30.09 12.42
CA ARG A 559 17.78 31.00 13.18
C ARG A 559 17.02 30.24 14.25
N PHE A 560 17.04 30.78 15.48
CA PHE A 560 16.33 30.22 16.62
C PHE A 560 15.26 31.20 17.09
N ARG A 561 14.09 30.69 17.45
CA ARG A 561 12.96 31.49 17.87
C ARG A 561 12.46 31.07 19.25
N MET A 562 13.39 30.92 20.19
CA MET A 562 13.05 30.51 21.54
C MET A 562 12.31 31.60 22.29
N ASN A 563 11.29 31.20 23.06
CA ASN A 563 10.61 32.14 23.94
C ASN A 563 11.41 32.31 25.23
N PRO A 564 11.36 33.49 25.85
CA PRO A 564 12.13 33.70 27.09
C PRO A 564 11.57 32.96 28.31
N ALA A 565 10.32 32.48 28.26
CA ALA A 565 9.76 31.76 29.40
C ALA A 565 10.43 30.41 29.62
N ALA A 566 10.92 29.80 28.53
CA ALA A 566 11.67 28.55 28.64
C ALA A 566 12.96 28.75 29.42
N PHE A 567 13.72 29.79 29.09
CA PHE A 567 14.93 30.09 29.87
C PHE A 567 14.58 30.58 31.27
N ASP A 568 13.44 31.26 31.44
CA ASP A 568 13.01 31.72 32.76
C ASP A 568 12.72 30.57 33.71
N PHE A 569 12.06 29.51 33.24
CA PHE A 569 11.84 28.35 34.09
C PHE A 569 13.05 27.43 34.15
N LEU A 570 13.92 27.44 33.12
CA LEU A 570 15.15 26.68 33.19
C LEU A 570 16.12 27.26 34.22
N LEU A 571 16.08 28.59 34.44
CA LEU A 571 16.92 29.24 35.45
C LEU A 571 16.67 28.72 36.85
N GLN A 572 15.41 28.44 37.19
CA GLN A 572 15.13 27.81 38.47
C GLN A 572 15.18 26.29 38.41
N ARG A 573 15.17 25.70 37.21
CA ARG A 573 15.29 24.24 37.12
C ARG A 573 16.73 23.74 37.10
N VAL A 574 17.73 24.63 36.93
CA VAL A 574 19.15 24.24 36.82
C VAL A 574 19.60 23.39 38.02
N GLU A 575 19.25 23.80 39.24
CA GLU A 575 19.72 23.11 40.43
C GLU A 575 19.18 21.69 40.48
N LYS A 576 17.90 21.52 40.14
CA LYS A 576 17.29 20.19 40.06
C LYS A 576 17.91 19.35 38.95
N THR A 577 18.23 19.97 37.80
CA THR A 577 18.78 19.20 36.68
C THR A 577 20.14 18.62 37.02
N LEU A 578 21.02 19.46 37.60
CA LEU A 578 22.34 18.93 37.96
C LEU A 578 22.28 17.98 39.14
N ARG A 579 21.38 18.19 40.11
CA ARG A 579 21.25 17.22 41.20
C ARG A 579 20.74 15.86 40.71
N HIS A 580 19.76 15.87 39.79
CA HIS A 580 19.24 14.60 39.27
C HIS A 580 20.26 13.91 38.38
N ALA A 581 20.98 14.66 37.54
CA ALA A 581 21.97 14.03 36.66
C ALA A 581 23.22 13.62 37.42
N LEU A 582 23.41 14.13 38.64
CA LEU A 582 24.52 13.65 39.46
C LEU A 582 24.12 12.54 40.41
N GLU A 583 22.84 12.41 40.73
CA GLU A 583 22.37 11.34 41.59
C GLU A 583 21.99 10.10 40.81
N GLU A 584 21.00 10.21 39.91
CA GLU A 584 20.41 9.05 39.26
C GLU A 584 21.27 8.45 38.15
N GLU A 585 22.14 9.25 37.52
CA GLU A 585 22.97 8.71 36.45
C GLU A 585 24.11 7.87 37.02
N GLU A 586 24.87 8.41 37.95
CA GLU A 586 25.92 7.68 38.65
C GLU A 586 25.65 7.77 40.14
N LYS A 587 25.53 6.61 40.79
CA LYS A 587 25.10 6.58 42.19
C LYS A 587 26.21 7.01 43.15
N VAL A 588 27.47 6.84 42.76
CA VAL A 588 28.61 7.16 43.62
C VAL A 588 28.72 8.65 43.92
N PRO A 589 28.61 9.61 42.94
CA PRO A 589 28.66 11.02 43.42
C PRO A 589 27.31 11.56 43.85
N VAL A 590 26.77 11.00 44.93
CA VAL A 590 25.46 11.43 45.42
C VAL A 590 25.55 12.79 46.12
N GLU A 591 26.52 12.97 47.03
CA GLU A 591 26.76 14.26 47.66
C GLU A 591 28.24 14.54 47.87
N GLN A 592 29.13 13.79 47.21
CA GLN A 592 30.56 13.95 47.40
C GLN A 592 31.19 14.92 46.40
N VAL A 593 30.38 15.69 45.68
CA VAL A 593 30.91 16.58 44.66
C VAL A 593 31.42 17.85 45.32
N THR A 594 32.68 18.19 45.05
CA THR A 594 33.31 19.36 45.67
C THR A 594 32.80 20.65 45.04
N ASN A 595 33.02 20.82 43.75
CA ASN A 595 32.63 22.04 43.04
C ASN A 595 31.22 21.89 42.47
N PHE A 596 30.26 21.69 43.39
CA PHE A 596 28.86 21.54 43.01
C PHE A 596 28.27 22.83 42.47
N GLU A 597 28.63 23.97 43.06
CA GLU A 597 28.12 25.25 42.61
C GLU A 597 29.11 26.04 41.76
N GLU A 598 30.39 25.66 41.77
CA GLU A 598 31.40 26.40 40.99
C GLU A 598 31.24 26.19 39.49
N VAL A 599 30.53 25.14 39.10
CA VAL A 599 30.12 24.99 37.70
C VAL A 599 28.66 25.38 37.51
N CYS A 600 27.83 25.27 38.55
CA CYS A 600 26.41 25.57 38.44
C CYS A 600 26.16 27.07 38.26
N ASP A 601 26.99 27.91 38.89
CA ASP A 601 26.84 29.35 38.68
C ASP A 601 27.23 29.75 37.26
N GLU A 602 28.26 29.10 36.70
CA GLU A 602 28.62 29.31 35.30
C GLU A 602 27.53 28.82 34.37
N ILE A 603 26.88 27.70 34.72
CA ILE A 603 25.75 27.19 33.94
C ILE A 603 24.61 28.20 33.92
N LYS A 604 24.26 28.75 35.09
CA LYS A 604 23.18 29.74 35.15
C LYS A 604 23.55 31.03 34.43
N SER A 605 24.83 31.45 34.53
CA SER A 605 25.28 32.64 33.81
C SER A 605 25.24 32.45 32.30
N LYS A 606 25.67 31.27 31.82
CA LYS A 606 25.62 30.96 30.40
C LYS A 606 24.18 30.85 29.91
N LEU A 607 23.29 30.32 30.74
CA LEU A 607 21.89 30.15 30.34
C LEU A 607 21.14 31.48 30.34
N ALA A 608 21.52 32.41 31.22
CA ALA A 608 20.79 33.67 31.34
C ALA A 608 21.46 34.83 30.62
N SER A 609 22.72 34.72 30.20
CA SER A 609 23.39 35.84 29.55
C SER A 609 22.87 36.08 28.14
N LEU A 610 22.57 34.99 27.43
CA LEU A 610 22.02 35.09 26.09
C LEU A 610 20.51 34.86 26.08
N LYS A 611 19.88 34.93 27.25
CA LYS A 611 18.42 35.00 27.33
C LYS A 611 17.92 36.38 26.89
N ASP A 612 18.75 37.41 27.04
CA ASP A 612 18.38 38.77 26.66
C ASP A 612 18.16 38.92 25.16
N VAL A 613 18.77 38.07 24.34
CA VAL A 613 18.51 38.04 22.90
C VAL A 613 17.89 36.68 22.57
N PRO A 614 16.57 36.53 22.64
CA PRO A 614 15.94 35.25 22.30
C PRO A 614 16.03 34.90 20.82
N SER A 615 15.63 35.82 19.96
CA SER A 615 15.75 35.61 18.52
C SER A 615 17.20 35.86 18.10
N ARG A 616 17.85 34.84 17.56
CA ARG A 616 19.27 34.90 17.31
C ARG A 616 19.64 33.93 16.20
N ILE A 617 20.51 34.42 15.30
CA ILE A 617 21.13 33.59 14.28
C ILE A 617 22.46 33.14 14.86
N GLU A 618 22.67 31.82 14.93
CA GLU A 618 23.84 31.23 15.55
C GLU A 618 24.01 29.81 15.03
N CYS A 619 25.23 29.28 15.14
CA CYS A 619 25.48 27.91 14.76
C CYS A 619 24.79 26.96 15.76
N PRO A 620 24.27 25.83 15.30
CA PRO A 620 23.53 24.94 16.18
C PRO A 620 24.38 23.81 16.76
N LEU A 621 23.75 23.04 17.64
CA LEU A 621 24.32 21.81 18.19
C LEU A 621 23.37 20.67 17.87
N ILE A 622 23.78 19.80 16.94
CA ILE A 622 22.93 18.69 16.50
C ILE A 622 23.01 17.60 17.56
N TYR A 623 21.94 17.43 18.32
CA TYR A 623 21.96 16.57 19.50
C TYR A 623 20.92 15.46 19.35
N HIS A 624 21.37 14.23 19.51
CA HIS A 624 20.50 13.07 19.53
C HIS A 624 20.23 12.70 20.97
N LEU A 625 19.01 12.94 21.42
CA LEU A 625 18.61 12.65 22.80
C LEU A 625 17.86 11.34 22.75
N ASP A 626 18.60 10.24 22.84
CA ASP A 626 18.08 8.91 22.62
C ASP A 626 17.82 8.22 23.95
N VAL A 627 16.72 7.49 24.03
CA VAL A 627 16.40 6.71 25.22
C VAL A 627 17.06 5.35 25.07
N GLY A 628 17.59 4.82 26.17
CA GLY A 628 18.18 3.50 26.15
C GLY A 628 17.18 2.45 26.56
N ALA A 629 16.75 1.63 25.58
CA ALA A 629 15.78 0.55 25.74
C ALA A 629 14.46 1.07 26.32
N MET A 630 13.78 1.93 25.56
CA MET A 630 12.62 2.62 26.12
C MET A 630 11.44 1.68 26.28
N TYR A 631 11.30 0.69 25.41
CA TYR A 631 10.25 -0.30 25.58
C TYR A 631 10.51 -1.20 26.80
N PRO A 632 11.71 -1.81 27.00
CA PRO A 632 11.96 -2.49 28.29
C PRO A 632 11.92 -1.56 29.50
N ASN A 633 12.38 -0.32 29.39
CA ASN A 633 12.41 0.54 30.57
C ASN A 633 11.03 1.07 30.93
N ILE A 634 10.15 1.27 29.95
CA ILE A 634 8.75 1.58 30.27
C ILE A 634 8.09 0.39 30.93
N ILE A 635 8.41 -0.83 30.47
CA ILE A 635 7.90 -2.05 31.11
C ILE A 635 8.41 -2.14 32.55
N LEU A 636 9.70 -1.89 32.75
CA LEU A 636 10.37 -1.97 34.05
C LEU A 636 10.01 -0.81 34.97
N THR A 637 9.50 0.29 34.42
CA THR A 637 9.05 1.42 35.23
C THR A 637 7.60 1.23 35.68
N ASN A 638 6.75 0.67 34.82
CA ASN A 638 5.34 0.58 35.11
C ASN A 638 4.89 -0.82 35.55
N ARG A 639 5.82 -1.78 35.64
CA ARG A 639 5.54 -3.19 35.94
C ARG A 639 4.51 -3.77 34.97
N LEU A 640 4.75 -3.51 33.69
CA LEU A 640 3.83 -3.89 32.62
C LEU A 640 4.04 -5.35 32.29
N GLN A 641 3.14 -6.20 32.78
CA GLN A 641 3.13 -7.59 32.38
C GLN A 641 1.85 -7.88 31.62
N PRO A 642 1.88 -8.77 30.63
CA PRO A 642 0.64 -9.28 30.03
C PRO A 642 -0.25 -10.01 31.03
N SER A 643 0.33 -10.58 32.09
CA SER A 643 -0.47 -11.01 33.23
C SER A 643 -1.04 -9.83 34.00
N ALA A 644 -0.29 -8.73 34.10
CA ALA A 644 -0.72 -7.60 34.90
C ALA A 644 -1.75 -6.72 34.20
N MET A 645 -1.95 -6.90 32.90
CA MET A 645 -3.01 -6.18 32.19
C MET A 645 -4.36 -6.62 32.73
N VAL A 646 -4.99 -5.73 33.49
CA VAL A 646 -6.12 -6.08 34.33
C VAL A 646 -7.28 -5.15 33.98
N ASP A 647 -8.50 -5.63 34.15
CA ASP A 647 -9.69 -4.82 33.90
C ASP A 647 -10.43 -4.57 35.21
N GLU A 648 -11.53 -3.82 35.11
CA GLU A 648 -12.25 -3.36 36.29
C GLU A 648 -12.95 -4.49 37.03
N ALA A 649 -13.52 -5.45 36.29
CA ALA A 649 -14.19 -6.59 36.94
C ALA A 649 -13.20 -7.48 37.67
N THR A 650 -12.02 -7.70 37.07
CA THR A 650 -11.01 -8.51 37.72
C THR A 650 -10.34 -7.78 38.89
N CYS A 651 -10.28 -6.45 38.86
CA CYS A 651 -9.83 -5.73 40.05
C CYS A 651 -10.89 -5.75 41.15
N ALA A 652 -12.17 -5.70 40.77
CA ALA A 652 -13.24 -5.78 41.75
C ALA A 652 -13.34 -7.17 42.37
N ALA A 653 -12.94 -8.21 41.64
CA ALA A 653 -12.88 -9.56 42.19
C ALA A 653 -11.76 -9.72 43.21
N CYS A 654 -10.73 -8.87 43.17
CA CYS A 654 -9.64 -8.94 44.13
C CYS A 654 -10.09 -8.44 45.50
N ASP A 655 -9.38 -8.90 46.54
CA ASP A 655 -9.66 -8.48 47.91
C ASP A 655 -8.86 -7.25 48.34
N PHE A 656 -7.98 -6.75 47.49
CA PHE A 656 -7.15 -5.60 47.83
C PHE A 656 -7.59 -4.37 47.04
N ASN A 657 -8.90 -4.22 46.87
CA ASN A 657 -9.46 -3.05 46.21
C ASN A 657 -9.80 -2.00 47.26
N LYS A 658 -8.74 -1.50 47.89
CA LYS A 658 -8.88 -0.55 48.98
C LYS A 658 -9.30 0.82 48.45
N PRO A 659 -9.94 1.65 49.29
CA PRO A 659 -10.17 3.05 48.89
C PRO A 659 -8.91 3.84 48.65
N GLY A 660 -7.83 3.54 49.37
CA GLY A 660 -6.55 4.17 49.13
C GLY A 660 -5.56 3.20 48.52
N ALA A 661 -6.04 2.33 47.63
CA ALA A 661 -5.20 1.34 47.00
C ALA A 661 -4.32 2.00 45.95
N ASN A 662 -3.01 2.02 46.21
CA ASN A 662 -2.04 2.62 45.30
C ASN A 662 -1.48 1.55 44.35
N CYS A 663 -2.38 0.79 43.73
CA CYS A 663 -2.00 -0.43 43.03
C CYS A 663 -2.51 -0.52 41.60
N GLN A 664 -3.09 0.55 41.06
CA GLN A 664 -3.61 0.56 39.70
C GLN A 664 -2.89 1.66 38.92
N ARG A 665 -2.24 1.28 37.84
CA ARG A 665 -1.65 2.26 36.93
C ARG A 665 -2.52 2.33 35.69
N LYS A 666 -3.11 3.50 35.45
CA LYS A 666 -4.18 3.67 34.46
C LYS A 666 -3.69 4.33 33.18
N MET A 667 -2.51 3.95 32.70
CA MET A 667 -1.99 4.51 31.46
C MET A 667 -2.83 4.06 30.26
N ALA A 668 -2.87 4.92 29.24
CA ALA A 668 -3.80 4.79 28.13
C ALA A 668 -3.08 4.33 26.86
N TRP A 669 -3.89 3.97 25.87
CA TRP A 669 -3.39 3.51 24.58
C TRP A 669 -4.44 3.78 23.52
N GLN A 670 -4.02 3.73 22.26
CA GLN A 670 -4.90 4.06 21.15
C GLN A 670 -5.18 2.80 20.32
N TRP A 671 -6.37 2.24 20.53
CA TRP A 671 -6.86 1.10 19.76
C TRP A 671 -7.12 1.50 18.30
N ARG A 672 -6.96 0.53 17.39
CA ARG A 672 -7.14 0.77 15.97
C ARG A 672 -7.82 -0.42 15.32
N GLY A 673 -8.90 -0.18 14.59
CA GLY A 673 -9.60 -1.28 13.95
C GLY A 673 -10.13 -1.00 12.57
N GLU A 674 -9.75 -1.84 11.60
CA GLU A 674 -10.30 -1.80 10.26
C GLU A 674 -11.40 -2.84 10.16
N PHE A 675 -12.60 -2.41 9.75
CA PHE A 675 -13.72 -3.33 9.68
C PHE A 675 -14.51 -3.10 8.40
N MET A 676 -15.27 -4.13 8.02
CA MET A 676 -16.13 -4.06 6.85
C MET A 676 -17.31 -3.11 7.10
N PRO A 677 -17.79 -2.42 6.07
CA PRO A 677 -18.99 -1.59 6.23
C PRO A 677 -20.28 -2.40 6.39
N ALA A 678 -20.26 -3.69 6.08
CA ALA A 678 -21.45 -4.52 6.24
C ALA A 678 -21.75 -4.75 7.71
N SER A 679 -23.03 -4.73 8.06
CA SER A 679 -23.43 -4.79 9.46
C SER A 679 -23.64 -6.24 9.90
N ARG A 680 -24.06 -6.41 11.16
CA ARG A 680 -24.22 -7.74 11.73
C ARG A 680 -25.38 -8.49 11.12
N SER A 681 -26.45 -7.78 10.73
CA SER A 681 -27.58 -8.43 10.06
C SER A 681 -27.17 -8.97 8.69
N GLU A 682 -26.38 -8.19 7.95
CA GLU A 682 -25.83 -8.67 6.69
C GLU A 682 -24.87 -9.84 6.90
N TYR A 683 -24.10 -9.82 7.99
CA TYR A 683 -23.21 -10.94 8.30
C TYR A 683 -24.00 -12.22 8.61
N HIS A 684 -25.08 -12.11 9.38
CA HIS A 684 -25.93 -13.28 9.64
C HIS A 684 -26.60 -13.78 8.37
N ARG A 685 -27.03 -12.86 7.49
CA ARG A 685 -27.64 -13.27 6.22
C ARG A 685 -26.66 -14.02 5.33
N ILE A 686 -25.42 -13.51 5.20
CA ILE A 686 -24.46 -14.18 4.32
C ILE A 686 -23.99 -15.49 4.96
N GLN A 687 -23.93 -15.57 6.29
CA GLN A 687 -23.59 -16.82 6.96
C GLN A 687 -24.68 -17.87 6.76
N HIS A 688 -25.95 -17.47 6.83
CA HIS A 688 -27.06 -18.40 6.59
C HIS A 688 -27.08 -18.87 5.14
N GLN A 689 -26.82 -17.97 4.20
CA GLN A 689 -26.87 -18.36 2.80
C GLN A 689 -25.67 -19.22 2.41
N LEU A 690 -24.53 -19.00 3.07
CA LEU A 690 -23.39 -19.89 2.88
C LEU A 690 -23.60 -21.25 3.55
N GLU A 691 -24.34 -21.28 4.66
CA GLU A 691 -24.69 -22.55 5.29
C GLU A 691 -25.66 -23.35 4.42
N SER A 692 -26.57 -22.66 3.71
CA SER A 692 -27.52 -23.35 2.85
C SER A 692 -26.83 -23.97 1.63
N GLU A 693 -25.87 -23.27 1.04
CA GLU A 693 -25.22 -23.73 -0.17
C GLU A 693 -24.21 -24.84 0.12
N LYS A 694 -24.15 -25.83 -0.78
CA LYS A 694 -23.26 -26.98 -0.64
C LYS A 694 -21.89 -26.65 -1.23
N PHE A 695 -20.84 -27.05 -0.51
CA PHE A 695 -19.45 -26.82 -0.89
C PHE A 695 -18.92 -27.96 -1.77
N PRO A 696 -17.91 -27.68 -2.60
CA PRO A 696 -17.29 -28.77 -3.35
C PRO A 696 -16.54 -29.72 -2.44
N PRO A 697 -16.42 -31.00 -2.82
CA PRO A 697 -15.74 -31.97 -1.97
C PRO A 697 -14.24 -31.73 -1.87
N LEU A 698 -13.68 -32.06 -0.70
CA LEU A 698 -12.23 -31.99 -0.53
C LEU A 698 -11.54 -33.12 -1.27
N PHE A 699 -12.04 -34.35 -1.11
CA PHE A 699 -11.47 -35.50 -1.77
C PHE A 699 -11.89 -35.52 -3.25
N PRO A 700 -11.03 -36.04 -4.13
CA PRO A 700 -11.42 -36.20 -5.54
C PRO A 700 -12.49 -37.28 -5.68
N GLU A 701 -13.63 -36.89 -6.26
CA GLU A 701 -14.84 -37.72 -6.38
C GLU A 701 -15.31 -38.23 -5.01
N GLY A 702 -15.30 -37.33 -4.04
CA GLY A 702 -15.74 -37.66 -2.70
C GLY A 702 -17.12 -37.09 -2.39
N PRO A 703 -17.58 -37.29 -1.16
CA PRO A 703 -18.89 -36.76 -0.78
C PRO A 703 -18.87 -35.25 -0.62
N ALA A 704 -20.01 -34.63 -0.91
CA ALA A 704 -20.13 -33.17 -0.83
C ALA A 704 -20.09 -32.71 0.62
N ARG A 705 -19.50 -31.53 0.82
CA ARG A 705 -19.24 -31.00 2.15
C ARG A 705 -20.25 -29.92 2.50
N ALA A 706 -20.79 -29.99 3.71
CA ALA A 706 -21.73 -29.01 4.21
C ALA A 706 -20.97 -27.92 4.98
N PHE A 707 -21.72 -27.04 5.66
CA PHE A 707 -21.09 -25.95 6.40
C PHE A 707 -20.46 -26.43 7.70
N HIS A 708 -21.08 -27.40 8.36
CA HIS A 708 -20.62 -27.87 9.67
C HIS A 708 -19.51 -28.91 9.58
N GLU A 709 -19.11 -29.32 8.38
CA GLU A 709 -18.01 -30.25 8.20
C GLU A 709 -16.71 -29.55 7.84
N LEU A 710 -16.79 -28.34 7.27
CA LEU A 710 -15.62 -27.54 6.94
C LEU A 710 -14.98 -27.01 8.21
N SER A 711 -13.69 -26.69 8.11
CA SER A 711 -12.98 -26.12 9.23
C SER A 711 -13.24 -24.60 9.31
N ARG A 712 -12.86 -24.03 10.46
CA ARG A 712 -13.09 -22.61 10.69
C ARG A 712 -12.22 -21.74 9.78
N GLU A 713 -11.01 -22.21 9.45
CA GLU A 713 -10.15 -21.47 8.52
C GLU A 713 -10.76 -21.42 7.13
N GLU A 714 -11.30 -22.55 6.65
CA GLU A 714 -11.97 -22.58 5.35
C GLU A 714 -13.23 -21.73 5.35
N GLN A 715 -14.01 -21.78 6.44
CA GLN A 715 -15.22 -20.96 6.53
C GLN A 715 -14.89 -19.48 6.55
N ALA A 716 -13.83 -19.08 7.27
CA ALA A 716 -13.42 -17.68 7.31
C ALA A 716 -12.88 -17.23 5.95
N LYS A 717 -12.12 -18.09 5.26
CA LYS A 717 -11.60 -17.73 3.95
C LYS A 717 -12.71 -17.61 2.91
N TYR A 718 -13.77 -18.41 3.04
CA TYR A 718 -14.94 -18.24 2.18
C TYR A 718 -15.66 -16.93 2.50
N GLU A 719 -15.94 -16.70 3.79
CA GLU A 719 -16.77 -15.57 4.22
C GLU A 719 -16.08 -14.23 3.97
N LYS A 720 -14.76 -14.18 4.09
CA LYS A 720 -14.03 -12.93 3.85
C LYS A 720 -14.19 -12.44 2.42
N ARG A 721 -13.96 -13.33 1.44
CA ARG A 721 -14.08 -12.93 0.04
C ARG A 721 -15.54 -12.67 -0.32
N ARG A 722 -16.46 -13.51 0.16
CA ARG A 722 -17.86 -13.34 -0.20
C ARG A 722 -18.50 -12.13 0.48
N LEU A 723 -17.94 -11.65 1.60
CA LEU A 723 -18.38 -10.39 2.20
C LEU A 723 -17.66 -9.18 1.65
N ALA A 724 -16.40 -9.32 1.22
CA ALA A 724 -15.69 -8.19 0.61
C ALA A 724 -16.29 -7.84 -0.74
N ASP A 725 -16.74 -8.84 -1.50
CA ASP A 725 -17.41 -8.56 -2.77
C ASP A 725 -18.74 -7.84 -2.55
N TYR A 726 -19.51 -8.28 -1.55
CA TYR A 726 -20.75 -7.61 -1.19
C TYR A 726 -20.51 -6.18 -0.70
N CYS A 727 -19.43 -5.97 0.07
CA CYS A 727 -19.08 -4.63 0.53
C CYS A 727 -18.69 -3.71 -0.63
N ARG A 728 -17.86 -4.19 -1.58
CA ARG A 728 -17.51 -3.35 -2.73
C ARG A 728 -18.72 -3.08 -3.63
N LYS A 729 -19.69 -3.99 -3.66
CA LYS A 729 -20.83 -3.76 -4.55
C LYS A 729 -21.96 -3.00 -3.87
N ALA A 730 -21.95 -2.91 -2.54
CA ALA A 730 -23.08 -2.29 -1.85
C ALA A 730 -22.71 -1.14 -0.91
N TYR A 731 -21.43 -0.80 -0.75
CA TYR A 731 -21.07 0.22 0.21
C TYR A 731 -19.98 1.17 -0.24
N LYS A 732 -19.46 1.04 -1.48
CA LYS A 732 -18.35 1.78 -2.10
C LYS A 732 -17.00 1.52 -1.44
N LYS A 733 -16.95 0.74 -0.36
CA LYS A 733 -15.76 0.61 0.47
C LYS A 733 -15.69 -0.79 1.06
N ILE A 734 -14.49 -1.20 1.42
CA ILE A 734 -14.28 -2.48 2.08
C ILE A 734 -13.70 -2.35 3.49
N HIS A 735 -12.80 -1.38 3.71
CA HIS A 735 -12.15 -1.22 5.01
C HIS A 735 -12.41 0.18 5.54
N ILE A 736 -13.00 0.27 6.72
CA ILE A 736 -13.20 1.54 7.42
C ILE A 736 -12.24 1.56 8.61
N THR A 737 -11.30 2.50 8.60
CA THR A 737 -10.27 2.59 9.62
C THR A 737 -10.74 3.50 10.75
N LYS A 738 -10.74 2.99 11.97
CA LYS A 738 -11.16 3.74 13.14
C LYS A 738 -10.07 3.66 14.21
N VAL A 739 -9.71 4.81 14.77
CA VAL A 739 -8.76 4.89 15.87
C VAL A 739 -9.53 5.27 17.13
N GLU A 740 -9.41 4.45 18.17
CA GLU A 740 -10.16 4.62 19.41
C GLU A 740 -9.19 4.78 20.57
N GLU A 741 -9.53 5.66 21.50
CA GLU A 741 -8.76 5.86 22.72
C GLU A 741 -9.38 5.04 23.84
N ARG A 742 -8.55 4.25 24.52
CA ARG A 742 -9.01 3.40 25.61
C ARG A 742 -7.92 3.30 26.65
N LEU A 743 -8.33 3.15 27.91
CA LEU A 743 -7.35 3.04 29.03
C LEU A 743 -7.70 1.86 29.94
N THR A 744 -6.70 1.06 30.30
CA THR A 744 -6.88 -0.09 31.18
C THR A 744 -5.82 -0.04 32.27
N THR A 745 -6.11 -0.68 33.40
CA THR A 745 -5.24 -0.61 34.55
C THR A 745 -4.18 -1.72 34.51
N ILE A 746 -3.17 -1.57 35.35
CA ILE A 746 -2.09 -2.55 35.49
C ILE A 746 -2.03 -2.94 36.96
N CYS A 747 -2.19 -4.23 37.25
CA CYS A 747 -2.17 -4.66 38.64
C CYS A 747 -0.74 -4.72 39.13
N GLN A 748 -0.41 -3.84 40.08
CA GLN A 748 0.95 -3.72 40.59
C GLN A 748 1.25 -4.70 41.70
N ARG A 749 0.24 -5.42 42.19
CA ARG A 749 0.40 -6.41 43.23
C ARG A 749 0.71 -7.80 42.68
N GLU A 750 0.72 -7.97 41.37
CA GLU A 750 0.78 -9.28 40.76
C GLU A 750 2.20 -9.87 40.82
N ASN A 751 2.30 -11.13 40.40
CA ASN A 751 3.58 -11.81 40.35
C ASN A 751 4.48 -11.18 39.30
N SER A 752 5.73 -10.91 39.69
CA SER A 752 6.65 -10.12 38.89
C SER A 752 7.59 -10.97 38.07
N PHE A 753 7.15 -12.14 37.58
CA PHE A 753 8.06 -12.99 36.82
C PHE A 753 8.42 -12.38 35.47
N TYR A 754 7.48 -11.68 34.83
CA TYR A 754 7.76 -11.04 33.56
C TYR A 754 8.72 -9.87 33.75
N VAL A 755 8.52 -9.09 34.82
CA VAL A 755 9.39 -7.97 35.13
C VAL A 755 10.78 -8.47 35.49
N ASP A 756 10.86 -9.57 36.24
CA ASP A 756 12.16 -10.14 36.61
C ASP A 756 12.89 -10.71 35.41
N THR A 757 12.16 -11.34 34.48
CA THR A 757 12.77 -11.86 33.27
C THR A 757 13.32 -10.73 32.39
N VAL A 758 12.53 -9.68 32.19
CA VAL A 758 13.01 -8.59 31.36
C VAL A 758 14.10 -7.79 32.09
N ARG A 759 14.08 -7.74 33.42
CA ARG A 759 15.15 -7.06 34.15
C ARG A 759 16.44 -7.85 34.12
N ALA A 760 16.37 -9.18 34.21
CA ALA A 760 17.56 -10.02 34.10
C ALA A 760 18.16 -9.94 32.71
N PHE A 761 17.31 -9.96 31.66
CA PHE A 761 17.87 -9.84 30.32
C PHE A 761 18.36 -8.43 30.02
N ARG A 762 17.72 -7.40 30.61
CA ARG A 762 18.22 -6.04 30.44
C ARG A 762 19.50 -5.83 31.22
N ASP A 763 19.68 -6.48 32.36
CA ASP A 763 20.94 -6.41 33.08
C ASP A 763 22.05 -7.14 32.34
N ARG A 764 21.74 -8.26 31.69
CA ARG A 764 22.70 -8.91 30.80
C ARG A 764 23.10 -8.01 29.64
N ARG A 765 22.10 -7.42 28.98
CA ARG A 765 22.35 -6.49 27.88
C ARG A 765 23.08 -5.25 28.34
N TYR A 766 22.82 -4.76 29.55
CA TYR A 766 23.50 -3.57 30.04
C TYR A 766 24.87 -3.87 30.60
N GLU A 767 25.13 -5.10 31.04
CA GLU A 767 26.51 -5.51 31.32
C GLU A 767 27.34 -5.49 30.05
N PHE A 768 26.79 -6.05 28.96
CA PHE A 768 27.49 -6.01 27.68
C PHE A 768 27.58 -4.58 27.14
N LYS A 769 26.56 -3.76 27.38
CA LYS A 769 26.59 -2.37 26.95
C LYS A 769 27.53 -1.52 27.79
N GLY A 770 27.68 -1.81 29.08
CA GLY A 770 28.68 -1.12 29.88
C GLY A 770 30.09 -1.49 29.47
N LEU A 771 30.30 -2.75 29.10
CA LEU A 771 31.59 -3.15 28.53
C LEU A 771 31.85 -2.44 27.20
N HIS A 772 30.81 -2.33 26.36
CA HIS A 772 30.90 -1.56 25.12
C HIS A 772 31.20 -0.09 25.40
N LYS A 773 30.60 0.47 26.46
CA LYS A 773 30.80 1.88 26.79
C LYS A 773 32.21 2.15 27.31
N VAL A 774 32.74 1.26 28.16
CA VAL A 774 34.09 1.50 28.69
C VAL A 774 35.13 1.28 27.58
N TRP A 775 34.85 0.35 26.65
CA TRP A 775 35.78 0.22 25.53
C TRP A 775 35.63 1.35 24.51
N LYS A 776 34.44 1.94 24.37
CA LYS A 776 34.30 3.15 23.55
C LYS A 776 35.04 4.32 24.18
N LYS A 777 35.00 4.44 25.50
CA LYS A 777 35.78 5.48 26.18
C LYS A 777 37.27 5.21 26.07
N LYS A 778 37.69 3.94 26.08
CA LYS A 778 39.08 3.59 25.85
C LYS A 778 39.52 3.95 24.43
N LEU A 779 38.64 3.73 23.45
CA LEU A 779 38.92 4.16 22.08
C LEU A 779 38.98 5.69 21.95
N SER A 780 38.11 6.41 22.68
CA SER A 780 38.18 7.87 22.69
C SER A 780 39.45 8.37 23.37
N ALA A 781 39.96 7.64 24.36
CA ALA A 781 41.23 7.99 24.96
C ALA A 781 42.40 7.67 24.02
N ALA A 782 42.33 6.56 23.29
CA ALA A 782 43.38 6.15 22.38
C ALA A 782 43.36 6.90 21.05
N VAL A 783 42.28 7.60 20.74
CA VAL A 783 42.25 8.50 19.61
C VAL A 783 42.83 9.85 20.04
N GLU A 784 43.18 10.68 19.04
CA GLU A 784 43.79 12.01 19.19
C GLU A 784 45.17 11.95 19.87
N VAL A 785 45.81 10.78 19.84
CA VAL A 785 47.19 10.61 20.28
C VAL A 785 47.76 9.71 19.18
N GLY A 786 49.08 9.45 19.18
CA GLY A 786 49.68 8.63 18.16
C GLY A 786 49.25 7.18 18.23
N ASP A 787 49.42 6.48 17.11
CA ASP A 787 48.94 5.11 16.97
C ASP A 787 49.73 4.16 17.86
N ALA A 788 49.02 3.22 18.47
CA ALA A 788 49.63 2.24 19.37
C ALA A 788 49.24 0.83 18.96
N ALA A 789 49.57 -0.15 19.79
CA ALA A 789 49.32 -1.56 19.49
C ALA A 789 47.99 -2.06 20.04
N GLU A 790 47.17 -1.19 20.61
CA GLU A 790 45.90 -1.59 21.20
C GLU A 790 44.69 -0.89 20.59
N VAL A 791 44.89 -0.05 19.59
CA VAL A 791 43.78 0.68 18.98
C VAL A 791 42.87 -0.28 18.20
N LYS A 792 43.46 -1.17 17.41
CA LYS A 792 42.67 -2.17 16.71
C LYS A 792 42.03 -3.17 17.67
N ARG A 793 42.71 -3.49 18.78
CA ARG A 793 42.13 -4.34 19.81
C ARG A 793 40.89 -3.70 20.41
N CYS A 794 40.98 -2.41 20.75
CA CYS A 794 39.83 -1.68 21.30
C CYS A 794 38.69 -1.58 20.28
N LYS A 795 39.02 -1.34 19.01
CA LYS A 795 37.99 -1.25 17.97
C LYS A 795 37.27 -2.57 17.75
N ASN A 796 38.02 -3.68 17.68
CA ASN A 796 37.37 -4.97 17.47
C ASN A 796 36.60 -5.41 18.72
N MET A 797 37.10 -5.07 19.91
CA MET A 797 36.41 -5.46 21.14
C MET A 797 35.11 -4.67 21.31
N GLU A 798 35.12 -3.38 20.95
CA GLU A 798 33.89 -2.58 21.03
C GLU A 798 32.91 -3.00 19.94
N VAL A 799 33.40 -3.43 18.77
CA VAL A 799 32.52 -3.96 17.74
C VAL A 799 31.86 -5.26 18.21
N LEU A 800 32.64 -6.13 18.86
CA LEU A 800 32.09 -7.38 19.40
C LEU A 800 31.05 -7.11 20.48
N TYR A 801 31.31 -6.14 21.36
CA TYR A 801 30.32 -5.84 22.40
C TYR A 801 29.11 -5.11 21.86
N ASP A 802 29.26 -4.29 20.81
CA ASP A 802 28.10 -3.68 20.16
C ASP A 802 27.23 -4.74 19.51
N SER A 803 27.85 -5.73 18.85
CA SER A 803 27.12 -6.85 18.27
C SER A 803 26.44 -7.68 19.35
N LEU A 804 27.12 -7.89 20.48
CA LEU A 804 26.55 -8.66 21.58
C LEU A 804 25.35 -7.97 22.20
N GLN A 805 25.43 -6.64 22.41
CA GLN A 805 24.28 -5.94 22.97
C GLN A 805 23.14 -5.82 21.97
N LEU A 806 23.44 -5.75 20.66
CA LEU A 806 22.38 -5.81 19.65
C LEU A 806 21.69 -7.18 19.61
N ALA A 807 22.48 -8.26 19.75
CA ALA A 807 21.93 -9.60 19.74
C ALA A 807 21.09 -9.87 20.98
N HIS A 808 21.46 -9.28 22.11
CA HIS A 808 20.61 -9.37 23.29
C HIS A 808 19.41 -8.43 23.20
N LYS A 809 19.59 -7.31 22.49
CA LYS A 809 18.51 -6.35 22.26
C LYS A 809 17.38 -6.94 21.46
N CYS A 810 17.70 -7.84 20.52
CA CYS A 810 16.65 -8.48 19.73
C CYS A 810 15.71 -9.32 20.59
N ILE A 811 16.26 -10.10 21.52
CA ILE A 811 15.42 -10.84 22.47
C ILE A 811 14.73 -9.88 23.43
N LEU A 812 15.41 -8.80 23.85
CA LEU A 812 14.84 -7.87 24.81
C LEU A 812 13.65 -7.10 24.23
N ASN A 813 13.72 -6.74 22.95
CA ASN A 813 12.59 -6.13 22.25
C ASN A 813 11.55 -7.17 21.84
N SER A 814 11.97 -8.42 21.62
CA SER A 814 11.01 -9.48 21.39
C SER A 814 10.24 -9.84 22.64
N PHE A 815 10.72 -9.43 23.82
CA PHE A 815 9.90 -9.52 25.02
C PHE A 815 8.67 -8.62 24.91
N TYR A 816 8.83 -7.42 24.36
CA TYR A 816 7.69 -6.56 24.06
C TYR A 816 6.85 -7.13 22.92
N GLY A 817 7.52 -7.66 21.89
CA GLY A 817 6.81 -8.20 20.74
C GLY A 817 6.08 -9.51 21.00
N TYR A 818 6.48 -10.24 22.04
CA TYR A 818 5.93 -11.57 22.31
C TYR A 818 4.45 -11.52 22.69
N VAL A 819 3.98 -10.42 23.29
CA VAL A 819 2.58 -10.32 23.67
C VAL A 819 1.66 -10.10 22.48
N MET A 820 2.21 -9.97 21.27
CA MET A 820 1.45 -9.79 20.04
C MET A 820 1.91 -10.77 18.96
N ARG A 821 1.97 -12.06 19.31
CA ARG A 821 2.17 -13.09 18.30
C ARG A 821 1.09 -14.13 18.45
N LYS A 822 0.72 -14.76 17.34
CA LYS A 822 -0.24 -15.85 17.37
C LYS A 822 0.39 -17.09 17.99
N GLY A 823 -0.36 -17.76 18.84
CA GLY A 823 0.21 -18.84 19.61
C GLY A 823 1.15 -18.37 20.69
N ALA A 824 0.73 -17.40 21.49
CA ALA A 824 1.52 -16.91 22.61
C ALA A 824 0.84 -17.28 23.92
N ARG A 825 1.63 -17.75 24.87
CA ARG A 825 1.11 -18.05 26.19
C ARG A 825 0.77 -16.79 26.97
N TRP A 826 1.41 -15.67 26.65
CA TRP A 826 1.27 -14.41 27.37
C TRP A 826 0.87 -13.30 26.40
N TYR A 827 -0.15 -13.58 25.61
CA TYR A 827 -0.67 -12.63 24.63
C TYR A 827 -1.38 -11.48 25.34
N SER A 828 -1.22 -10.27 24.79
CA SER A 828 -1.92 -9.12 25.35
C SER A 828 -2.27 -8.11 24.27
N MET A 829 -3.58 -7.84 24.13
CA MET A 829 -4.07 -6.75 23.30
C MET A 829 -3.60 -5.39 23.81
N GLU A 830 -3.64 -5.19 25.12
CA GLU A 830 -3.51 -3.86 25.68
C GLU A 830 -2.06 -3.44 25.91
N MET A 831 -1.19 -4.39 26.26
CA MET A 831 0.11 -4.07 26.85
C MET A 831 1.04 -3.38 25.86
N ALA A 832 1.18 -3.94 24.66
CA ALA A 832 2.09 -3.39 23.66
C ALA A 832 1.61 -2.02 23.17
N GLY A 833 0.29 -1.85 23.03
CA GLY A 833 -0.24 -0.55 22.70
C GLY A 833 0.00 0.49 23.79
N ILE A 834 -0.09 0.06 25.05
CA ILE A 834 0.18 0.96 26.17
C ILE A 834 1.64 1.40 26.17
N VAL A 835 2.56 0.48 25.89
CA VAL A 835 3.98 0.82 25.90
C VAL A 835 4.31 1.75 24.72
N CYS A 836 3.71 1.50 23.55
CA CYS A 836 3.90 2.38 22.39
C CYS A 836 3.34 3.77 22.64
N PHE A 837 2.15 3.88 23.25
CA PHE A 837 1.58 5.20 23.50
C PHE A 837 2.35 5.95 24.58
N THR A 838 2.90 5.24 25.56
CA THR A 838 3.75 5.89 26.56
C THR A 838 5.04 6.41 25.95
N GLY A 839 5.66 5.64 25.05
CA GLY A 839 6.82 6.14 24.34
C GLY A 839 6.50 7.31 23.44
N ALA A 840 5.32 7.29 22.83
CA ALA A 840 4.86 8.43 22.02
C ALA A 840 4.68 9.68 22.87
N ASN A 841 4.08 9.54 24.05
CA ASN A 841 3.91 10.66 24.97
C ASN A 841 5.24 11.22 25.43
N ILE A 842 6.21 10.33 25.72
CA ILE A 842 7.54 10.75 26.15
C ILE A 842 8.22 11.57 25.06
N ILE A 843 8.19 11.09 23.82
CA ILE A 843 8.89 11.78 22.75
C ILE A 843 8.15 13.06 22.35
N THR A 844 6.82 13.11 22.44
CA THR A 844 6.14 14.35 22.11
C THR A 844 6.28 15.40 23.21
N GLN A 845 6.42 14.99 24.49
CA GLN A 845 6.71 15.97 25.53
C GLN A 845 8.15 16.46 25.42
N ALA A 846 9.07 15.60 24.98
CA ALA A 846 10.42 16.06 24.71
C ALA A 846 10.46 17.03 23.54
N ARG A 847 9.63 16.80 22.52
CA ARG A 847 9.51 17.75 21.42
C ARG A 847 8.93 19.09 21.89
N GLU A 848 7.93 19.04 22.78
CA GLU A 848 7.36 20.25 23.36
C GLU A 848 8.38 21.03 24.17
N LEU A 849 9.25 20.31 24.90
CA LEU A 849 10.28 21.00 25.67
C LEU A 849 11.38 21.57 24.77
N ILE A 850 11.75 20.85 23.72
CA ILE A 850 12.84 21.32 22.86
C ILE A 850 12.39 22.49 21.98
N GLU A 851 11.14 22.46 21.50
CA GLU A 851 10.64 23.48 20.57
C GLU A 851 10.54 24.88 21.18
N GLN A 852 10.64 24.99 22.51
CA GLN A 852 10.74 26.27 23.17
C GLN A 852 12.18 26.77 23.28
N ILE A 853 13.17 26.00 22.82
CA ILE A 853 14.57 26.41 22.87
C ILE A 853 15.14 26.40 21.46
N GLY A 854 15.16 25.24 20.83
CA GLY A 854 15.63 25.11 19.48
C GLY A 854 14.58 24.48 18.57
N ARG A 855 15.04 23.77 17.55
CA ARG A 855 14.14 23.16 16.58
C ARG A 855 14.29 21.65 16.60
N PRO A 856 13.28 20.90 17.07
CA PRO A 856 13.29 19.46 16.86
C PRO A 856 13.12 19.13 15.39
N LEU A 857 13.88 18.16 14.92
CA LEU A 857 13.93 17.85 13.50
C LEU A 857 13.29 16.52 13.13
N GLU A 858 13.74 15.41 13.70
CA GLU A 858 13.18 14.11 13.38
C GLU A 858 12.73 13.43 14.66
N LEU A 859 11.43 13.31 14.85
CA LEU A 859 10.86 12.51 15.91
C LEU A 859 10.60 11.12 15.36
N ASP A 860 11.20 10.13 15.98
CA ASP A 860 10.80 8.74 15.82
C ASP A 860 10.26 8.26 17.16
N THR A 861 10.00 6.97 17.27
CA THR A 861 9.77 6.41 18.60
C THR A 861 11.07 5.86 19.19
N ASP A 862 12.13 6.64 19.08
CA ASP A 862 13.42 6.48 19.71
C ASP A 862 13.78 7.65 20.60
N GLY A 863 13.67 8.86 20.08
CA GLY A 863 14.25 10.03 20.71
C GLY A 863 14.10 11.21 19.79
N ILE A 864 14.69 12.32 20.21
CA ILE A 864 14.57 13.59 19.50
C ILE A 864 15.88 13.83 18.77
N TRP A 865 15.79 14.07 17.48
CA TRP A 865 16.88 14.69 16.74
C TRP A 865 16.57 16.18 16.65
N CYS A 866 17.47 17.01 17.15
CA CYS A 866 17.17 18.42 17.31
C CYS A 866 18.43 19.25 17.11
N VAL A 867 18.23 20.55 16.98
CA VAL A 867 19.30 21.52 17.00
C VAL A 867 19.07 22.47 18.16
N LEU A 868 20.10 22.67 18.97
CA LEU A 868 20.11 23.55 20.13
C LEU A 868 21.15 24.63 19.88
N PRO A 869 21.01 25.81 20.53
CA PRO A 869 21.97 26.89 20.29
C PRO A 869 23.38 26.56 20.77
N ASN A 870 24.35 27.26 20.17
CA ASN A 870 25.75 27.07 20.55
C ASN A 870 26.02 27.60 21.95
N SER A 871 25.28 28.64 22.35
CA SER A 871 25.43 29.22 23.67
C SER A 871 24.63 28.47 24.74
N PHE A 872 23.91 27.42 24.35
CA PHE A 872 23.31 26.52 25.32
C PHE A 872 24.42 25.72 26.01
N PRO A 873 24.24 25.38 27.28
CA PRO A 873 25.28 24.59 27.98
C PRO A 873 25.39 23.17 27.45
N GLU A 874 26.51 22.53 27.79
CA GLU A 874 27.00 21.37 27.05
C GLU A 874 27.63 20.39 28.04
N ASN A 875 28.46 19.49 27.52
CA ASN A 875 29.08 18.46 28.35
C ASN A 875 30.17 19.04 29.25
N PHE A 876 29.87 19.10 30.55
CA PHE A 876 30.77 19.69 31.54
C PHE A 876 31.19 18.62 32.54
N VAL A 877 32.40 18.76 33.07
CA VAL A 877 33.04 17.76 33.91
C VAL A 877 32.88 18.18 35.36
N PHE A 878 32.49 17.23 36.21
CA PHE A 878 32.26 17.48 37.63
C PHE A 878 33.25 16.68 38.45
N LYS A 879 33.99 17.36 39.33
CA LYS A 879 35.02 16.72 40.15
C LYS A 879 34.41 16.16 41.43
N THR A 880 35.01 15.07 41.92
CA THR A 880 34.51 14.35 43.08
C THR A 880 35.68 13.76 43.85
N THR A 881 35.66 13.90 45.19
CA THR A 881 36.75 13.44 46.04
C THR A 881 36.88 11.93 46.13
N ASN A 882 35.90 11.17 45.63
CA ASN A 882 35.99 9.71 45.67
C ASN A 882 37.06 9.23 44.69
N VAL A 883 37.85 8.25 45.15
CA VAL A 883 38.96 7.74 44.36
C VAL A 883 38.46 6.92 43.17
N LYS A 884 37.31 6.26 43.31
CA LYS A 884 36.78 5.42 42.24
C LYS A 884 36.30 6.27 41.06
N LYS A 885 35.65 7.40 41.33
CA LYS A 885 35.16 8.30 40.28
C LYS A 885 35.63 9.72 40.60
N PRO A 886 36.83 10.10 40.15
CA PRO A 886 37.30 11.46 40.41
C PRO A 886 36.63 12.52 39.55
N LYS A 887 36.27 12.20 38.31
CA LYS A 887 35.65 13.15 37.40
C LYS A 887 34.44 12.48 36.74
N VAL A 888 33.32 13.19 36.70
CA VAL A 888 32.08 12.70 36.11
C VAL A 888 31.64 13.72 35.06
N THR A 889 31.47 13.26 33.82
CA THR A 889 31.01 14.11 32.73
C THR A 889 29.49 14.03 32.63
N ILE A 890 28.84 15.20 32.57
CA ILE A 890 27.39 15.29 32.51
C ILE A 890 27.01 16.33 31.45
N SER A 891 26.15 15.94 30.52
CA SER A 891 25.59 16.85 29.53
C SER A 891 24.29 17.45 30.06
N TYR A 892 24.07 18.72 29.72
CA TYR A 892 22.90 19.49 30.15
C TYR A 892 21.58 19.17 29.43
N PRO A 893 21.51 19.00 28.08
CA PRO A 893 20.18 18.73 27.48
C PRO A 893 19.56 17.41 27.90
N GLY A 894 20.37 16.35 27.99
CA GLY A 894 19.88 15.10 28.56
C GLY A 894 19.47 15.26 30.00
N ALA A 895 20.14 16.15 30.74
CA ALA A 895 19.78 16.41 32.12
C ALA A 895 18.42 17.08 32.25
N MET A 896 18.10 18.08 31.40
CA MET A 896 16.78 18.69 31.60
C MET A 896 15.69 17.78 31.07
N LEU A 897 16.01 16.96 30.06
CA LEU A 897 15.02 16.01 29.57
C LEU A 897 14.74 14.95 30.62
N ASN A 898 15.79 14.51 31.33
CA ASN A 898 15.64 13.55 32.42
C ASN A 898 14.88 14.14 33.59
N ILE A 899 15.04 15.43 33.87
CA ILE A 899 14.19 16.09 34.86
C ILE A 899 12.73 16.20 34.43
N MET A 900 12.46 16.43 33.15
CA MET A 900 11.07 16.39 32.68
C MET A 900 10.49 15.00 32.89
N VAL A 901 11.30 13.97 32.60
CA VAL A 901 10.89 12.58 32.78
C VAL A 901 10.64 12.28 34.26
N LYS A 902 11.53 12.75 35.13
CA LYS A 902 11.39 12.53 36.56
C LYS A 902 10.16 13.25 37.12
N GLU A 903 9.82 14.42 36.58
CA GLU A 903 8.66 15.14 37.09
C GLU A 903 7.35 14.52 36.60
N GLY A 904 7.28 14.10 35.34
CA GLY A 904 6.01 13.62 34.82
C GLY A 904 5.86 12.13 34.62
N PHE A 905 6.88 11.48 34.09
CA PHE A 905 6.80 10.09 33.65
C PHE A 905 7.29 9.13 34.70
N THR A 906 7.64 9.60 35.90
CA THR A 906 8.03 8.71 36.97
C THR A 906 6.80 7.95 37.47
N ASN A 907 7.05 6.85 38.16
CA ASN A 907 5.98 5.96 38.58
C ASN A 907 6.02 5.82 40.09
N ASP A 908 5.01 6.36 40.75
CA ASP A 908 4.81 6.22 42.18
C ASP A 908 3.94 5.02 42.55
N GLN A 909 3.55 4.21 41.56
CA GLN A 909 2.83 2.96 41.79
C GLN A 909 3.78 1.84 41.35
N TYR A 910 4.63 1.40 42.28
CA TYR A 910 5.63 0.37 42.01
C TYR A 910 5.65 -0.63 43.14
N GLN A 911 4.47 -1.16 43.47
CA GLN A 911 4.31 -2.15 44.54
C GLN A 911 5.18 -3.39 44.31
N GLU A 912 6.22 -3.55 45.12
CA GLU A 912 7.16 -4.65 44.98
C GLU A 912 7.29 -5.35 46.33
N LEU A 913 7.16 -6.67 46.31
CA LEU A 913 7.14 -7.46 47.53
C LEU A 913 8.58 -7.60 48.04
N ALA A 914 8.89 -6.90 49.13
CA ALA A 914 10.25 -6.96 49.67
C ALA A 914 10.52 -8.32 50.33
N GLU A 915 9.55 -8.85 51.06
CA GLU A 915 9.66 -10.17 51.64
C GLU A 915 8.46 -11.00 51.18
N PRO A 916 8.67 -12.11 50.47
CA PRO A 916 7.54 -12.93 50.04
C PRO A 916 6.84 -13.61 51.20
N SER A 917 5.56 -13.92 50.97
CA SER A 917 4.66 -14.58 51.93
C SER A 917 4.52 -13.79 53.23
N SER A 918 4.59 -12.47 53.14
CA SER A 918 4.37 -11.62 54.30
C SER A 918 3.53 -10.38 53.99
N LEU A 919 3.13 -10.19 52.72
CA LEU A 919 2.34 -9.05 52.24
C LEU A 919 3.01 -7.70 52.55
N THR A 920 4.33 -7.67 52.55
CA THR A 920 5.09 -6.43 52.74
C THR A 920 5.36 -5.80 51.38
N TYR A 921 4.26 -5.35 50.76
CA TYR A 921 4.30 -4.76 49.43
C TYR A 921 4.65 -3.29 49.55
N VAL A 922 5.95 -3.00 49.61
CA VAL A 922 6.42 -1.63 49.70
C VAL A 922 6.39 -1.00 48.32
N THR A 923 6.40 0.33 48.27
CA THR A 923 6.29 1.07 47.02
C THR A 923 7.52 1.97 46.86
N ARG A 924 8.11 1.95 45.67
CA ARG A 924 9.26 2.77 45.34
C ARG A 924 8.91 3.68 44.16
N SER A 925 9.86 4.55 43.80
CA SER A 925 9.72 5.43 42.65
C SER A 925 10.97 5.28 41.79
N GLU A 926 10.99 4.26 40.96
CA GLU A 926 12.09 4.02 40.02
C GLU A 926 11.68 4.51 38.65
N ASN A 927 12.56 5.29 38.02
CA ASN A 927 12.28 5.73 36.66
C ASN A 927 12.95 4.85 35.63
N SER A 928 14.29 4.86 35.60
CA SER A 928 15.17 4.10 34.70
C SER A 928 14.95 4.40 33.22
N ILE A 929 14.17 5.43 32.86
CA ILE A 929 13.96 5.83 31.47
C ILE A 929 14.82 7.06 31.23
N PHE A 930 16.04 6.84 30.74
CA PHE A 930 17.03 7.91 30.65
C PHE A 930 17.28 8.27 29.19
N PHE A 931 17.46 9.56 28.95
CA PHE A 931 17.74 10.08 27.61
C PHE A 931 19.25 10.15 27.43
N GLU A 932 19.84 9.09 26.87
CA GLU A 932 21.27 9.11 26.58
C GLU A 932 21.57 10.09 25.47
N VAL A 933 22.61 10.88 25.66
CA VAL A 933 22.99 11.92 24.71
C VAL A 933 24.06 11.38 23.79
N ASP A 934 23.79 11.37 22.50
CA ASP A 934 24.84 11.16 21.51
C ASP A 934 25.46 12.52 21.19
N GLY A 935 26.73 12.47 20.76
CA GLY A 935 27.57 13.64 20.68
C GLY A 935 27.12 14.67 19.67
N PRO A 936 27.69 15.87 19.73
CA PRO A 936 27.26 16.94 18.82
C PRO A 936 27.70 16.68 17.40
N TYR A 937 26.77 16.21 16.57
CA TYR A 937 27.09 15.70 15.25
C TYR A 937 27.43 16.84 14.30
N LEU A 938 28.11 16.47 13.21
CA LEU A 938 28.53 17.48 12.23
C LEU A 938 27.35 18.03 11.46
N ALA A 939 26.45 17.15 11.01
CA ALA A 939 25.34 17.58 10.17
C ALA A 939 24.19 16.60 10.32
N MET A 940 23.02 17.05 9.87
CA MET A 940 21.85 16.20 9.75
C MET A 940 21.08 16.61 8.50
N ILE A 941 20.80 15.65 7.63
CA ILE A 941 20.12 15.89 6.38
C ILE A 941 18.79 15.15 6.38
N LEU A 942 17.71 15.87 6.10
CA LEU A 942 16.38 15.27 6.08
C LEU A 942 15.70 15.54 4.74
N PRO A 943 15.00 14.56 4.20
CA PRO A 943 14.29 14.75 2.93
C PRO A 943 12.85 15.23 3.14
N ALA A 944 12.20 15.57 2.03
CA ALA A 944 10.86 16.10 2.05
C ALA A 944 10.00 15.37 1.02
N SER A 945 8.69 15.41 1.24
CA SER A 945 7.75 14.70 0.38
C SER A 945 7.45 15.52 -0.88
N LYS A 946 6.73 14.90 -1.80
CA LYS A 946 6.35 15.53 -3.05
C LYS A 946 4.93 16.10 -3.04
N GLU A 947 4.24 16.03 -1.91
CA GLU A 947 2.88 16.53 -1.79
C GLU A 947 2.77 17.50 -0.62
N GLU A 948 1.65 18.23 -0.59
CA GLU A 948 1.41 19.20 0.47
C GLU A 948 1.05 18.50 1.78
N GLY A 949 1.59 19.01 2.88
CA GLY A 949 1.23 18.55 4.20
C GLY A 949 1.80 17.21 4.60
N LYS A 950 2.73 16.66 3.82
CA LYS A 950 3.32 15.37 4.12
C LYS A 950 4.84 15.50 4.17
N LYS A 951 5.48 14.61 4.92
CA LYS A 951 6.92 14.56 5.04
C LYS A 951 7.38 13.12 5.07
N LEU A 952 8.59 12.87 4.58
CA LEU A 952 9.19 11.54 4.67
C LEU A 952 9.64 11.28 6.10
N LYS A 953 9.01 10.30 6.73
CA LYS A 953 9.34 9.88 8.07
C LYS A 953 10.32 8.71 8.02
N LYS A 954 11.00 8.48 9.15
CA LYS A 954 11.92 7.36 9.37
C LYS A 954 13.05 7.33 8.34
N ARG A 955 13.56 8.50 7.98
CA ARG A 955 14.54 8.58 6.90
C ARG A 955 15.36 9.84 7.07
N TYR A 956 16.67 9.68 7.26
CA TYR A 956 17.60 10.81 7.43
C TYR A 956 19.02 10.30 7.25
N ALA A 957 19.96 11.25 7.24
CA ALA A 957 21.38 10.95 7.19
C ALA A 957 22.12 11.83 8.20
N VAL A 958 22.86 11.20 9.11
CA VAL A 958 23.60 11.89 10.17
C VAL A 958 25.08 11.54 10.02
N PHE A 959 25.93 12.55 10.05
CA PHE A 959 27.38 12.37 9.97
C PHE A 959 28.04 12.68 11.30
N ASN A 960 29.12 11.97 11.59
CA ASN A 960 29.93 12.21 12.76
C ASN A 960 30.86 13.40 12.52
N GLU A 961 31.60 13.78 13.57
CA GLU A 961 32.32 15.06 13.55
C GLU A 961 33.55 15.01 12.66
N ASP A 962 34.11 13.82 12.43
CA ASP A 962 35.28 13.68 11.57
C ASP A 962 34.93 13.52 10.10
N GLY A 963 33.70 13.83 9.70
CA GLY A 963 33.27 13.66 8.33
C GLY A 963 32.80 12.26 8.00
N SER A 964 32.78 11.36 8.96
CA SER A 964 32.37 9.98 8.71
C SER A 964 30.87 9.84 8.85
N LEU A 965 30.35 8.76 8.27
CA LEU A 965 28.94 8.40 8.34
C LEU A 965 28.61 7.92 9.75
N ALA A 966 27.78 8.68 10.47
CA ALA A 966 27.30 8.21 11.76
C ALA A 966 26.05 7.37 11.60
N GLU A 967 25.03 7.89 10.91
CA GLU A 967 23.77 7.20 10.69
C GLU A 967 23.29 7.46 9.27
N LEU A 968 22.80 6.40 8.63
CA LEU A 968 22.14 6.49 7.32
C LEU A 968 20.93 5.55 7.39
N LYS A 969 19.79 6.08 7.81
CA LYS A 969 18.67 5.26 8.20
C LYS A 969 17.50 5.47 7.26
N GLY A 970 16.86 4.37 6.86
CA GLY A 970 15.61 4.39 6.14
C GLY A 970 15.76 4.42 4.63
N PHE A 971 16.96 4.64 4.12
CA PHE A 971 17.15 4.88 2.70
C PHE A 971 17.14 3.57 1.92
N GLU A 972 17.20 3.69 0.61
CA GLU A 972 17.17 2.54 -0.28
C GLU A 972 18.55 1.96 -0.54
N VAL A 973 19.60 2.55 0.05
CA VAL A 973 20.95 2.00 -0.09
C VAL A 973 21.04 0.65 0.63
N LYS A 974 20.57 0.60 1.87
CA LYS A 974 20.67 -0.61 2.67
C LYS A 974 19.56 -1.61 2.37
N ARG A 975 18.52 -1.21 1.64
CA ARG A 975 17.43 -2.12 1.34
C ARG A 975 17.85 -3.16 0.31
N ARG A 976 17.27 -4.36 0.43
CA ARG A 976 17.61 -5.47 -0.45
C ARG A 976 17.13 -5.18 -1.86
N GLY A 977 18.06 -5.20 -2.81
CA GLY A 977 17.71 -4.90 -4.17
C GLY A 977 17.46 -3.44 -4.41
N GLU A 978 16.19 -3.12 -4.72
CA GLU A 978 15.84 -1.73 -5.08
C GLU A 978 16.60 -1.40 -6.36
N LEU A 979 16.60 -0.13 -6.77
CA LEU A 979 17.38 0.27 -7.92
C LEU A 979 18.80 0.63 -7.48
N GLN A 980 19.78 0.03 -8.15
CA GLN A 980 21.17 0.36 -7.87
C GLN A 980 21.54 1.77 -8.30
N LEU A 981 20.79 2.34 -9.25
CA LEU A 981 20.89 3.78 -9.53
C LEU A 981 20.51 4.61 -8.32
N ILE A 982 19.40 4.25 -7.66
CA ILE A 982 18.95 4.95 -6.45
C ILE A 982 19.96 4.74 -5.32
N LYS A 983 20.48 3.51 -5.19
CA LYS A 983 21.49 3.21 -4.17
C LYS A 983 22.77 4.02 -4.36
N ILE A 984 23.25 4.10 -5.60
CA ILE A 984 24.47 4.85 -5.90
C ILE A 984 24.26 6.34 -5.67
N PHE A 985 23.09 6.86 -6.08
CA PHE A 985 22.79 8.28 -5.89
C PHE A 985 22.69 8.64 -4.41
N GLN A 986 21.95 7.85 -3.62
CA GLN A 986 21.78 8.16 -2.21
C GLN A 986 23.02 7.82 -1.38
N SER A 987 23.95 7.02 -1.90
CA SER A 987 25.20 6.78 -1.19
C SER A 987 26.29 7.77 -1.56
N SER A 988 26.19 8.41 -2.73
CA SER A 988 27.21 9.35 -3.13
C SER A 988 26.80 10.82 -2.95
N VAL A 989 25.51 11.10 -2.75
CA VAL A 989 25.08 12.48 -2.73
C VAL A 989 25.19 13.12 -1.34
N PHE A 990 25.38 12.32 -0.29
CA PHE A 990 25.43 12.87 1.06
C PHE A 990 26.82 13.27 1.51
N GLU A 991 27.87 12.80 0.84
CA GLU A 991 29.21 13.26 1.17
C GLU A 991 29.45 14.69 0.71
N ALA A 992 28.67 15.18 -0.25
CA ALA A 992 28.74 16.57 -0.69
C ALA A 992 27.90 17.49 0.18
N PHE A 993 27.10 16.96 1.11
CA PHE A 993 26.31 17.79 1.99
C PHE A 993 27.14 18.43 3.09
N LEU A 994 28.36 17.97 3.32
CA LEU A 994 29.27 18.55 4.29
C LEU A 994 30.18 19.60 3.68
N LYS A 995 30.04 19.89 2.40
CA LYS A 995 30.95 20.78 1.66
C LYS A 995 30.23 22.11 1.43
N GLY A 996 30.68 23.14 2.11
CA GLY A 996 30.15 24.48 1.93
C GLY A 996 29.92 25.19 3.26
N SER A 997 30.25 26.48 3.29
CA SER A 997 30.08 27.30 4.48
C SER A 997 28.71 27.96 4.55
N THR A 998 27.83 27.68 3.59
CA THR A 998 26.47 28.20 3.61
C THR A 998 25.57 27.22 2.86
N LEU A 999 24.25 27.39 3.07
CA LEU A 999 23.26 26.46 2.53
C LEU A 999 23.24 26.46 1.01
N GLU A 1000 23.46 27.62 0.38
CA GLU A 1000 23.46 27.71 -1.08
C GLU A 1000 24.63 26.94 -1.67
N GLU A 1001 25.83 27.08 -1.10
CA GLU A 1001 27.00 26.34 -1.59
C GLU A 1001 26.87 24.85 -1.32
N VAL A 1002 26.27 24.48 -0.18
CA VAL A 1002 26.05 23.08 0.16
C VAL A 1002 25.10 22.43 -0.84
N TYR A 1003 23.98 23.11 -1.12
CA TYR A 1003 23.02 22.60 -2.09
C TYR A 1003 23.57 22.63 -3.51
N GLY A 1004 24.48 23.56 -3.81
CA GLY A 1004 25.14 23.55 -5.11
C GLY A 1004 26.05 22.36 -5.32
N SER A 1005 26.81 21.98 -4.28
CA SER A 1005 27.63 20.77 -4.36
C SER A 1005 26.78 19.51 -4.51
N VAL A 1006 25.68 19.45 -3.76
CA VAL A 1006 24.77 18.30 -3.86
C VAL A 1006 24.11 18.26 -5.24
N ALA A 1007 23.78 19.43 -5.80
CA ALA A 1007 23.25 19.52 -7.14
C ALA A 1007 24.29 19.13 -8.19
N LYS A 1008 25.55 19.43 -7.95
CA LYS A 1008 26.62 19.00 -8.86
C LYS A 1008 26.69 17.48 -8.94
N VAL A 1009 26.62 16.81 -7.78
CA VAL A 1009 26.58 15.35 -7.76
C VAL A 1009 25.35 14.80 -8.48
N ALA A 1010 24.18 15.39 -8.18
CA ALA A 1010 22.93 14.93 -8.78
C ALA A 1010 22.87 15.19 -10.28
N ASP A 1011 23.32 16.38 -10.71
CA ASP A 1011 23.33 16.71 -12.16
C ASP A 1011 24.26 15.75 -12.89
N TYR A 1012 25.46 15.52 -12.33
CA TYR A 1012 26.39 14.58 -12.95
C TYR A 1012 25.74 13.23 -13.18
N TRP A 1013 25.03 12.71 -12.17
CA TRP A 1013 24.40 11.40 -12.38
C TRP A 1013 23.17 11.50 -13.29
N LEU A 1014 22.52 12.65 -13.34
CA LEU A 1014 21.44 12.86 -14.31
C LEU A 1014 21.97 12.97 -15.73
N ASP A 1015 23.13 13.63 -15.91
CA ASP A 1015 23.76 13.69 -17.23
C ASP A 1015 24.16 12.30 -17.69
N VAL A 1016 24.61 11.46 -16.76
CA VAL A 1016 24.86 10.06 -17.08
C VAL A 1016 23.57 9.36 -17.52
N LEU A 1017 22.49 9.54 -16.75
CA LEU A 1017 21.24 8.83 -17.04
C LEU A 1017 20.57 9.35 -18.32
N TYR A 1018 20.90 10.57 -18.75
CA TYR A 1018 20.37 11.09 -20.00
C TYR A 1018 21.26 10.70 -21.18
N SER A 1019 22.52 11.15 -21.19
CA SER A 1019 23.45 10.83 -22.27
C SER A 1019 24.31 9.64 -21.84
N LYS A 1020 23.63 8.54 -21.51
CA LYS A 1020 24.23 7.23 -21.28
C LYS A 1020 25.20 6.81 -22.37
N ALA A 1021 26.22 6.04 -21.94
CA ALA A 1021 27.18 5.34 -22.80
C ALA A 1021 28.01 6.32 -23.65
N ALA A 1022 28.40 7.44 -23.05
CA ALA A 1022 29.43 8.27 -23.67
C ALA A 1022 30.79 7.59 -23.59
N ASN A 1023 31.13 7.07 -22.41
CA ASN A 1023 32.32 6.26 -22.22
C ASN A 1023 32.04 5.07 -21.30
N MET A 1024 30.78 4.80 -20.98
CA MET A 1024 30.32 3.95 -19.89
C MET A 1024 29.95 2.56 -20.43
N PRO A 1025 30.67 1.51 -20.02
CA PRO A 1025 30.52 0.21 -20.69
C PRO A 1025 29.22 -0.53 -20.35
N ASP A 1026 28.90 -1.48 -21.24
CA ASP A 1026 27.64 -2.22 -21.17
C ASP A 1026 27.54 -3.14 -19.97
N SER A 1027 28.66 -3.68 -19.48
CA SER A 1027 28.62 -4.56 -18.32
C SER A 1027 28.22 -3.82 -17.06
N GLU A 1028 28.85 -2.67 -16.80
CA GLU A 1028 28.45 -1.87 -15.66
C GLU A 1028 27.12 -1.17 -15.88
N LEU A 1029 26.71 -0.95 -17.14
CA LEU A 1029 25.34 -0.54 -17.43
C LEU A 1029 24.34 -1.61 -16.99
N PHE A 1030 24.63 -2.87 -17.32
CA PHE A 1030 23.78 -4.00 -16.98
C PHE A 1030 23.71 -4.19 -15.46
N GLU A 1031 24.83 -4.02 -14.77
CA GLU A 1031 24.84 -4.15 -13.32
C GLU A 1031 24.51 -2.84 -12.60
N LEU A 1032 24.25 -1.75 -13.33
CA LEU A 1032 23.75 -0.51 -12.74
C LEU A 1032 22.23 -0.41 -12.76
N ILE A 1033 21.57 -0.76 -13.86
CA ILE A 1033 20.12 -0.52 -13.89
C ILE A 1033 19.30 -1.71 -13.41
N SER A 1034 19.94 -2.73 -12.84
CA SER A 1034 19.20 -3.89 -12.35
C SER A 1034 18.41 -3.55 -11.09
N GLU A 1035 17.24 -4.18 -10.95
CA GLU A 1035 16.45 -4.08 -9.72
C GLU A 1035 16.10 -5.47 -9.24
N ASN A 1036 16.58 -5.83 -8.06
CA ASN A 1036 16.34 -7.15 -7.48
C ASN A 1036 15.16 -7.09 -6.53
N ARG A 1037 14.21 -8.01 -6.72
CA ARG A 1037 13.06 -8.14 -5.83
C ARG A 1037 12.90 -9.60 -5.45
N SER A 1038 12.49 -9.85 -4.21
CA SER A 1038 12.33 -11.19 -3.69
C SER A 1038 10.95 -11.36 -3.09
N MET A 1039 10.39 -12.56 -3.20
CA MET A 1039 9.06 -12.86 -2.69
C MET A 1039 9.15 -13.79 -1.50
N SER A 1040 8.30 -13.56 -0.51
CA SER A 1040 8.17 -14.48 0.61
C SER A 1040 7.39 -15.73 0.21
N ARG A 1041 6.46 -15.60 -0.73
CA ARG A 1041 5.54 -16.66 -1.07
C ARG A 1041 5.85 -17.26 -2.44
N LYS A 1042 5.09 -18.30 -2.77
CA LYS A 1042 5.22 -19.03 -4.02
C LYS A 1042 4.46 -18.31 -5.13
N LEU A 1043 4.82 -18.62 -6.38
CA LEU A 1043 4.17 -18.00 -7.52
C LEU A 1043 2.75 -18.50 -7.70
N GLU A 1044 2.47 -19.75 -7.29
CA GLU A 1044 1.11 -20.27 -7.37
C GLU A 1044 0.21 -19.66 -6.30
N ASP A 1045 0.77 -19.09 -5.24
CA ASP A 1045 0.00 -18.29 -4.31
C ASP A 1045 -0.17 -16.86 -4.79
N TYR A 1046 0.46 -16.49 -5.90
CA TYR A 1046 0.33 -15.17 -6.51
C TYR A 1046 -0.56 -15.23 -7.75
N GLY A 1047 -1.56 -16.12 -7.76
CA GLY A 1047 -2.43 -16.23 -8.91
C GLY A 1047 -3.41 -15.07 -8.97
N GLU A 1048 -3.70 -14.63 -10.21
CA GLU A 1048 -4.65 -13.56 -10.52
C GLU A 1048 -4.26 -12.24 -9.87
N GLN A 1049 -2.96 -12.01 -9.69
CA GLN A 1049 -2.43 -10.80 -9.08
C GLN A 1049 -1.31 -10.26 -9.95
N LYS A 1050 -1.37 -8.97 -10.27
CA LYS A 1050 -0.45 -8.37 -11.21
C LYS A 1050 0.56 -7.52 -10.47
N SER A 1051 1.84 -7.82 -10.67
CA SER A 1051 2.94 -7.05 -10.11
C SER A 1051 4.16 -7.29 -10.98
N THR A 1052 5.17 -6.43 -10.83
CA THR A 1052 6.39 -6.54 -11.62
C THR A 1052 7.16 -7.80 -11.28
N SER A 1053 7.27 -8.11 -9.99
CA SER A 1053 7.97 -9.32 -9.55
C SER A 1053 7.23 -10.58 -9.97
N ILE A 1054 5.90 -10.58 -9.85
CA ILE A 1054 5.08 -11.71 -10.27
C ILE A 1054 5.19 -11.93 -11.77
N SER A 1055 5.19 -10.84 -12.54
CA SER A 1055 5.28 -10.95 -13.99
C SER A 1055 6.65 -11.44 -14.44
N THR A 1056 7.74 -10.97 -13.81
CA THR A 1056 9.05 -11.46 -14.23
C THR A 1056 9.30 -12.87 -13.71
N ALA A 1057 8.65 -13.29 -12.62
CA ALA A 1057 8.73 -14.69 -12.21
C ALA A 1057 7.99 -15.58 -13.20
N LYS A 1058 6.83 -15.14 -13.68
CA LYS A 1058 6.13 -15.87 -14.73
C LYS A 1058 6.93 -15.92 -16.02
N ARG A 1059 7.62 -14.83 -16.35
CA ARG A 1059 8.50 -14.79 -17.52
C ARG A 1059 9.66 -15.76 -17.38
N LEU A 1060 10.27 -15.83 -16.19
CA LEU A 1060 11.34 -16.80 -15.93
C LEU A 1060 10.83 -18.23 -15.98
N ALA A 1061 9.60 -18.45 -15.49
CA ALA A 1061 9.01 -19.79 -15.54
C ALA A 1061 8.79 -20.25 -16.98
N GLU A 1062 8.14 -19.43 -17.79
CA GLU A 1062 7.91 -19.80 -19.18
C GLU A 1062 9.16 -19.63 -20.06
N PHE A 1063 10.24 -19.10 -19.50
CA PHE A 1063 11.56 -19.12 -20.12
C PHE A 1063 12.31 -20.42 -19.88
N LEU A 1064 12.60 -20.77 -18.62
CA LEU A 1064 13.41 -21.94 -18.29
C LEU A 1064 12.76 -22.80 -17.22
N GLY A 1065 11.50 -23.15 -17.38
CA GLY A 1065 10.99 -24.20 -16.50
C GLY A 1065 10.35 -23.66 -15.24
N ASP A 1066 9.41 -24.43 -14.69
CA ASP A 1066 8.66 -23.97 -13.50
C ASP A 1066 9.46 -24.27 -12.23
N GLN A 1067 10.52 -25.08 -12.33
CA GLN A 1067 11.26 -25.47 -11.13
C GLN A 1067 12.03 -24.30 -10.52
N MET A 1068 12.12 -23.15 -11.21
CA MET A 1068 12.54 -21.94 -10.51
C MET A 1068 11.47 -21.40 -9.59
N VAL A 1069 10.19 -21.59 -9.92
CA VAL A 1069 9.13 -20.90 -9.18
C VAL A 1069 8.36 -21.84 -8.25
N LYS A 1070 8.63 -23.14 -8.27
CA LYS A 1070 7.92 -23.99 -7.29
C LYS A 1070 8.39 -23.80 -5.85
N ASP A 1071 9.53 -23.14 -5.63
CA ASP A 1071 10.06 -22.91 -4.28
C ASP A 1071 10.06 -21.42 -3.97
N ALA A 1072 9.88 -21.12 -2.68
CA ALA A 1072 9.77 -19.74 -2.21
C ALA A 1072 11.16 -19.11 -2.09
N GLY A 1073 11.16 -17.82 -1.77
CA GLY A 1073 12.39 -17.05 -1.71
C GLY A 1073 13.04 -16.82 -3.05
N LEU A 1074 12.24 -16.64 -4.09
CA LEU A 1074 12.77 -16.43 -5.43
C LEU A 1074 13.26 -15.00 -5.59
N SER A 1075 14.52 -14.85 -5.99
CA SER A 1075 15.11 -13.53 -6.23
C SER A 1075 15.09 -13.27 -7.73
N CYS A 1076 14.24 -12.33 -8.16
CA CYS A 1076 14.09 -12.00 -9.57
C CYS A 1076 14.62 -10.58 -9.79
N ARG A 1077 15.58 -10.44 -10.69
CA ARG A 1077 16.14 -9.15 -11.02
C ARG A 1077 15.83 -8.83 -12.47
N TYR A 1078 15.37 -7.60 -12.72
CA TYR A 1078 14.68 -7.29 -13.96
C TYR A 1078 14.89 -5.83 -14.32
N ILE A 1079 14.27 -5.44 -15.44
CA ILE A 1079 14.13 -4.05 -15.85
C ILE A 1079 12.70 -3.85 -16.31
N ILE A 1080 12.34 -2.58 -16.51
CA ILE A 1080 11.02 -2.21 -17.02
C ILE A 1080 11.20 -1.78 -18.46
N SER A 1081 10.54 -2.50 -19.38
CA SER A 1081 10.71 -2.26 -20.80
C SER A 1081 9.70 -1.21 -21.27
N ARG A 1082 9.85 -0.76 -22.52
CA ARG A 1082 8.96 0.25 -23.06
C ARG A 1082 8.41 -0.05 -24.44
N LYS A 1083 8.88 -1.10 -25.13
CA LYS A 1083 8.57 -1.34 -26.54
C LYS A 1083 7.10 -1.68 -26.82
N PRO A 1084 6.35 -2.38 -25.95
CA PRO A 1084 4.89 -2.29 -26.08
C PRO A 1084 4.33 -1.03 -25.44
N GLU A 1085 4.32 0.08 -26.19
CA GLU A 1085 3.85 1.35 -25.66
C GLU A 1085 2.36 1.29 -25.33
N GLY A 1086 1.99 1.92 -24.21
CA GLY A 1086 0.65 1.87 -23.70
C GLY A 1086 0.38 0.73 -22.75
N SER A 1087 1.23 -0.29 -22.74
CA SER A 1087 1.10 -1.36 -21.76
C SER A 1087 1.57 -0.87 -20.39
N PRO A 1088 1.01 -1.42 -19.32
CA PRO A 1088 1.45 -1.03 -17.97
C PRO A 1088 2.82 -1.56 -17.62
N VAL A 1089 3.24 -1.26 -16.38
CA VAL A 1089 4.57 -1.61 -15.90
C VAL A 1089 4.71 -3.11 -15.71
N THR A 1090 3.64 -3.76 -15.24
CA THR A 1090 3.64 -5.20 -15.02
C THR A 1090 3.82 -5.97 -16.32
N GLU A 1091 3.13 -5.54 -17.38
CA GLU A 1091 3.25 -6.20 -18.67
C GLU A 1091 4.55 -5.89 -19.41
N ARG A 1092 5.40 -5.03 -18.84
CA ARG A 1092 6.67 -4.66 -19.46
C ARG A 1092 7.86 -5.01 -18.57
N ALA A 1093 7.59 -5.55 -17.38
CA ALA A 1093 8.61 -6.16 -16.53
C ALA A 1093 9.20 -7.36 -17.25
N ILE A 1094 10.52 -7.36 -17.43
CA ILE A 1094 11.22 -8.37 -18.24
C ILE A 1094 12.51 -8.73 -17.52
N PRO A 1095 12.81 -10.01 -17.31
CA PRO A 1095 14.01 -10.40 -16.56
C PRO A 1095 15.29 -10.11 -17.33
N LEU A 1096 16.40 -10.12 -16.58
CA LEU A 1096 17.72 -9.85 -17.13
C LEU A 1096 18.43 -11.13 -17.55
N ALA A 1097 17.77 -12.28 -17.44
CA ALA A 1097 18.38 -13.55 -17.81
C ALA A 1097 18.21 -13.87 -19.29
N ILE A 1098 17.64 -12.96 -20.08
CA ILE A 1098 17.42 -13.20 -21.49
C ILE A 1098 18.43 -12.43 -22.36
N PHE A 1099 19.24 -11.56 -21.75
CA PHE A 1099 20.33 -10.87 -22.44
C PHE A 1099 21.68 -11.49 -22.12
N GLN A 1100 21.69 -12.78 -21.77
CA GLN A 1100 22.93 -13.53 -21.61
C GLN A 1100 23.05 -14.75 -22.50
N ALA A 1101 21.93 -15.33 -22.95
CA ALA A 1101 21.95 -16.59 -23.68
C ALA A 1101 22.33 -16.38 -25.14
N GLU A 1102 22.25 -17.46 -25.91
CA GLU A 1102 22.56 -17.42 -27.33
C GLU A 1102 21.49 -16.64 -28.10
N PRO A 1103 21.85 -16.04 -29.24
CA PRO A 1103 20.83 -15.36 -30.07
C PRO A 1103 19.70 -16.25 -30.55
N THR A 1104 20.00 -17.51 -30.90
CA THR A 1104 18.97 -18.44 -31.37
C THR A 1104 17.96 -18.80 -30.29
N VAL A 1105 18.36 -18.74 -29.02
CA VAL A 1105 17.44 -18.99 -27.92
C VAL A 1105 17.19 -17.73 -27.10
N ARG A 1106 17.44 -16.55 -27.67
CA ARG A 1106 17.03 -15.31 -27.02
C ARG A 1106 16.20 -14.39 -27.92
N LYS A 1107 16.22 -14.57 -29.25
CA LYS A 1107 15.45 -13.67 -30.10
C LYS A 1107 13.95 -13.92 -29.99
N HIS A 1108 13.55 -15.19 -29.81
CA HIS A 1108 12.14 -15.51 -29.59
C HIS A 1108 11.62 -14.91 -28.28
N PHE A 1109 12.41 -15.01 -27.22
CA PHE A 1109 12.03 -14.40 -25.95
C PHE A 1109 12.16 -12.88 -25.98
N LEU A 1110 12.96 -12.34 -26.89
CA LEU A 1110 12.92 -10.90 -27.11
C LEU A 1110 11.64 -10.47 -27.81
N ARG A 1111 11.18 -11.28 -28.78
CA ARG A 1111 10.01 -10.82 -29.59
C ARG A 1111 8.66 -11.20 -28.95
N LYS A 1112 8.65 -12.01 -27.89
CA LYS A 1112 7.38 -12.45 -27.34
C LYS A 1112 6.71 -11.39 -26.47
N TRP A 1113 7.36 -10.95 -25.40
CA TRP A 1113 6.71 -10.04 -24.46
C TRP A 1113 6.91 -8.57 -24.81
N LEU A 1114 7.68 -8.27 -25.84
CA LEU A 1114 7.75 -6.90 -26.34
C LEU A 1114 6.64 -6.58 -27.32
N LYS A 1115 5.76 -7.56 -27.61
CA LYS A 1115 4.64 -7.45 -28.54
C LYS A 1115 5.12 -7.02 -29.93
N SER A 1116 6.29 -7.51 -30.34
CA SER A 1116 6.91 -7.09 -31.58
C SER A 1116 7.71 -8.27 -32.12
N SER A 1117 7.11 -9.02 -33.03
CA SER A 1117 7.80 -10.15 -33.65
C SER A 1117 8.73 -9.72 -34.78
N SER A 1118 8.69 -8.45 -35.18
CA SER A 1118 9.52 -7.95 -36.28
C SER A 1118 10.73 -7.17 -35.78
N LEU A 1119 11.00 -7.18 -34.47
CA LEU A 1119 12.14 -6.46 -33.94
C LEU A 1119 13.44 -7.19 -34.23
N GLN A 1120 14.53 -6.43 -34.26
CA GLN A 1120 15.85 -6.99 -34.58
C GLN A 1120 16.96 -6.55 -33.63
N ASP A 1121 16.78 -5.46 -32.88
CA ASP A 1121 17.85 -4.94 -32.03
C ASP A 1121 18.07 -5.83 -30.80
N PHE A 1122 19.35 -6.03 -30.48
CA PHE A 1122 19.74 -6.83 -29.33
C PHE A 1122 20.25 -5.98 -28.17
N ASP A 1123 20.32 -4.67 -28.36
CA ASP A 1123 20.80 -3.77 -27.31
C ASP A 1123 19.75 -3.62 -26.22
N ILE A 1124 20.21 -3.52 -24.97
CA ILE A 1124 19.29 -3.35 -23.86
C ILE A 1124 18.74 -1.93 -23.83
N ARG A 1125 19.50 -0.96 -24.37
CA ARG A 1125 19.14 0.46 -24.26
C ARG A 1125 17.90 0.80 -25.08
N ALA A 1126 17.68 0.08 -26.19
CA ALA A 1126 16.43 0.25 -26.94
C ALA A 1126 15.24 -0.28 -26.15
N ILE A 1127 15.44 -1.38 -25.42
CA ILE A 1127 14.36 -2.00 -24.67
C ILE A 1127 14.01 -1.16 -23.43
N LEU A 1128 15.01 -0.51 -22.86
CA LEU A 1128 14.87 0.15 -21.56
C LEU A 1128 13.95 1.37 -21.63
N ASP A 1129 13.21 1.60 -20.54
CA ASP A 1129 12.30 2.73 -20.43
C ASP A 1129 13.05 3.93 -19.85
N TRP A 1130 13.60 4.75 -20.76
CA TRP A 1130 14.35 5.94 -20.37
C TRP A 1130 13.51 6.91 -19.55
N ASP A 1131 12.25 7.12 -19.96
CA ASP A 1131 11.37 8.01 -19.22
C ASP A 1131 11.05 7.51 -17.82
N TYR A 1132 10.87 6.19 -17.66
CA TYR A 1132 10.64 5.62 -16.34
C TYR A 1132 11.86 5.80 -15.44
N TYR A 1133 13.06 5.58 -15.97
CA TYR A 1133 14.24 5.71 -15.13
C TYR A 1133 14.57 7.19 -14.83
N ILE A 1134 14.30 8.08 -15.79
CA ILE A 1134 14.39 9.52 -15.56
C ILE A 1134 13.44 9.94 -14.46
N GLU A 1135 12.19 9.45 -14.49
CA GLU A 1135 11.22 9.80 -13.46
C GLU A 1135 11.59 9.25 -12.08
N ARG A 1136 12.16 8.04 -12.02
CA ARG A 1136 12.60 7.48 -10.74
C ARG A 1136 13.72 8.30 -10.13
N LEU A 1137 14.75 8.62 -10.93
CA LEU A 1137 15.85 9.44 -10.41
C LEU A 1137 15.40 10.85 -10.10
N GLY A 1138 14.45 11.39 -10.88
CA GLY A 1138 13.94 12.72 -10.61
C GLY A 1138 13.13 12.79 -9.32
N SER A 1139 12.35 11.74 -9.04
CA SER A 1139 11.62 11.69 -7.78
C SER A 1139 12.58 11.56 -6.59
N ALA A 1140 13.66 10.78 -6.75
CA ALA A 1140 14.67 10.70 -5.71
C ALA A 1140 15.35 12.05 -5.47
N ILE A 1141 15.69 12.75 -6.55
CA ILE A 1141 16.33 14.07 -6.44
C ILE A 1141 15.38 15.09 -5.83
N GLN A 1142 14.10 15.04 -6.21
CA GLN A 1142 13.10 15.93 -5.63
C GLN A 1142 12.92 15.68 -4.14
N LYS A 1143 12.98 14.42 -3.72
CA LYS A 1143 12.83 14.14 -2.30
C LYS A 1143 14.06 14.57 -1.51
N ILE A 1144 15.26 14.36 -2.06
CA ILE A 1144 16.46 14.63 -1.29
C ILE A 1144 16.80 16.12 -1.27
N ILE A 1145 16.82 16.77 -2.43
CA ILE A 1145 17.50 18.05 -2.60
C ILE A 1145 16.50 19.19 -2.81
N THR A 1146 15.74 19.15 -3.90
CA THR A 1146 15.10 20.36 -4.44
C THR A 1146 13.94 20.84 -3.58
N ILE A 1147 13.04 19.95 -3.17
CA ILE A 1147 11.94 20.31 -2.28
C ILE A 1147 12.45 20.72 -0.89
N PRO A 1148 13.42 20.04 -0.24
CA PRO A 1148 14.01 20.64 0.98
C PRO A 1148 14.71 21.97 0.75
N ALA A 1149 15.29 22.20 -0.43
CA ALA A 1149 15.87 23.51 -0.72
C ALA A 1149 14.79 24.58 -0.82
N ALA A 1150 13.64 24.23 -1.38
CA ALA A 1150 12.52 25.16 -1.40
C ALA A 1150 11.98 25.42 0.00
N LEU A 1151 12.02 24.41 0.88
CA LEU A 1151 11.60 24.62 2.26
C LEU A 1151 12.63 25.36 3.10
N GLN A 1152 13.90 25.38 2.68
CA GLN A 1152 14.94 26.16 3.33
C GLN A 1152 15.30 27.42 2.56
N GLN A 1153 14.44 27.78 1.59
CA GLN A 1153 14.47 29.07 0.88
C GLN A 1153 15.68 29.20 -0.03
N VAL A 1154 15.98 28.12 -0.75
CA VAL A 1154 16.90 28.13 -1.89
C VAL A 1154 16.06 27.97 -3.15
N LYS A 1155 16.48 28.62 -4.24
CA LYS A 1155 15.66 28.72 -5.44
C LYS A 1155 15.42 27.37 -6.11
N ASN A 1156 16.46 26.79 -6.69
CA ASN A 1156 16.43 25.43 -7.24
C ASN A 1156 17.86 24.95 -7.42
N PRO A 1157 18.25 23.84 -6.81
CA PRO A 1157 19.60 23.30 -7.01
C PRO A 1157 19.76 22.64 -8.37
N VAL A 1158 18.80 21.80 -8.73
CA VAL A 1158 18.85 21.03 -9.98
C VAL A 1158 17.82 21.62 -10.93
N PRO A 1159 18.24 22.36 -11.96
CA PRO A 1159 17.26 22.91 -12.90
C PRO A 1159 16.65 21.87 -13.83
N ARG A 1160 17.25 20.69 -13.96
CA ARG A 1160 16.71 19.68 -14.85
C ARG A 1160 15.46 19.03 -14.27
N VAL A 1161 15.46 18.76 -12.96
CA VAL A 1161 14.28 18.23 -12.30
C VAL A 1161 13.32 19.39 -12.04
N LYS A 1162 12.07 19.23 -12.49
CA LYS A 1162 11.07 20.26 -12.28
C LYS A 1162 10.52 20.12 -10.86
N HIS A 1163 9.71 21.08 -10.44
CA HIS A 1163 9.05 21.06 -9.15
C HIS A 1163 7.65 20.51 -9.30
N PRO A 1164 7.04 20.04 -8.22
CA PRO A 1164 5.59 19.79 -8.24
C PRO A 1164 4.81 21.09 -8.40
N ASP A 1165 3.56 20.93 -8.83
CA ASP A 1165 2.73 22.08 -9.19
C ASP A 1165 2.40 22.95 -7.99
N TRP A 1166 2.18 22.35 -6.82
CA TRP A 1166 1.91 23.13 -5.62
C TRP A 1166 3.12 23.95 -5.18
N LEU A 1167 4.32 23.37 -5.28
CA LEU A 1167 5.54 24.10 -4.93
C LEU A 1167 5.83 25.20 -5.94
N HIS A 1168 5.53 24.93 -7.22
CA HIS A 1168 5.66 25.96 -8.26
C HIS A 1168 4.69 27.11 -8.02
N LYS A 1169 3.46 26.80 -7.60
CA LYS A 1169 2.47 27.84 -7.27
C LYS A 1169 2.91 28.69 -6.09
N LYS A 1170 3.43 28.04 -5.03
CA LYS A 1170 3.93 28.78 -3.87
C LYS A 1170 5.13 29.65 -4.21
N LEU A 1171 6.05 29.14 -5.05
CA LEU A 1171 7.19 29.92 -5.47
C LEU A 1171 6.78 31.12 -6.33
N LEU A 1172 5.80 30.93 -7.21
CA LEU A 1172 5.33 32.05 -8.04
C LEU A 1172 4.54 33.06 -7.21
N GLU A 1173 3.85 32.61 -6.15
CA GLU A 1173 3.15 33.55 -5.27
C GLU A 1173 4.16 34.34 -4.45
N LYS A 1174 5.26 33.72 -4.03
CA LYS A 1174 6.26 34.44 -3.27
C LYS A 1174 7.13 35.36 -4.13
N ASN A 1175 7.35 35.01 -5.39
CA ASN A 1175 8.32 35.75 -6.21
C ASN A 1175 7.79 37.09 -6.68
N ASP A 1176 6.51 37.17 -7.06
CA ASP A 1176 5.97 38.37 -7.69
C ASP A 1176 5.75 39.47 -6.66
N VAL A 1177 5.72 40.72 -7.16
CA VAL A 1177 5.56 41.87 -6.29
C VAL A 1177 4.10 42.11 -5.90
N TYR A 1178 3.15 41.61 -6.69
CA TYR A 1178 1.74 41.72 -6.32
C TYR A 1178 1.45 40.80 -5.14
N LYS A 1179 0.45 41.16 -4.35
CA LYS A 1179 0.13 40.42 -3.14
C LYS A 1179 -1.37 40.18 -3.05
N GLN A 1180 -1.74 39.13 -2.32
CA GLN A 1180 -3.13 38.87 -1.97
C GLN A 1180 -3.50 39.73 -0.76
N LYS A 1181 -4.54 40.55 -0.90
CA LYS A 1181 -5.14 41.17 0.27
C LYS A 1181 -6.39 40.42 0.68
N LYS A 1182 -6.98 40.86 1.79
CA LYS A 1182 -8.16 40.24 2.35
C LYS A 1182 -9.32 41.23 2.39
N ILE A 1183 -10.53 40.69 2.31
CA ILE A 1183 -11.72 41.50 2.51
C ILE A 1183 -11.78 42.02 3.95
N SER A 1184 -11.30 41.22 4.91
CA SER A 1184 -11.20 41.66 6.30
C SER A 1184 -10.22 42.82 6.47
N GLU A 1185 -9.15 42.87 5.68
CA GLU A 1185 -8.25 44.02 5.71
C GLU A 1185 -8.83 45.23 4.99
N LEU A 1186 -9.53 44.99 3.87
CA LEU A 1186 -10.00 46.10 3.06
C LEU A 1186 -11.28 46.73 3.61
N PHE A 1187 -12.36 45.97 3.70
CA PHE A 1187 -13.60 46.42 4.32
C PHE A 1187 -13.44 46.27 5.83
N THR A 1188 -14.05 47.18 6.58
CA THR A 1188 -13.98 47.10 8.03
C THR A 1188 -14.84 45.95 8.54
N LEU A 1189 -14.27 45.17 9.46
CA LEU A 1189 -15.01 44.05 10.04
C LEU A 1189 -16.10 44.57 10.97
N GLU A 1190 -17.33 44.10 10.76
CA GLU A 1190 -18.43 44.47 11.65
C GLU A 1190 -18.27 43.81 13.01
N GLY A 1191 -17.86 42.56 13.03
CA GLY A 1191 -17.67 41.82 14.27
C GLY A 1191 -17.93 40.35 14.04
N ARG A 1192 -17.22 39.52 14.81
CA ARG A 1192 -17.33 38.07 14.69
C ARG A 1192 -18.54 37.61 15.48
N ARG A 1193 -19.61 37.25 14.77
CA ARG A 1193 -20.84 36.77 15.38
C ARG A 1193 -20.84 35.25 15.45
N GLN A 1194 -21.71 34.73 16.31
CA GLN A 1194 -21.89 33.29 16.46
C GLN A 1194 -23.27 32.91 15.97
N VAL A 1195 -23.32 31.91 15.09
CA VAL A 1195 -24.57 31.35 14.59
C VAL A 1195 -24.72 29.95 15.17
N THR A 1196 -25.76 29.76 15.97
CA THR A 1196 -25.97 28.51 16.68
C THR A 1196 -27.10 27.72 16.03
N MET A 1197 -27.44 26.59 16.65
CA MET A 1197 -28.55 25.79 16.16
C MET A 1197 -29.88 26.46 16.48
N ALA A 1198 -30.90 26.14 15.69
CA ALA A 1198 -32.22 26.69 15.90
C ALA A 1198 -33.06 25.77 16.79
N MET B 1 -28.68 -28.33 -33.98
CA MET B 1 -28.51 -27.11 -34.77
C MET B 1 -29.23 -25.93 -34.13
N PHE B 2 -28.61 -24.76 -34.21
CA PHE B 2 -29.15 -23.52 -33.70
C PHE B 2 -29.19 -22.49 -34.81
N GLU B 3 -30.39 -22.01 -35.14
CA GLU B 3 -30.54 -20.81 -35.96
C GLU B 3 -31.65 -19.95 -35.37
N ALA B 4 -31.38 -18.66 -35.24
CA ALA B 4 -32.33 -17.68 -34.73
C ALA B 4 -32.15 -16.39 -35.51
N ARG B 5 -33.17 -15.52 -35.46
CA ARG B 5 -33.13 -14.26 -36.19
C ARG B 5 -34.16 -13.31 -35.59
N LEU B 6 -33.75 -12.06 -35.34
CA LEU B 6 -34.65 -11.01 -34.88
C LEU B 6 -34.32 -9.71 -35.63
N VAL B 7 -35.36 -9.04 -36.14
CA VAL B 7 -35.16 -7.78 -36.84
C VAL B 7 -34.72 -6.68 -35.87
N GLN B 8 -35.45 -6.54 -34.76
CA GLN B 8 -35.19 -5.47 -33.80
C GLN B 8 -34.02 -5.88 -32.91
N GLY B 9 -32.82 -5.79 -33.47
CA GLY B 9 -31.64 -6.34 -32.83
C GLY B 9 -31.03 -5.52 -31.73
N SER B 10 -31.60 -4.35 -31.41
CA SER B 10 -31.07 -3.55 -30.31
C SER B 10 -31.48 -4.09 -28.95
N ILE B 11 -32.50 -4.97 -28.89
CA ILE B 11 -33.00 -5.47 -27.62
C ILE B 11 -31.98 -6.37 -26.94
N LEU B 12 -31.26 -7.18 -27.73
CA LEU B 12 -30.18 -8.00 -27.18
C LEU B 12 -29.05 -7.12 -26.65
N LYS B 13 -28.73 -6.04 -27.36
CA LYS B 13 -27.69 -5.11 -26.89
C LYS B 13 -28.10 -4.43 -25.59
N LYS B 14 -29.38 -4.05 -25.48
CA LYS B 14 -29.86 -3.41 -24.25
C LYS B 14 -29.88 -4.38 -23.07
N VAL B 15 -30.32 -5.62 -23.27
CA VAL B 15 -30.35 -6.56 -22.16
C VAL B 15 -28.93 -6.99 -21.77
N LEU B 16 -27.99 -7.04 -22.73
CA LEU B 16 -26.62 -7.39 -22.36
C LEU B 16 -25.90 -6.23 -21.69
N GLU B 17 -26.18 -4.98 -22.09
CA GLU B 17 -25.65 -3.83 -21.36
C GLU B 17 -26.24 -3.74 -19.96
N ALA B 18 -27.48 -4.17 -19.79
CA ALA B 18 -28.09 -4.20 -18.46
C ALA B 18 -27.51 -5.32 -17.60
N LEU B 19 -27.14 -6.44 -18.21
CA LEU B 19 -26.61 -7.58 -17.49
C LEU B 19 -25.09 -7.62 -17.42
N LYS B 20 -24.40 -6.63 -17.98
CA LYS B 20 -22.94 -6.66 -17.99
C LYS B 20 -22.37 -6.42 -16.60
N ASP B 21 -22.90 -5.42 -15.90
CA ASP B 21 -22.30 -4.98 -14.63
C ASP B 21 -22.62 -5.92 -13.48
N LEU B 22 -23.80 -6.54 -13.47
CA LEU B 22 -24.23 -7.31 -12.30
C LEU B 22 -23.67 -8.73 -12.31
N ILE B 23 -23.94 -9.49 -13.36
CA ILE B 23 -23.56 -10.91 -13.41
C ILE B 23 -22.37 -11.08 -14.36
N ASN B 24 -21.44 -11.94 -13.98
CA ASN B 24 -20.24 -12.20 -14.75
C ASN B 24 -20.35 -13.40 -15.67
N GLU B 25 -21.00 -14.47 -15.23
CA GLU B 25 -21.21 -15.66 -16.04
C GLU B 25 -22.69 -16.03 -16.02
N ALA B 26 -23.11 -16.79 -17.02
CA ALA B 26 -24.51 -17.17 -17.15
C ALA B 26 -24.61 -18.50 -17.88
N CYS B 27 -25.84 -19.02 -17.95
CA CYS B 27 -26.10 -20.27 -18.67
C CYS B 27 -27.34 -20.08 -19.53
N TRP B 28 -27.15 -20.18 -20.85
CA TRP B 28 -28.25 -20.02 -21.80
C TRP B 28 -29.01 -21.34 -21.91
N ASP B 29 -30.27 -21.35 -21.46
CA ASP B 29 -31.09 -22.55 -21.40
C ASP B 29 -32.09 -22.52 -22.55
N ILE B 30 -32.08 -23.56 -23.37
CA ILE B 30 -32.81 -23.58 -24.64
C ILE B 30 -33.95 -24.58 -24.51
N SER B 31 -35.13 -24.20 -24.98
CA SER B 31 -36.28 -25.09 -25.03
C SER B 31 -37.25 -24.60 -26.10
N SER B 32 -38.20 -25.47 -26.44
CA SER B 32 -39.28 -25.07 -27.34
C SER B 32 -40.31 -24.21 -26.62
N SER B 33 -40.49 -24.41 -25.31
CA SER B 33 -41.44 -23.60 -24.56
C SER B 33 -40.93 -22.19 -24.35
N GLY B 34 -39.65 -22.03 -24.05
CA GLY B 34 -39.09 -20.71 -23.86
C GLY B 34 -37.62 -20.79 -23.51
N VAL B 35 -36.89 -19.77 -23.95
CA VAL B 35 -35.44 -19.71 -23.76
C VAL B 35 -35.17 -19.00 -22.44
N ASN B 36 -34.45 -19.66 -21.54
CA ASN B 36 -34.28 -19.21 -20.17
C ASN B 36 -32.84 -18.79 -19.90
N LEU B 37 -32.68 -17.72 -19.13
CA LEU B 37 -31.40 -17.35 -18.53
C LEU B 37 -31.57 -17.34 -17.01
N GLN B 38 -30.61 -17.91 -16.30
CA GLN B 38 -30.67 -18.01 -14.84
C GLN B 38 -29.26 -17.89 -14.28
N SER B 39 -28.89 -16.68 -13.89
CA SER B 39 -27.54 -16.42 -13.42
C SER B 39 -27.58 -15.69 -12.08
N MET B 40 -26.49 -15.81 -11.34
CA MET B 40 -26.34 -15.18 -10.04
C MET B 40 -25.10 -14.28 -10.07
N ASP B 41 -25.17 -13.17 -9.34
CA ASP B 41 -24.08 -12.21 -9.31
C ASP B 41 -22.93 -12.73 -8.47
N SER B 42 -21.80 -12.00 -8.46
CA SER B 42 -20.60 -12.48 -7.79
C SER B 42 -20.74 -12.42 -6.27
N SER B 43 -21.57 -11.53 -5.75
CA SER B 43 -21.85 -11.47 -4.32
C SER B 43 -22.96 -12.44 -3.91
N HIS B 44 -23.59 -13.10 -4.89
CA HIS B 44 -24.57 -14.17 -4.69
C HIS B 44 -25.78 -13.72 -3.87
N VAL B 45 -26.17 -12.46 -4.00
CA VAL B 45 -27.40 -11.95 -3.38
C VAL B 45 -28.41 -11.45 -4.40
N SER B 46 -28.10 -11.52 -5.69
CA SER B 46 -29.04 -11.13 -6.74
C SER B 46 -29.19 -12.26 -7.74
N LEU B 47 -30.44 -12.55 -8.09
CA LEU B 47 -30.76 -13.60 -9.05
C LEU B 47 -31.40 -12.97 -10.27
N VAL B 48 -31.09 -13.51 -11.45
CA VAL B 48 -31.45 -12.92 -12.73
C VAL B 48 -32.23 -13.95 -13.54
N GLN B 49 -33.42 -13.57 -14.01
CA GLN B 49 -34.18 -14.38 -14.95
C GLN B 49 -34.46 -13.56 -16.20
N LEU B 50 -33.87 -13.99 -17.32
CA LEU B 50 -34.09 -13.36 -18.62
C LEU B 50 -34.71 -14.41 -19.53
N THR B 51 -35.96 -14.18 -19.94
CA THR B 51 -36.68 -15.10 -20.81
C THR B 51 -36.95 -14.44 -22.15
N LEU B 52 -36.58 -15.12 -23.23
CA LEU B 52 -36.88 -14.68 -24.59
C LEU B 52 -37.78 -15.72 -25.23
N ARG B 53 -38.96 -15.28 -25.69
CA ARG B 53 -39.93 -16.21 -26.28
C ARG B 53 -39.45 -16.70 -27.64
N SER B 54 -39.85 -17.92 -27.97
CA SER B 54 -39.45 -18.54 -29.23
C SER B 54 -40.16 -17.93 -30.42
N GLU B 55 -41.45 -17.59 -30.28
CA GLU B 55 -42.20 -17.04 -31.40
C GLU B 55 -41.87 -15.60 -31.70
N GLY B 56 -41.18 -14.90 -30.78
CA GLY B 56 -40.76 -13.54 -31.04
C GLY B 56 -39.68 -13.43 -32.09
N PHE B 57 -38.88 -14.47 -32.26
CA PHE B 57 -37.91 -14.50 -33.35
C PHE B 57 -38.62 -14.67 -34.68
N ASP B 58 -38.05 -14.06 -35.73
CA ASP B 58 -38.61 -14.21 -37.07
C ASP B 58 -38.43 -15.62 -37.58
N THR B 59 -37.21 -16.15 -37.53
CA THR B 59 -36.91 -17.53 -37.86
C THR B 59 -36.31 -18.20 -36.65
N TYR B 60 -36.88 -19.33 -36.25
CA TYR B 60 -36.37 -20.08 -35.12
C TYR B 60 -36.51 -21.57 -35.42
N ARG B 61 -35.46 -22.33 -35.15
CA ARG B 61 -35.47 -23.78 -35.36
C ARG B 61 -34.44 -24.41 -34.44
N CYS B 62 -34.91 -25.11 -33.41
CA CYS B 62 -34.06 -25.84 -32.48
C CYS B 62 -34.59 -27.26 -32.38
N ASP B 63 -33.68 -28.23 -32.27
CA ASP B 63 -34.06 -29.64 -32.31
C ASP B 63 -34.13 -30.29 -30.95
N ARG B 64 -33.39 -29.78 -29.96
CA ARG B 64 -33.44 -30.35 -28.62
C ARG B 64 -33.12 -29.26 -27.61
N ASN B 65 -33.18 -29.64 -26.33
CA ASN B 65 -32.87 -28.73 -25.23
C ASN B 65 -31.36 -28.72 -25.01
N LEU B 66 -30.76 -27.54 -25.04
CA LEU B 66 -29.31 -27.41 -24.97
C LEU B 66 -28.91 -26.43 -23.87
N ALA B 67 -27.68 -26.60 -23.39
CA ALA B 67 -27.09 -25.73 -22.38
C ALA B 67 -25.84 -25.07 -22.95
N MET B 68 -25.55 -23.86 -22.49
CA MET B 68 -24.49 -23.03 -23.07
C MET B 68 -23.77 -22.32 -21.93
N GLY B 69 -22.45 -22.49 -21.86
CA GLY B 69 -21.64 -21.79 -20.89
C GLY B 69 -21.08 -20.49 -21.45
N VAL B 70 -21.48 -19.36 -20.88
CA VAL B 70 -21.18 -18.05 -21.44
C VAL B 70 -20.92 -17.05 -20.32
N ASN B 71 -19.85 -16.27 -20.47
CA ASN B 71 -19.67 -15.10 -19.61
C ASN B 71 -20.29 -13.88 -20.28
N LEU B 72 -21.08 -13.13 -19.53
CA LEU B 72 -21.89 -12.07 -20.12
C LEU B 72 -21.16 -10.75 -20.26
N THR B 73 -19.99 -10.58 -19.63
CA THR B 73 -19.22 -9.36 -19.83
C THR B 73 -18.60 -9.34 -21.23
N SER B 74 -17.99 -10.45 -21.63
CA SER B 74 -17.47 -10.60 -22.98
C SER B 74 -18.59 -10.55 -24.00
N MET B 75 -19.74 -11.16 -23.67
CA MET B 75 -20.88 -11.16 -24.57
C MET B 75 -21.47 -9.76 -24.73
N SER B 76 -21.44 -8.95 -23.67
CA SER B 76 -21.97 -7.59 -23.74
C SER B 76 -21.01 -6.66 -24.48
N LYS B 77 -19.71 -6.79 -24.23
CA LYS B 77 -18.77 -5.94 -24.95
C LYS B 77 -18.49 -6.44 -26.37
N ILE B 78 -18.99 -7.63 -26.74
CA ILE B 78 -18.99 -8.03 -28.14
C ILE B 78 -20.34 -7.74 -28.82
N LEU B 79 -21.40 -7.51 -28.05
CA LEU B 79 -22.70 -7.15 -28.61
C LEU B 79 -22.85 -5.65 -28.81
N LYS B 80 -22.05 -4.85 -28.13
CA LYS B 80 -22.12 -3.39 -28.25
C LYS B 80 -21.56 -2.89 -29.57
N CYS B 81 -20.93 -3.75 -30.37
CA CYS B 81 -20.49 -3.39 -31.71
C CYS B 81 -21.66 -3.17 -32.66
N ALA B 82 -22.81 -3.76 -32.38
CA ALA B 82 -23.99 -3.60 -33.22
C ALA B 82 -24.58 -2.21 -33.03
N GLY B 83 -25.36 -1.78 -34.02
CA GLY B 83 -26.05 -0.52 -33.95
C GLY B 83 -27.38 -0.63 -33.23
N ASN B 84 -28.21 0.38 -33.43
CA ASN B 84 -29.51 0.44 -32.78
C ASN B 84 -30.64 -0.12 -33.63
N GLU B 85 -30.37 -0.50 -34.89
CA GLU B 85 -31.43 -0.93 -35.78
C GLU B 85 -31.04 -2.12 -36.66
N ASP B 86 -29.84 -2.68 -36.47
CA ASP B 86 -29.41 -3.79 -37.31
C ASP B 86 -30.12 -5.08 -36.91
N ILE B 87 -30.22 -5.99 -37.86
CA ILE B 87 -30.92 -7.26 -37.67
C ILE B 87 -29.93 -8.30 -37.16
N ILE B 88 -30.27 -8.93 -36.04
CA ILE B 88 -29.42 -9.95 -35.42
C ILE B 88 -29.86 -11.33 -35.90
N THR B 89 -28.89 -12.21 -36.14
CA THR B 89 -29.15 -13.63 -36.34
C THR B 89 -28.19 -14.42 -35.47
N LEU B 90 -28.71 -15.38 -34.72
CA LEU B 90 -27.91 -16.22 -33.84
C LEU B 90 -27.77 -17.62 -34.41
N ARG B 91 -26.58 -18.20 -34.25
CA ARG B 91 -26.27 -19.51 -34.82
C ARG B 91 -25.32 -20.25 -33.87
N ALA B 92 -25.50 -21.57 -33.79
CA ALA B 92 -24.58 -22.45 -33.06
C ALA B 92 -24.79 -23.87 -33.55
N GLU B 93 -23.85 -24.75 -33.19
CA GLU B 93 -24.01 -26.17 -33.40
C GLU B 93 -24.48 -26.80 -32.09
N ASP B 94 -24.50 -28.14 -32.03
CA ASP B 94 -24.95 -28.83 -30.83
C ASP B 94 -23.94 -28.72 -29.70
N ASN B 95 -22.66 -28.93 -30.00
CA ASN B 95 -21.59 -28.89 -29.01
C ASN B 95 -20.38 -28.16 -29.56
N ALA B 96 -20.61 -27.01 -30.19
CA ALA B 96 -19.53 -26.27 -30.82
C ALA B 96 -18.66 -25.56 -29.78
N ASP B 97 -17.53 -25.02 -30.26
CA ASP B 97 -16.64 -24.22 -29.43
C ASP B 97 -16.84 -22.73 -29.61
N THR B 98 -17.83 -22.31 -30.40
CA THR B 98 -18.05 -20.90 -30.68
C THR B 98 -19.54 -20.60 -30.71
N LEU B 99 -19.88 -19.35 -30.40
CA LEU B 99 -21.22 -18.83 -30.56
C LEU B 99 -21.20 -17.85 -31.72
N ALA B 100 -22.02 -18.11 -32.74
CA ALA B 100 -22.11 -17.28 -33.91
C ALA B 100 -23.31 -16.34 -33.81
N LEU B 101 -23.03 -15.04 -33.78
CA LEU B 101 -24.07 -14.03 -33.85
C LEU B 101 -23.68 -13.04 -34.94
N VAL B 102 -24.62 -12.77 -35.85
CA VAL B 102 -24.36 -11.96 -37.03
C VAL B 102 -25.27 -10.74 -36.99
N PHE B 103 -24.71 -9.57 -37.29
CA PHE B 103 -25.48 -8.35 -37.46
C PHE B 103 -25.47 -7.94 -38.93
N GLU B 104 -26.66 -7.71 -39.47
CA GLU B 104 -26.81 -7.19 -40.83
C GLU B 104 -27.58 -5.88 -40.78
N ALA B 105 -27.12 -4.91 -41.58
CA ALA B 105 -27.78 -3.62 -41.67
C ALA B 105 -29.11 -3.77 -42.39
N PRO B 106 -30.07 -2.86 -42.12
CA PRO B 106 -31.33 -2.88 -42.89
C PRO B 106 -31.16 -2.68 -44.39
N ASN B 107 -30.12 -1.96 -44.81
CA ASN B 107 -29.81 -1.79 -46.23
C ASN B 107 -28.72 -2.74 -46.70
N GLN B 108 -28.37 -3.74 -45.88
CA GLN B 108 -27.39 -4.81 -46.19
C GLN B 108 -25.99 -4.27 -46.47
N GLU B 109 -25.66 -3.08 -45.95
CA GLU B 109 -24.36 -2.51 -46.23
C GLU B 109 -23.29 -3.00 -45.26
N LYS B 110 -23.67 -3.62 -44.14
CA LYS B 110 -22.73 -4.04 -43.11
C LYS B 110 -23.21 -5.38 -42.54
N VAL B 111 -22.65 -6.47 -43.04
CA VAL B 111 -22.92 -7.81 -42.53
C VAL B 111 -21.72 -8.19 -41.66
N SER B 112 -21.99 -8.49 -40.39
CA SER B 112 -20.95 -8.60 -39.37
C SER B 112 -21.20 -9.82 -38.48
N ASP B 113 -20.44 -10.90 -38.73
CA ASP B 113 -20.55 -12.13 -37.96
C ASP B 113 -19.45 -12.22 -36.91
N TYR B 114 -19.85 -12.43 -35.65
CA TYR B 114 -18.92 -12.48 -34.53
C TYR B 114 -18.84 -13.87 -33.94
N GLU B 115 -17.62 -14.40 -33.84
CA GLU B 115 -17.34 -15.69 -33.25
C GLU B 115 -16.53 -15.47 -31.98
N MET B 116 -17.01 -16.00 -30.86
CA MET B 116 -16.29 -15.86 -29.61
C MET B 116 -16.08 -17.23 -28.98
N LYS B 117 -15.08 -17.32 -28.11
CA LYS B 117 -14.76 -18.57 -27.42
C LYS B 117 -15.67 -18.69 -26.21
N LEU B 118 -16.39 -19.81 -26.11
CA LEU B 118 -17.16 -20.11 -24.92
C LEU B 118 -16.27 -20.72 -23.84
N MET B 119 -16.75 -20.69 -22.60
CA MET B 119 -16.09 -21.36 -21.49
C MET B 119 -17.04 -22.37 -20.87
N ASP B 120 -16.58 -23.62 -20.76
CA ASP B 120 -17.41 -24.69 -20.22
C ASP B 120 -17.33 -24.68 -18.69
N LEU B 121 -18.47 -24.39 -18.05
CA LEU B 121 -18.55 -24.39 -16.60
C LEU B 121 -19.68 -25.28 -16.12
N ASP B 122 -19.89 -25.37 -14.81
CA ASP B 122 -20.99 -26.12 -14.26
C ASP B 122 -22.30 -25.38 -14.51
N VAL B 123 -23.27 -26.08 -15.06
CA VAL B 123 -24.56 -25.49 -15.43
C VAL B 123 -25.55 -25.84 -14.33
N GLU B 124 -25.87 -24.85 -13.49
CA GLU B 124 -26.73 -25.04 -12.33
C GLU B 124 -28.11 -24.45 -12.63
N GLN B 125 -29.15 -25.24 -12.40
CA GLN B 125 -30.53 -24.83 -12.65
C GLN B 125 -31.31 -24.91 -11.35
N LEU B 126 -31.77 -23.76 -10.87
CA LEU B 126 -32.59 -23.67 -9.66
C LEU B 126 -33.96 -23.15 -10.06
N GLY B 127 -34.97 -24.02 -9.98
CA GLY B 127 -36.32 -23.63 -10.31
C GLY B 127 -36.95 -22.77 -9.24
N ILE B 128 -37.15 -21.49 -9.55
CA ILE B 128 -37.75 -20.54 -8.62
C ILE B 128 -39.26 -20.54 -8.87
N PRO B 129 -40.10 -20.28 -7.86
CA PRO B 129 -41.54 -20.22 -8.11
C PRO B 129 -41.98 -18.82 -8.49
N GLU B 130 -42.99 -18.74 -9.37
CA GLU B 130 -43.63 -17.47 -9.71
C GLU B 130 -44.75 -17.24 -8.71
N GLN B 131 -44.36 -16.83 -7.50
CA GLN B 131 -45.29 -16.59 -6.41
C GLN B 131 -46.12 -15.35 -6.69
N GLU B 132 -47.39 -15.39 -6.27
CA GLU B 132 -48.29 -14.25 -6.42
C GLU B 132 -47.81 -13.07 -5.58
N TYR B 133 -48.00 -11.86 -6.10
CA TYR B 133 -47.35 -10.69 -5.54
C TYR B 133 -48.38 -9.75 -4.91
N SER B 134 -48.03 -9.22 -3.73
CA SER B 134 -48.96 -8.38 -3.00
C SER B 134 -49.10 -7.01 -3.66
N CYS B 135 -48.02 -6.46 -4.19
CA CYS B 135 -48.04 -5.15 -4.83
C CYS B 135 -47.27 -5.19 -6.14
N VAL B 136 -47.87 -4.65 -7.19
CA VAL B 136 -47.19 -4.39 -8.45
C VAL B 136 -47.40 -2.92 -8.79
N VAL B 137 -46.45 -2.34 -9.53
CA VAL B 137 -46.51 -0.94 -9.94
C VAL B 137 -45.96 -0.83 -11.36
N LYS B 138 -46.79 -0.39 -12.29
CA LYS B 138 -46.39 -0.23 -13.69
C LYS B 138 -46.07 1.23 -13.93
N MET B 139 -44.77 1.54 -13.94
CA MET B 139 -44.27 2.91 -13.90
C MET B 139 -43.11 3.03 -14.87
N PRO B 140 -42.84 4.25 -15.39
CA PRO B 140 -41.82 4.41 -16.44
C PRO B 140 -40.40 4.12 -15.97
N SER B 141 -39.54 3.79 -16.94
CA SER B 141 -38.17 3.40 -16.64
C SER B 141 -37.30 4.58 -16.24
N GLY B 142 -37.40 5.68 -17.00
CA GLY B 142 -36.58 6.84 -16.72
C GLY B 142 -36.89 7.50 -15.39
N GLU B 143 -38.16 7.44 -14.98
CA GLU B 143 -38.55 7.97 -13.67
C GLU B 143 -37.96 7.14 -12.54
N PHE B 144 -37.91 5.82 -12.69
CA PHE B 144 -37.29 4.97 -11.66
C PHE B 144 -35.78 5.14 -11.65
N ALA B 145 -35.17 5.32 -12.83
CA ALA B 145 -33.74 5.60 -12.91
C ALA B 145 -33.41 6.93 -12.24
N ARG B 146 -34.28 7.93 -12.42
CA ARG B 146 -34.12 9.20 -11.74
C ARG B 146 -34.29 9.05 -10.23
N ILE B 147 -35.23 8.21 -9.79
CA ILE B 147 -35.43 7.97 -8.35
C ILE B 147 -34.19 7.33 -7.73
N CYS B 148 -33.62 6.33 -8.40
CA CYS B 148 -32.43 5.67 -7.88
C CYS B 148 -31.22 6.61 -7.90
N ARG B 149 -31.02 7.35 -8.97
CA ARG B 149 -29.84 8.21 -9.07
C ARG B 149 -29.99 9.47 -8.24
N ASP B 150 -31.20 9.81 -7.81
CA ASP B 150 -31.35 10.92 -6.86
C ASP B 150 -31.23 10.44 -5.42
N LEU B 151 -31.71 9.24 -5.11
CA LEU B 151 -31.55 8.74 -3.76
C LEU B 151 -30.14 8.24 -3.48
N SER B 152 -29.35 7.95 -4.51
CA SER B 152 -27.98 7.50 -4.31
C SER B 152 -27.08 8.60 -3.74
N HIS B 153 -27.41 9.86 -4.00
CA HIS B 153 -26.61 10.96 -3.49
C HIS B 153 -26.81 11.20 -2.01
N ILE B 154 -27.97 10.84 -1.46
CA ILE B 154 -28.30 11.17 -0.07
C ILE B 154 -28.13 9.96 0.84
N GLY B 155 -28.25 8.75 0.32
CA GLY B 155 -28.17 7.58 1.18
C GLY B 155 -27.64 6.32 0.52
N ASP B 156 -27.77 5.19 1.22
CA ASP B 156 -27.34 3.90 0.70
C ASP B 156 -28.33 2.77 0.94
N ALA B 157 -29.51 3.06 1.50
CA ALA B 157 -30.55 2.07 1.71
C ALA B 157 -31.90 2.72 1.49
N VAL B 158 -32.72 2.11 0.65
CA VAL B 158 -33.98 2.69 0.20
C VAL B 158 -35.13 2.00 0.92
N VAL B 159 -35.92 2.77 1.65
CA VAL B 159 -37.12 2.26 2.31
C VAL B 159 -38.30 2.50 1.37
N ILE B 160 -38.66 1.49 0.60
CA ILE B 160 -39.74 1.58 -0.37
C ILE B 160 -41.05 1.22 0.31
N SER B 161 -41.98 2.16 0.36
CA SER B 161 -43.27 1.98 1.01
C SER B 161 -44.37 2.31 0.01
N CYS B 162 -45.45 1.53 0.05
CA CYS B 162 -46.58 1.72 -0.85
C CYS B 162 -47.87 1.55 -0.08
N ALA B 163 -48.88 2.35 -0.42
CA ALA B 163 -50.17 2.32 0.25
C ALA B 163 -51.21 2.88 -0.72
N LYS B 164 -52.39 3.21 -0.19
CA LYS B 164 -53.48 3.73 -1.01
C LYS B 164 -53.14 5.11 -1.57
N ASP B 165 -52.30 5.88 -0.87
CA ASP B 165 -51.84 7.16 -1.40
C ASP B 165 -50.89 7.00 -2.57
N GLY B 166 -50.29 5.83 -2.75
CA GLY B 166 -49.42 5.57 -3.88
C GLY B 166 -48.19 4.76 -3.55
N VAL B 167 -47.01 5.26 -3.94
CA VAL B 167 -45.74 4.63 -3.63
C VAL B 167 -44.78 5.70 -3.11
N LYS B 168 -43.84 5.27 -2.27
CA LYS B 168 -42.93 6.18 -1.60
C LYS B 168 -41.53 5.57 -1.57
N PHE B 169 -40.52 6.39 -1.86
CA PHE B 169 -39.13 5.95 -1.85
C PHE B 169 -38.34 6.86 -0.90
N SER B 170 -37.94 6.32 0.25
CA SER B 170 -37.30 7.09 1.29
C SER B 170 -35.83 6.67 1.46
N ALA B 171 -35.03 7.58 2.02
CA ALA B 171 -33.63 7.32 2.26
C ALA B 171 -33.15 8.13 3.46
N SER B 172 -31.96 7.79 3.95
CA SER B 172 -31.35 8.48 5.06
C SER B 172 -29.84 8.38 4.94
N GLY B 173 -29.13 9.31 5.57
CA GLY B 173 -27.69 9.30 5.49
C GLY B 173 -27.07 10.50 6.16
N GLU B 174 -25.81 10.77 5.79
CA GLU B 174 -25.04 11.85 6.42
C GLU B 174 -25.48 13.22 5.95
N LEU B 175 -26.23 13.31 4.86
CA LEU B 175 -26.75 14.59 4.40
C LEU B 175 -28.11 14.92 5.03
N GLY B 176 -29.00 13.94 5.08
CA GLY B 176 -30.31 14.16 5.68
C GLY B 176 -31.26 13.05 5.29
N ASN B 177 -32.55 13.33 5.49
CA ASN B 177 -33.61 12.37 5.23
C ASN B 177 -34.51 12.91 4.13
N GLY B 178 -34.68 12.13 3.06
CA GLY B 178 -35.49 12.54 1.94
C GLY B 178 -36.44 11.45 1.51
N ASN B 179 -37.49 11.86 0.80
CA ASN B 179 -38.50 10.93 0.32
C ASN B 179 -39.12 11.45 -0.97
N ILE B 180 -39.42 10.53 -1.89
CA ILE B 180 -40.08 10.84 -3.16
C ILE B 180 -41.45 10.18 -3.13
N LYS B 181 -42.50 10.98 -3.32
CA LYS B 181 -43.88 10.51 -3.21
C LYS B 181 -44.55 10.52 -4.57
N LEU B 182 -45.17 9.40 -4.94
CA LEU B 182 -45.92 9.27 -6.18
C LEU B 182 -47.35 8.83 -5.87
N SER B 183 -48.33 9.45 -6.51
CA SER B 183 -49.74 9.12 -6.30
C SER B 183 -50.23 8.13 -7.35
N GLN B 184 -51.56 7.95 -7.41
CA GLN B 184 -52.17 6.91 -8.21
C GLN B 184 -52.16 7.20 -9.70
N THR B 185 -51.97 8.48 -10.09
CA THR B 185 -52.05 8.98 -11.48
C THR B 185 -53.32 8.53 -12.19
N SER B 186 -54.45 8.61 -11.49
CA SER B 186 -55.73 8.19 -12.05
C SER B 186 -56.43 9.32 -12.80
N ASN B 187 -55.91 10.55 -12.74
CA ASN B 187 -56.56 11.65 -13.43
C ASN B 187 -56.30 11.61 -14.93
N VAL B 188 -55.12 11.14 -15.33
CA VAL B 188 -54.76 11.07 -16.74
C VAL B 188 -54.52 9.60 -17.09
N ASP B 189 -54.66 9.29 -18.38
CA ASP B 189 -54.47 7.93 -18.91
C ASP B 189 -53.51 8.03 -20.11
N LYS B 190 -52.22 7.92 -19.83
CA LYS B 190 -51.19 7.96 -20.86
C LYS B 190 -50.61 6.57 -21.08
N GLU B 191 -50.03 6.37 -22.25
CA GLU B 191 -49.49 5.07 -22.63
C GLU B 191 -48.07 4.83 -22.14
N GLU B 192 -47.33 5.89 -21.80
CA GLU B 192 -45.97 5.75 -21.32
C GLU B 192 -45.73 6.39 -19.96
N GLU B 193 -46.26 7.59 -19.73
CA GLU B 193 -46.07 8.31 -18.48
C GLU B 193 -47.21 8.04 -17.49
N ALA B 194 -47.46 6.77 -17.21
CA ALA B 194 -48.52 6.35 -16.30
C ALA B 194 -47.92 5.49 -15.19
N VAL B 195 -48.33 5.75 -13.96
CA VAL B 195 -47.91 4.99 -12.79
C VAL B 195 -49.15 4.32 -12.22
N THR B 196 -49.38 3.07 -12.59
CA THR B 196 -50.56 2.32 -12.16
C THR B 196 -50.15 1.27 -11.14
N ILE B 197 -50.90 1.20 -10.04
CA ILE B 197 -50.58 0.29 -8.94
C ILE B 197 -51.70 -0.75 -8.82
N GLU B 198 -51.37 -1.84 -8.13
CA GLU B 198 -52.35 -2.87 -7.73
C GLU B 198 -51.87 -3.49 -6.43
N MET B 199 -52.66 -3.34 -5.37
CA MET B 199 -52.23 -3.67 -4.01
C MET B 199 -53.28 -4.54 -3.32
N ASN B 200 -52.83 -5.57 -2.61
CA ASN B 200 -53.67 -6.28 -1.66
C ASN B 200 -53.34 -5.98 -0.21
N GLU B 201 -52.16 -5.41 0.07
CA GLU B 201 -51.71 -5.13 1.43
C GLU B 201 -50.58 -4.11 1.35
N PRO B 202 -50.66 -2.98 2.06
CA PRO B 202 -49.53 -2.03 2.07
C PRO B 202 -48.31 -2.54 2.82
N VAL B 203 -47.27 -2.92 2.08
CA VAL B 203 -46.07 -3.56 2.61
C VAL B 203 -44.88 -2.67 2.29
N GLN B 204 -43.98 -2.49 3.26
CA GLN B 204 -42.76 -1.72 3.07
C GLN B 204 -41.53 -2.58 3.38
N LEU B 205 -40.49 -2.43 2.55
CA LEU B 205 -39.22 -3.12 2.77
C LEU B 205 -38.07 -2.16 2.56
N THR B 206 -36.87 -2.61 2.93
CA THR B 206 -35.63 -1.88 2.73
C THR B 206 -34.72 -2.67 1.80
N PHE B 207 -34.09 -1.97 0.85
CA PHE B 207 -33.27 -2.61 -0.16
C PHE B 207 -31.92 -1.92 -0.29
N ALA B 208 -31.06 -2.53 -1.11
CA ALA B 208 -29.72 -1.99 -1.34
C ALA B 208 -29.72 -1.09 -2.56
N LEU B 209 -29.22 0.13 -2.38
CA LEU B 209 -29.39 1.19 -3.38
C LEU B 209 -28.45 1.04 -4.57
N ARG B 210 -27.19 0.60 -4.34
CA ARG B 210 -26.32 0.34 -5.49
C ARG B 210 -26.80 -0.84 -6.32
N TYR B 211 -27.46 -1.82 -5.70
CA TYR B 211 -28.06 -2.89 -6.47
C TYR B 211 -29.22 -2.40 -7.32
N LEU B 212 -30.00 -1.45 -6.80
CA LEU B 212 -31.03 -0.80 -7.60
C LEU B 212 -30.41 0.01 -8.74
N ASN B 213 -29.24 0.60 -8.51
CA ASN B 213 -28.54 1.30 -9.58
C ASN B 213 -28.02 0.35 -10.66
N PHE B 214 -27.58 -0.85 -10.26
CA PHE B 214 -27.21 -1.85 -11.26
C PHE B 214 -28.43 -2.40 -12.00
N PHE B 215 -29.58 -2.45 -11.32
CA PHE B 215 -30.78 -2.99 -11.94
C PHE B 215 -31.33 -2.09 -13.03
N THR B 216 -31.20 -0.77 -12.86
CA THR B 216 -31.85 0.18 -13.75
C THR B 216 -30.92 0.61 -14.89
N LYS B 217 -30.04 -0.29 -15.33
CA LYS B 217 -29.39 -0.17 -16.64
C LYS B 217 -30.24 -0.76 -17.74
N ALA B 218 -31.41 -1.32 -17.40
CA ALA B 218 -32.40 -1.79 -18.36
C ALA B 218 -33.46 -0.74 -18.63
N THR B 219 -33.10 0.54 -18.52
CA THR B 219 -34.02 1.62 -18.88
C THR B 219 -34.41 1.62 -20.36
N PRO B 220 -33.51 1.46 -21.35
CA PRO B 220 -34.00 1.43 -22.74
C PRO B 220 -34.65 0.11 -23.16
N LEU B 221 -34.85 -0.84 -22.25
CA LEU B 221 -35.59 -2.05 -22.58
C LEU B 221 -37.05 -1.74 -22.89
N SER B 222 -37.69 -0.97 -22.01
CA SER B 222 -39.10 -0.64 -22.17
C SER B 222 -39.39 0.65 -21.44
N SER B 223 -40.53 1.26 -21.77
CA SER B 223 -41.01 2.44 -21.08
C SER B 223 -41.95 2.11 -19.93
N THR B 224 -42.10 0.83 -19.59
CA THR B 224 -42.92 0.40 -18.47
C THR B 224 -42.17 -0.65 -17.67
N VAL B 225 -41.98 -0.39 -16.38
CA VAL B 225 -41.26 -1.29 -15.48
C VAL B 225 -42.21 -1.73 -14.38
N THR B 226 -42.28 -3.03 -14.16
CA THR B 226 -43.14 -3.61 -13.13
C THR B 226 -42.27 -4.02 -11.94
N LEU B 227 -42.35 -3.25 -10.87
CA LEU B 227 -41.73 -3.61 -9.60
C LEU B 227 -42.72 -4.45 -8.81
N SER B 228 -42.31 -5.65 -8.42
CA SER B 228 -43.15 -6.56 -7.67
C SER B 228 -42.49 -6.81 -6.31
N MET B 229 -43.24 -6.58 -5.24
CA MET B 229 -42.67 -6.66 -3.90
C MET B 229 -43.72 -7.18 -2.92
N SER B 230 -43.31 -8.14 -2.09
CA SER B 230 -44.15 -8.66 -1.03
C SER B 230 -43.27 -8.91 0.20
N ALA B 231 -43.92 -9.26 1.30
CA ALA B 231 -43.20 -9.48 2.56
C ALA B 231 -42.44 -10.79 2.51
N ASP B 232 -41.13 -10.71 2.79
CA ASP B 232 -40.18 -11.83 2.81
C ASP B 232 -40.10 -12.55 1.45
N VAL B 233 -40.37 -11.80 0.39
CA VAL B 233 -40.18 -12.24 -0.99
C VAL B 233 -39.21 -11.26 -1.61
N PRO B 234 -38.28 -11.69 -2.46
CA PRO B 234 -37.40 -10.74 -3.14
C PRO B 234 -38.16 -9.82 -4.10
N LEU B 235 -37.65 -8.60 -4.25
CA LEU B 235 -38.21 -7.65 -5.20
C LEU B 235 -37.95 -8.10 -6.62
N VAL B 236 -38.98 -8.01 -7.46
CA VAL B 236 -38.89 -8.43 -8.85
C VAL B 236 -38.96 -7.18 -9.72
N VAL B 237 -37.86 -6.87 -10.39
CA VAL B 237 -37.80 -5.74 -11.30
C VAL B 237 -38.04 -6.29 -12.70
N GLU B 238 -39.31 -6.37 -13.09
CA GLU B 238 -39.71 -7.00 -14.35
C GLU B 238 -39.77 -5.94 -15.44
N TYR B 239 -39.05 -6.19 -16.53
CA TYR B 239 -39.11 -5.36 -17.73
C TYR B 239 -39.78 -6.20 -18.82
N LYS B 240 -40.96 -5.79 -19.24
CA LYS B 240 -41.73 -6.54 -20.23
C LYS B 240 -41.41 -6.01 -21.63
N ILE B 241 -40.88 -6.89 -22.48
CA ILE B 241 -40.60 -6.57 -23.87
C ILE B 241 -41.74 -7.10 -24.73
N ALA B 242 -42.00 -6.44 -25.84
CA ALA B 242 -43.14 -6.76 -26.70
C ALA B 242 -42.89 -8.08 -27.43
N ASP B 243 -43.66 -9.11 -27.06
CA ASP B 243 -43.62 -10.46 -27.64
C ASP B 243 -42.24 -11.10 -27.53
N MET B 244 -41.51 -10.80 -26.45
CA MET B 244 -40.22 -11.43 -26.19
C MET B 244 -40.06 -11.77 -24.71
N GLY B 245 -41.17 -11.93 -23.99
CA GLY B 245 -41.08 -12.33 -22.60
C GLY B 245 -40.70 -11.19 -21.68
N HIS B 246 -39.78 -11.45 -20.76
CA HIS B 246 -39.47 -10.51 -19.70
C HIS B 246 -38.07 -10.75 -19.14
N LEU B 247 -37.54 -9.73 -18.48
CA LEU B 247 -36.28 -9.80 -17.74
C LEU B 247 -36.56 -9.33 -16.32
N LYS B 248 -36.34 -10.22 -15.35
CA LYS B 248 -36.63 -9.94 -13.95
C LYS B 248 -35.34 -9.94 -13.14
N TYR B 249 -35.14 -8.87 -12.37
CA TYR B 249 -34.07 -8.81 -11.38
C TYR B 249 -34.64 -9.16 -10.01
N TYR B 250 -33.99 -10.07 -9.31
CA TYR B 250 -34.42 -10.50 -7.98
C TYR B 250 -33.41 -10.02 -6.95
N LEU B 251 -33.88 -9.30 -5.95
CA LEU B 251 -33.03 -8.73 -4.90
C LEU B 251 -33.57 -9.12 -3.54
N ALA B 252 -32.71 -9.71 -2.72
CA ALA B 252 -33.12 -10.12 -1.38
C ALA B 252 -33.30 -8.89 -0.50
N PRO B 253 -34.48 -8.69 0.09
CA PRO B 253 -34.68 -7.54 0.97
C PRO B 253 -33.93 -7.71 2.28
N LYS B 254 -33.60 -6.58 2.90
CA LYS B 254 -32.91 -6.61 4.18
C LYS B 254 -33.96 -6.81 5.27
N ILE B 255 -34.30 -8.08 5.51
CA ILE B 255 -35.10 -8.44 6.67
C ILE B 255 -34.14 -8.55 7.84
N GLU B 256 -33.92 -7.44 8.53
CA GLU B 256 -32.93 -7.38 9.60
C GLU B 256 -33.43 -8.14 10.82
N ASP B 257 -32.49 -8.46 11.70
CA ASP B 257 -32.81 -9.17 12.93
C ASP B 257 -33.55 -8.23 13.88
N GLU B 258 -34.77 -8.60 14.25
CA GLU B 258 -35.61 -7.74 15.08
C GLU B 258 -35.09 -7.69 16.51
N GLU B 259 -35.16 -6.50 17.11
CA GLU B 259 -34.66 -6.32 18.47
C GLU B 259 -35.55 -7.00 19.50
N GLY B 260 -36.83 -7.17 19.19
CA GLY B 260 -37.76 -7.86 20.07
C GLY B 260 -37.76 -9.36 19.95
N SER B 261 -36.96 -9.93 19.05
CA SER B 261 -36.92 -11.37 18.87
C SER B 261 -35.91 -12.02 19.81
N MET C 1 6.61 39.08 -40.57
CA MET C 1 5.38 39.63 -41.14
C MET C 1 4.58 38.54 -41.82
N PHE C 2 3.63 37.94 -41.08
CA PHE C 2 2.85 36.82 -41.60
C PHE C 2 1.52 36.78 -40.87
N GLU C 3 0.43 36.73 -41.63
CA GLU C 3 -0.91 36.71 -41.07
C GLU C 3 -1.79 35.78 -41.88
N ALA C 4 -2.90 35.34 -41.25
CA ALA C 4 -3.87 34.45 -41.88
C ALA C 4 -5.18 34.59 -41.13
N ARG C 5 -6.30 34.39 -41.83
CA ARG C 5 -7.62 34.59 -41.27
C ARG C 5 -8.56 33.47 -41.71
N LEU C 6 -9.36 32.96 -40.78
CA LEU C 6 -10.37 31.94 -41.05
C LEU C 6 -11.70 32.40 -40.48
N VAL C 7 -12.76 32.36 -41.29
CA VAL C 7 -14.10 32.48 -40.73
C VAL C 7 -14.48 31.21 -39.98
N GLN C 8 -13.96 30.07 -40.43
CA GLN C 8 -14.26 28.78 -39.80
C GLN C 8 -13.31 28.57 -38.63
N GLY C 9 -13.86 28.62 -37.42
CA GLY C 9 -13.03 28.39 -36.23
C GLY C 9 -13.05 26.99 -35.71
N SER C 10 -14.02 26.16 -36.13
CA SER C 10 -14.12 24.80 -35.65
C SER C 10 -13.10 23.86 -36.28
N ILE C 11 -12.54 24.23 -37.44
CA ILE C 11 -11.61 23.35 -38.14
C ILE C 11 -10.30 23.23 -37.35
N LEU C 12 -9.75 24.36 -36.90
CA LEU C 12 -8.52 24.33 -36.13
C LEU C 12 -8.74 23.72 -34.75
N LYS C 13 -9.91 23.96 -34.15
CA LYS C 13 -10.26 23.35 -32.87
C LYS C 13 -10.34 21.83 -32.98
N LYS C 14 -10.96 21.33 -34.05
CA LYS C 14 -11.09 19.89 -34.21
C LYS C 14 -9.79 19.24 -34.66
N VAL C 15 -8.93 19.99 -35.35
CA VAL C 15 -7.65 19.41 -35.75
C VAL C 15 -6.65 19.48 -34.60
N LEU C 16 -6.94 20.28 -33.57
CA LEU C 16 -6.12 20.21 -32.35
C LEU C 16 -6.68 19.20 -31.36
N GLU C 17 -8.00 18.98 -31.35
CA GLU C 17 -8.57 17.98 -30.44
C GLU C 17 -8.21 16.56 -30.89
N ALA C 18 -8.03 16.36 -32.19
CA ALA C 18 -7.70 15.05 -32.72
C ALA C 18 -6.20 14.77 -32.79
N LEU C 19 -5.36 15.73 -32.38
CA LEU C 19 -3.93 15.59 -32.50
C LEU C 19 -3.17 15.75 -31.19
N LYS C 20 -3.85 16.12 -30.11
CA LYS C 20 -3.16 16.39 -28.84
C LYS C 20 -2.67 15.11 -28.18
N ASP C 21 -3.48 14.05 -28.24
CA ASP C 21 -3.13 12.80 -27.56
C ASP C 21 -2.12 11.97 -28.35
N LEU C 22 -1.87 12.32 -29.62
CA LEU C 22 -0.88 11.59 -30.41
C LEU C 22 0.50 12.21 -30.28
N ILE C 23 0.63 13.48 -30.64
CA ILE C 23 1.92 14.17 -30.65
C ILE C 23 1.88 15.24 -29.57
N ASN C 24 2.92 15.26 -28.73
CA ASN C 24 3.01 16.27 -27.67
C ASN C 24 3.53 17.58 -28.22
N GLU C 25 4.64 17.54 -28.96
CA GLU C 25 5.24 18.73 -29.54
C GLU C 25 5.57 18.47 -31.01
N ALA C 26 5.16 19.41 -31.86
CA ALA C 26 5.44 19.31 -33.29
C ALA C 26 5.73 20.70 -33.82
N CYS C 27 6.39 20.73 -34.98
CA CYS C 27 6.81 21.99 -35.60
C CYS C 27 5.87 22.29 -36.76
N TRP C 28 5.24 23.47 -36.73
CA TRP C 28 4.35 23.89 -37.79
C TRP C 28 5.17 24.56 -38.89
N ASP C 29 5.18 23.95 -40.08
CA ASP C 29 5.92 24.47 -41.23
C ASP C 29 4.92 25.11 -42.19
N ILE C 30 4.56 26.35 -41.92
CA ILE C 30 3.56 27.08 -42.70
C ILE C 30 4.27 27.78 -43.84
N SER C 31 3.92 27.42 -45.07
CA SER C 31 4.55 27.96 -46.27
C SER C 31 3.64 28.99 -46.93
N SER C 32 4.09 29.50 -48.08
CA SER C 32 3.34 30.52 -48.79
C SER C 32 2.10 29.93 -49.46
N SER C 33 2.18 28.68 -49.91
CA SER C 33 1.02 28.04 -50.54
C SER C 33 -0.05 27.70 -49.52
N GLY C 34 0.34 27.44 -48.27
CA GLY C 34 -0.62 27.11 -47.25
C GLY C 34 0.06 26.47 -46.05
N VAL C 35 -0.76 25.83 -45.23
CA VAL C 35 -0.30 25.19 -44.00
C VAL C 35 0.02 23.74 -44.30
N ASN C 36 1.29 23.37 -44.22
CA ASN C 36 1.73 22.00 -44.31
C ASN C 36 2.26 21.55 -42.96
N LEU C 37 2.12 20.25 -42.67
CA LEU C 37 2.51 19.75 -41.35
C LEU C 37 2.83 18.26 -41.48
N GLN C 38 4.10 17.91 -41.34
CA GLN C 38 4.49 16.53 -41.10
C GLN C 38 4.86 16.38 -39.62
N SER C 39 4.46 15.26 -39.02
CA SER C 39 4.59 15.11 -37.58
C SER C 39 4.87 13.66 -37.23
N MET C 40 6.00 13.44 -36.56
CA MET C 40 6.37 12.13 -36.04
C MET C 40 5.72 11.91 -34.69
N ASP C 41 5.47 10.64 -34.37
CA ASP C 41 4.82 10.32 -33.11
C ASP C 41 5.82 10.41 -31.96
N SER C 42 5.28 10.47 -30.74
CA SER C 42 6.12 10.48 -29.54
C SER C 42 6.79 9.12 -29.32
N SER C 43 6.13 8.04 -29.75
CA SER C 43 6.69 6.70 -29.65
C SER C 43 7.35 6.25 -30.94
N HIS C 44 7.46 7.15 -31.93
CA HIS C 44 8.22 6.94 -33.18
C HIS C 44 7.68 5.75 -33.99
N VAL C 45 6.36 5.68 -34.13
CA VAL C 45 5.73 4.65 -34.96
C VAL C 45 5.12 5.29 -36.19
N SER C 46 4.35 6.36 -36.01
CA SER C 46 3.56 6.91 -37.10
C SER C 46 4.10 8.27 -37.55
N LEU C 47 3.68 8.65 -38.75
CA LEU C 47 3.84 10.01 -39.27
C LEU C 47 2.47 10.54 -39.66
N VAL C 48 2.20 11.79 -39.28
CA VAL C 48 0.93 12.47 -39.54
C VAL C 48 1.19 13.57 -40.56
N GLN C 49 0.37 13.62 -41.60
CA GLN C 49 0.52 14.63 -42.65
C GLN C 49 -0.72 15.49 -42.75
N LEU C 50 -0.51 16.81 -42.74
CA LEU C 50 -1.58 17.79 -42.93
C LEU C 50 -1.23 18.65 -44.14
N THR C 51 -2.24 19.00 -44.93
CA THR C 51 -2.06 19.88 -46.08
C THR C 51 -3.27 20.80 -46.18
N LEU C 52 -3.12 22.03 -45.70
CA LEU C 52 -4.19 23.03 -45.70
C LEU C 52 -3.77 24.17 -46.61
N ARG C 53 -4.39 24.26 -47.79
CA ARG C 53 -4.05 25.30 -48.74
C ARG C 53 -4.72 26.62 -48.37
N SER C 54 -4.43 27.67 -49.15
CA SER C 54 -4.88 29.02 -48.84
C SER C 54 -6.20 29.39 -49.49
N GLU C 55 -6.86 28.45 -50.18
CA GLU C 55 -8.10 28.79 -50.89
C GLU C 55 -9.29 28.98 -49.96
N GLY C 56 -9.24 28.43 -48.74
CA GLY C 56 -10.33 28.56 -47.81
C GLY C 56 -10.08 29.64 -46.78
N PHE C 57 -8.87 30.20 -46.78
CA PHE C 57 -8.55 31.30 -45.89
C PHE C 57 -9.26 32.58 -46.34
N ASP C 58 -9.59 33.42 -45.36
CA ASP C 58 -10.18 34.71 -45.66
C ASP C 58 -9.17 35.64 -46.32
N THR C 59 -8.09 35.94 -45.61
CA THR C 59 -6.95 36.66 -46.17
C THR C 59 -5.69 35.90 -45.80
N TYR C 60 -4.81 35.73 -46.79
CA TYR C 60 -3.58 35.00 -46.60
C TYR C 60 -2.40 35.87 -47.00
N ARG C 61 -1.38 35.91 -46.14
CA ARG C 61 -0.20 36.74 -46.39
C ARG C 61 0.99 36.03 -45.75
N CYS C 62 1.73 35.28 -46.56
CA CYS C 62 2.93 34.59 -46.11
C CYS C 62 4.08 34.91 -47.04
N ASP C 63 5.27 35.06 -46.47
CA ASP C 63 6.47 35.41 -47.22
C ASP C 63 7.48 34.28 -47.26
N ARG C 64 7.74 33.64 -46.12
CA ARG C 64 8.76 32.61 -46.01
C ARG C 64 8.17 31.44 -45.23
N ASN C 65 8.56 30.22 -45.61
CA ASN C 65 8.16 29.02 -44.89
C ASN C 65 8.91 28.98 -43.57
N LEU C 66 8.25 29.42 -42.50
CA LEU C 66 8.82 29.40 -41.16
C LEU C 66 8.39 28.15 -40.42
N ALA C 67 9.26 27.67 -39.53
CA ALA C 67 9.00 26.52 -38.70
C ALA C 67 8.78 26.99 -37.26
N MET C 68 7.57 26.81 -36.75
CA MET C 68 7.20 27.27 -35.42
C MET C 68 6.99 26.05 -34.53
N GLY C 69 7.76 25.98 -33.44
CA GLY C 69 7.66 24.87 -32.52
C GLY C 69 6.54 25.04 -31.51
N VAL C 70 5.32 24.80 -31.94
CA VAL C 70 4.14 24.98 -31.09
C VAL C 70 3.90 23.69 -30.31
N ASN C 71 3.81 23.80 -28.99
CA ASN C 71 3.47 22.66 -28.16
C ASN C 71 1.96 22.40 -28.28
N LEU C 72 1.61 21.15 -28.59
CA LEU C 72 0.23 20.82 -28.97
C LEU C 72 -0.74 20.87 -27.80
N THR C 73 -0.31 20.48 -26.60
CA THR C 73 -1.20 20.55 -25.44
C THR C 73 -1.49 22.00 -25.06
N SER C 74 -0.47 22.86 -25.07
CA SER C 74 -0.66 24.28 -24.78
C SER C 74 -1.51 24.95 -25.85
N MET C 75 -1.29 24.62 -27.12
CA MET C 75 -2.08 25.22 -28.19
C MET C 75 -3.52 24.74 -28.14
N SER C 76 -3.76 23.47 -27.81
CA SER C 76 -5.12 22.98 -27.65
C SER C 76 -5.79 23.58 -26.42
N LYS C 77 -5.01 23.95 -25.41
CA LYS C 77 -5.56 24.75 -24.32
C LYS C 77 -5.96 26.15 -24.81
N ILE C 78 -5.15 26.73 -25.70
CA ILE C 78 -5.39 28.11 -26.14
C ILE C 78 -6.40 28.13 -27.30
N LEU C 79 -6.35 27.14 -28.18
CA LEU C 79 -7.37 27.07 -29.23
C LEU C 79 -8.73 26.62 -28.72
N LYS C 80 -8.80 26.11 -27.50
CA LYS C 80 -10.09 25.91 -26.83
C LYS C 80 -10.80 27.24 -26.61
N CYS C 81 -10.04 28.32 -26.38
CA CYS C 81 -10.61 29.64 -26.16
C CYS C 81 -11.27 30.22 -27.41
N ALA C 82 -10.95 29.70 -28.59
CA ALA C 82 -11.64 30.10 -29.80
C ALA C 82 -13.06 29.53 -29.81
N GLY C 83 -13.95 30.22 -30.51
CA GLY C 83 -15.32 29.76 -30.64
C GLY C 83 -15.49 28.75 -31.76
N ASN C 84 -16.68 28.13 -31.78
CA ASN C 84 -17.00 27.17 -32.84
C ASN C 84 -17.15 27.86 -34.19
N GLU C 85 -17.75 29.05 -34.20
CA GLU C 85 -17.92 29.82 -35.41
C GLU C 85 -17.14 31.13 -35.40
N ASP C 86 -16.28 31.33 -34.40
CA ASP C 86 -15.55 32.59 -34.26
C ASP C 86 -14.43 32.67 -35.29
N ILE C 87 -14.05 33.90 -35.60
CA ILE C 87 -13.03 34.15 -36.62
C ILE C 87 -11.65 34.06 -35.97
N ILE C 88 -10.81 33.17 -36.49
CA ILE C 88 -9.48 32.92 -35.95
C ILE C 88 -8.46 33.62 -36.84
N THR C 89 -7.64 34.48 -36.24
CA THR C 89 -6.55 35.15 -36.93
C THR C 89 -5.25 34.90 -36.19
N LEU C 90 -4.25 34.36 -36.90
CA LEU C 90 -2.93 34.12 -36.33
C LEU C 90 -1.92 35.06 -36.98
N ARG C 91 -1.04 35.63 -36.18
CA ARG C 91 -0.13 36.67 -36.63
C ARG C 91 1.27 36.42 -36.07
N ALA C 92 2.27 36.57 -36.92
CA ALA C 92 3.66 36.44 -36.50
C ALA C 92 4.46 37.57 -37.13
N GLU C 93 5.29 38.24 -36.33
CA GLU C 93 6.13 39.32 -36.83
C GLU C 93 7.51 38.76 -37.19
N ASP C 94 8.44 39.66 -37.56
CA ASP C 94 9.78 39.22 -37.94
C ASP C 94 10.60 38.80 -36.74
N ASN C 95 10.52 39.56 -35.65
CA ASN C 95 11.28 39.30 -34.43
C ASN C 95 10.34 38.98 -33.28
N ALA C 96 9.27 38.24 -33.57
CA ALA C 96 8.27 37.87 -32.56
C ALA C 96 8.63 36.48 -32.03
N ASP C 97 9.02 36.42 -30.76
CA ASP C 97 9.21 35.14 -30.10
C ASP C 97 7.88 34.49 -29.74
N THR C 98 6.79 35.24 -29.80
CA THR C 98 5.46 34.76 -29.42
C THR C 98 4.60 34.56 -30.67
N LEU C 99 3.50 33.84 -30.50
CA LEU C 99 2.53 33.66 -31.58
C LEU C 99 1.21 34.34 -31.21
N ALA C 100 0.76 35.27 -32.04
CA ALA C 100 -0.40 36.10 -31.76
C ALA C 100 -1.65 35.44 -32.33
N LEU C 101 -2.35 34.68 -31.49
CA LEU C 101 -3.60 34.02 -31.87
C LEU C 101 -4.76 34.94 -31.50
N VAL C 102 -5.40 35.54 -32.49
CA VAL C 102 -6.44 36.54 -32.29
C VAL C 102 -7.77 35.93 -32.70
N PHE C 103 -8.76 36.00 -31.81
CA PHE C 103 -10.09 35.48 -32.07
C PHE C 103 -11.09 36.64 -32.18
N GLU C 104 -11.94 36.59 -33.21
CA GLU C 104 -12.98 37.58 -33.42
C GLU C 104 -14.34 36.90 -33.33
N ALA C 105 -15.26 37.52 -32.60
CA ALA C 105 -16.63 37.04 -32.56
C ALA C 105 -17.32 37.30 -33.89
N PRO C 106 -18.31 36.48 -34.27
CA PRO C 106 -19.08 36.76 -35.49
C PRO C 106 -19.92 38.04 -35.41
N ASN C 107 -20.21 38.54 -34.22
CA ASN C 107 -20.93 39.80 -34.06
C ASN C 107 -20.01 41.02 -34.14
N GLN C 108 -18.69 40.80 -34.28
CA GLN C 108 -17.67 41.85 -34.34
C GLN C 108 -17.70 42.74 -33.10
N GLU C 109 -17.96 42.12 -31.96
CA GLU C 109 -18.04 42.82 -30.69
C GLU C 109 -16.84 42.54 -29.79
N LYS C 110 -15.96 41.62 -30.18
CA LYS C 110 -14.80 41.25 -29.38
C LYS C 110 -13.58 41.12 -30.26
N VAL C 111 -12.42 41.40 -29.67
CA VAL C 111 -11.13 40.98 -30.21
C VAL C 111 -10.42 40.25 -29.06
N SER C 112 -9.92 39.06 -29.33
CA SER C 112 -9.38 38.17 -28.29
C SER C 112 -7.95 37.83 -28.64
N ASP C 113 -7.03 38.67 -28.19
CA ASP C 113 -5.63 38.60 -28.59
C ASP C 113 -4.87 37.74 -27.59
N TYR C 114 -4.34 36.59 -28.07
CA TYR C 114 -3.58 35.67 -27.24
C TYR C 114 -2.16 35.59 -27.79
N GLU C 115 -1.18 35.88 -26.94
CA GLU C 115 0.23 35.70 -27.27
C GLU C 115 0.69 34.40 -26.62
N MET C 116 0.92 33.37 -27.43
CA MET C 116 1.44 32.11 -26.93
C MET C 116 2.94 32.05 -27.18
N LYS C 117 3.68 31.53 -26.21
CA LYS C 117 5.13 31.54 -26.31
C LYS C 117 5.64 30.36 -27.12
N LEU C 118 6.72 30.59 -27.87
CA LEU C 118 7.34 29.60 -28.71
C LEU C 118 8.79 29.40 -28.31
N MET C 119 9.25 28.16 -28.42
CA MET C 119 10.67 27.85 -28.35
C MET C 119 11.13 27.27 -29.68
N ASP C 120 12.43 27.39 -29.95
CA ASP C 120 12.98 27.05 -31.26
C ASP C 120 13.69 25.70 -31.20
N LEU C 121 13.43 24.86 -32.20
CA LEU C 121 14.09 23.58 -32.34
C LEU C 121 14.16 23.22 -33.82
N ASP C 122 15.11 22.34 -34.16
CA ASP C 122 15.33 21.94 -35.53
C ASP C 122 15.28 20.43 -35.64
N VAL C 123 14.49 19.93 -36.60
CA VAL C 123 14.37 18.52 -36.90
C VAL C 123 14.61 18.32 -38.39
N GLU C 124 14.49 17.08 -38.85
CA GLU C 124 14.68 16.73 -40.24
C GLU C 124 13.50 15.93 -40.76
N GLN C 125 13.19 16.09 -42.04
CA GLN C 125 12.10 15.39 -42.69
C GLN C 125 12.64 14.56 -43.85
N LEU C 126 11.90 13.50 -44.18
CA LEU C 126 12.29 12.60 -45.25
C LEU C 126 11.27 12.48 -46.38
N GLY C 127 10.03 12.92 -46.17
CA GLY C 127 9.02 12.85 -47.21
C GLY C 127 8.48 11.46 -47.43
N ILE C 128 7.64 11.34 -48.46
CA ILE C 128 7.03 10.07 -48.82
C ILE C 128 6.74 10.08 -50.32
N PRO C 129 7.12 9.02 -51.04
CA PRO C 129 6.85 8.96 -52.49
C PRO C 129 5.40 8.57 -52.77
N GLU C 130 5.07 8.52 -54.06
CA GLU C 130 3.73 8.19 -54.51
C GLU C 130 3.74 6.77 -55.07
N GLN C 131 2.82 5.95 -54.57
CA GLN C 131 2.70 4.54 -54.96
C GLN C 131 1.31 4.29 -55.53
N GLU C 132 1.08 3.05 -55.96
CA GLU C 132 -0.23 2.61 -56.44
C GLU C 132 -0.83 1.72 -55.36
N TYR C 133 -1.86 2.23 -54.69
CA TYR C 133 -2.47 1.54 -53.57
C TYR C 133 -3.64 0.69 -54.06
N SER C 134 -3.66 -0.58 -53.66
CA SER C 134 -4.58 -1.55 -54.27
C SER C 134 -6.01 -1.37 -53.78
N CYS C 135 -6.22 -1.20 -52.48
CA CYS C 135 -7.55 -1.23 -51.89
C CYS C 135 -7.88 0.10 -51.23
N VAL C 136 -8.80 0.85 -51.82
CA VAL C 136 -9.21 2.16 -51.31
C VAL C 136 -10.64 2.03 -50.82
N VAL C 137 -10.86 2.22 -49.52
CA VAL C 137 -12.16 2.03 -48.90
C VAL C 137 -12.68 3.37 -48.39
N LYS C 138 -13.64 3.95 -49.10
CA LYS C 138 -14.36 5.14 -48.66
C LYS C 138 -15.57 4.67 -47.85
N MET C 139 -15.76 5.25 -46.67
CA MET C 139 -16.66 4.68 -45.68
C MET C 139 -17.00 5.77 -44.67
N PRO C 140 -18.24 5.79 -44.16
CA PRO C 140 -18.65 6.88 -43.25
C PRO C 140 -17.94 6.85 -41.90
N SER C 141 -17.37 8.01 -41.52
CA SER C 141 -16.57 8.11 -40.29
C SER C 141 -17.39 7.88 -39.03
N GLY C 142 -18.68 8.23 -39.06
CA GLY C 142 -19.54 8.02 -37.91
C GLY C 142 -19.78 6.55 -37.61
N GLU C 143 -19.70 5.69 -38.63
CA GLU C 143 -19.72 4.26 -38.42
C GLU C 143 -18.37 3.68 -38.06
N PHE C 144 -17.27 4.31 -38.49
CA PHE C 144 -15.95 3.91 -38.01
C PHE C 144 -15.78 4.21 -36.53
N ALA C 145 -16.46 5.25 -36.04
CA ALA C 145 -16.53 5.53 -34.60
C ALA C 145 -17.29 4.47 -33.82
N ARG C 146 -18.08 3.62 -34.49
CA ARG C 146 -18.72 2.47 -33.85
C ARG C 146 -18.03 1.15 -34.21
N ILE C 147 -17.16 1.15 -35.21
CA ILE C 147 -16.48 -0.08 -35.61
C ILE C 147 -15.14 -0.23 -34.89
N CYS C 148 -14.33 0.83 -34.85
CA CYS C 148 -12.95 0.64 -34.41
C CYS C 148 -12.86 0.52 -32.89
N ARG C 149 -13.57 1.37 -32.17
CA ARG C 149 -13.54 1.35 -30.71
C ARG C 149 -14.38 0.22 -30.13
N ASP C 150 -15.16 -0.48 -30.95
CA ASP C 150 -15.83 -1.70 -30.52
C ASP C 150 -15.10 -2.97 -30.95
N LEU C 151 -14.33 -2.91 -32.03
CA LEU C 151 -13.39 -3.99 -32.37
C LEU C 151 -12.18 -4.01 -31.45
N SER C 152 -11.78 -2.86 -30.90
CA SER C 152 -10.70 -2.81 -29.94
C SER C 152 -11.12 -3.28 -28.55
N HIS C 153 -12.43 -3.42 -28.31
CA HIS C 153 -12.90 -3.97 -27.05
C HIS C 153 -12.72 -5.48 -26.98
N ILE C 154 -12.56 -6.15 -28.12
CA ILE C 154 -12.46 -7.60 -28.16
C ILE C 154 -11.09 -8.10 -28.62
N GLY C 155 -10.24 -7.24 -29.19
CA GLY C 155 -8.96 -7.71 -29.69
C GLY C 155 -8.04 -6.61 -30.16
N ASP C 156 -6.73 -6.79 -29.95
CA ASP C 156 -5.77 -5.78 -30.33
C ASP C 156 -5.28 -6.03 -31.76
N ALA C 157 -4.68 -7.19 -32.02
CA ALA C 157 -4.07 -7.48 -33.31
C ALA C 157 -5.14 -7.92 -34.29
N VAL C 158 -5.50 -7.04 -35.22
CA VAL C 158 -6.51 -7.32 -36.23
C VAL C 158 -5.86 -7.30 -37.60
N VAL C 159 -6.41 -8.06 -38.53
CA VAL C 159 -5.88 -8.14 -39.89
C VAL C 159 -6.92 -7.52 -40.83
N ILE C 160 -6.46 -7.06 -41.98
CA ILE C 160 -7.35 -6.50 -43.00
C ILE C 160 -7.22 -7.32 -44.28
N SER C 161 -8.20 -8.18 -44.53
CA SER C 161 -8.26 -8.93 -45.79
C SER C 161 -9.23 -8.21 -46.72
N CYS C 162 -8.84 -8.10 -47.98
CA CYS C 162 -9.60 -7.36 -48.98
C CYS C 162 -9.87 -8.25 -50.19
N ALA C 163 -11.04 -8.07 -50.80
CA ALA C 163 -11.45 -8.88 -51.93
C ALA C 163 -12.45 -8.10 -52.77
N LYS C 164 -12.88 -8.73 -53.87
CA LYS C 164 -13.87 -8.12 -54.76
C LYS C 164 -15.25 -8.01 -54.12
N ASP C 165 -15.60 -8.95 -53.23
CA ASP C 165 -16.85 -8.85 -52.50
C ASP C 165 -16.82 -7.68 -51.54
N GLY C 166 -15.68 -7.44 -50.89
CA GLY C 166 -15.56 -6.34 -49.97
C GLY C 166 -14.27 -6.47 -49.16
N VAL C 167 -14.24 -5.76 -48.04
CA VAL C 167 -13.11 -5.74 -47.13
C VAL C 167 -13.56 -6.36 -45.81
N LYS C 168 -12.72 -7.20 -45.23
CA LYS C 168 -13.01 -7.78 -43.93
C LYS C 168 -11.89 -7.46 -42.95
N PHE C 169 -12.25 -6.86 -41.83
CA PHE C 169 -11.33 -6.66 -40.72
C PHE C 169 -11.61 -7.73 -39.67
N SER C 170 -10.60 -8.54 -39.37
CA SER C 170 -10.74 -9.75 -38.55
C SER C 170 -10.05 -9.54 -37.21
N ALA C 171 -10.83 -9.54 -36.13
CA ALA C 171 -10.34 -9.21 -34.80
C ALA C 171 -9.98 -10.47 -34.02
N SER C 172 -8.69 -10.72 -33.85
CA SER C 172 -8.19 -11.85 -33.08
C SER C 172 -7.82 -11.36 -31.69
N GLY C 173 -8.41 -11.98 -30.66
CA GLY C 173 -8.13 -11.58 -29.30
C GLY C 173 -8.48 -12.68 -28.32
N GLU C 174 -8.50 -12.32 -27.04
CA GLU C 174 -8.87 -13.26 -26.01
C GLU C 174 -10.35 -13.61 -26.09
N LEU C 175 -11.18 -12.65 -26.50
CA LEU C 175 -12.62 -12.87 -26.60
C LEU C 175 -13.00 -13.80 -27.75
N GLY C 176 -12.28 -13.77 -28.86
CA GLY C 176 -12.56 -14.64 -29.99
C GLY C 176 -12.20 -13.97 -31.31
N ASN C 177 -12.72 -14.54 -32.39
CA ASN C 177 -12.42 -14.07 -33.75
C ASN C 177 -13.52 -13.15 -34.21
N GLY C 178 -13.20 -11.87 -34.35
CA GLY C 178 -14.21 -10.88 -34.67
C GLY C 178 -14.18 -10.39 -36.09
N ASN C 179 -15.16 -10.79 -36.89
CA ASN C 179 -15.21 -10.49 -38.31
C ASN C 179 -16.28 -9.44 -38.57
N ILE C 180 -15.89 -8.31 -39.16
CA ILE C 180 -16.85 -7.39 -39.75
C ILE C 180 -16.57 -7.37 -41.25
N LYS C 181 -17.63 -7.26 -42.04
CA LYS C 181 -17.53 -7.30 -43.48
C LYS C 181 -18.40 -6.19 -44.06
N LEU C 182 -17.84 -5.48 -45.05
CA LEU C 182 -18.58 -4.37 -45.71
C LEU C 182 -18.40 -4.51 -47.22
N SER C 183 -19.50 -4.50 -47.98
CA SER C 183 -19.47 -4.62 -49.43
C SER C 183 -19.73 -3.25 -50.07
N GLN C 184 -19.91 -3.26 -51.39
CA GLN C 184 -20.19 -2.02 -52.12
C GLN C 184 -21.60 -1.51 -51.80
N THR C 185 -22.62 -2.33 -52.11
CA THR C 185 -24.03 -2.13 -51.76
C THR C 185 -24.56 -0.79 -52.27
N SER C 186 -24.61 -0.69 -53.60
CA SER C 186 -25.06 0.52 -54.29
C SER C 186 -26.54 0.47 -54.63
N ASN C 187 -27.35 -0.21 -53.81
CA ASN C 187 -28.80 -0.20 -54.01
C ASN C 187 -29.38 1.17 -53.72
N VAL C 188 -29.03 1.76 -52.59
CA VAL C 188 -29.38 3.14 -52.28
C VAL C 188 -28.10 3.96 -52.25
N ASP C 189 -27.74 4.55 -53.39
CA ASP C 189 -26.46 5.25 -53.53
C ASP C 189 -26.58 6.64 -52.91
N LYS C 190 -26.47 6.68 -51.59
CA LYS C 190 -26.46 7.94 -50.87
C LYS C 190 -25.12 8.64 -51.05
N GLU C 191 -25.12 9.95 -50.82
CA GLU C 191 -23.93 10.76 -51.06
C GLU C 191 -22.88 10.53 -49.97
N GLU C 192 -23.30 10.47 -48.71
CA GLU C 192 -22.36 10.33 -47.61
C GLU C 192 -22.27 8.90 -47.08
N GLU C 193 -23.30 8.08 -47.25
CA GLU C 193 -23.25 6.68 -46.87
C GLU C 193 -22.97 5.80 -48.09
N ALA C 194 -21.81 6.01 -48.69
CA ALA C 194 -21.42 5.34 -49.93
C ALA C 194 -20.17 4.53 -49.65
N VAL C 195 -20.36 3.28 -49.23
CA VAL C 195 -19.25 2.38 -48.94
C VAL C 195 -18.71 1.90 -50.29
N THR C 196 -17.66 2.56 -50.79
CA THR C 196 -17.07 2.24 -52.07
C THR C 196 -15.68 1.66 -51.86
N ILE C 197 -15.42 0.51 -52.48
CA ILE C 197 -14.14 -0.16 -52.37
C ILE C 197 -13.50 -0.15 -53.75
N GLU C 198 -12.45 0.64 -53.94
CA GLU C 198 -11.66 0.59 -55.16
C GLU C 198 -10.68 -0.57 -55.04
N MET C 199 -10.97 -1.66 -55.75
CA MET C 199 -10.26 -2.92 -55.58
C MET C 199 -9.31 -3.14 -56.75
N ASN C 200 -8.03 -3.39 -56.44
CA ASN C 200 -7.06 -3.80 -57.42
C ASN C 200 -6.48 -5.18 -57.12
N GLU C 201 -5.94 -5.39 -55.91
CA GLU C 201 -5.33 -6.65 -55.53
C GLU C 201 -5.72 -7.05 -54.11
N PRO C 202 -5.88 -8.34 -53.82
CA PRO C 202 -6.18 -8.77 -52.46
C PRO C 202 -4.94 -8.75 -51.58
N VAL C 203 -4.99 -7.95 -50.52
CA VAL C 203 -3.88 -7.81 -49.57
C VAL C 203 -4.40 -8.14 -48.17
N GLN C 204 -3.62 -8.93 -47.43
CA GLN C 204 -3.86 -9.17 -46.00
C GLN C 204 -2.78 -8.43 -45.20
N LEU C 205 -3.21 -7.52 -44.34
CA LEU C 205 -2.31 -6.70 -43.55
C LEU C 205 -2.79 -6.61 -42.10
N THR C 206 -1.87 -6.80 -41.16
CA THR C 206 -2.18 -6.84 -39.74
C THR C 206 -1.84 -5.51 -39.08
N PHE C 207 -2.69 -5.09 -38.15
CA PHE C 207 -2.57 -3.78 -37.51
C PHE C 207 -3.02 -3.86 -36.05
N ALA C 208 -2.65 -2.83 -35.28
CA ALA C 208 -3.03 -2.71 -33.88
C ALA C 208 -4.18 -1.72 -33.74
N LEU C 209 -4.98 -1.88 -32.69
CA LEU C 209 -6.26 -1.20 -32.63
C LEU C 209 -6.39 -0.13 -31.55
N ARG C 210 -5.52 -0.12 -30.54
CA ARG C 210 -5.39 1.07 -29.71
C ARG C 210 -4.88 2.23 -30.56
N TYR C 211 -3.90 1.94 -31.40
CA TYR C 211 -3.34 2.93 -32.32
C TYR C 211 -4.38 3.37 -33.34
N LEU C 212 -5.14 2.43 -33.91
CA LEU C 212 -6.18 2.80 -34.86
C LEU C 212 -7.37 3.46 -34.18
N ASN C 213 -7.54 3.26 -32.87
CA ASN C 213 -8.48 4.10 -32.14
C ASN C 213 -7.93 5.52 -32.00
N PHE C 214 -6.60 5.68 -31.99
CA PHE C 214 -6.04 7.00 -31.76
C PHE C 214 -6.12 7.92 -32.98
N PHE C 215 -6.32 7.39 -34.21
CA PHE C 215 -6.58 8.34 -35.29
C PHE C 215 -8.06 8.67 -35.40
N THR C 216 -8.93 7.85 -34.80
CA THR C 216 -10.36 7.96 -35.05
C THR C 216 -11.04 9.01 -34.13
N LYS C 217 -10.24 9.90 -33.53
CA LYS C 217 -10.78 11.05 -32.83
C LYS C 217 -11.21 12.17 -33.77
N ALA C 218 -10.84 12.09 -35.05
CA ALA C 218 -11.15 13.10 -36.05
C ALA C 218 -12.46 12.82 -36.78
N THR C 219 -13.38 12.07 -36.18
CA THR C 219 -14.67 11.83 -36.83
C THR C 219 -15.62 13.03 -36.88
N PRO C 220 -15.69 13.96 -35.91
CA PRO C 220 -16.44 15.19 -36.19
C PRO C 220 -15.73 16.16 -37.13
N LEU C 221 -14.45 15.96 -37.41
CA LEU C 221 -13.73 16.84 -38.32
C LEU C 221 -14.17 16.64 -39.76
N SER C 222 -14.38 15.39 -40.17
CA SER C 222 -14.72 15.05 -41.53
C SER C 222 -16.10 14.40 -41.59
N SER C 223 -16.51 14.02 -42.80
CA SER C 223 -17.77 13.33 -43.01
C SER C 223 -17.60 11.88 -43.44
N THR C 224 -16.59 11.58 -44.23
CA THR C 224 -16.24 10.22 -44.61
C THR C 224 -14.74 10.03 -44.48
N VAL C 225 -14.34 8.79 -44.21
CA VAL C 225 -12.93 8.42 -44.13
C VAL C 225 -12.61 7.48 -45.27
N THR C 226 -11.60 7.82 -46.06
CA THR C 226 -11.09 6.92 -47.08
C THR C 226 -9.72 6.44 -46.60
N LEU C 227 -9.46 5.15 -46.80
CA LEU C 227 -8.20 4.53 -46.41
C LEU C 227 -7.70 3.66 -47.55
N SER C 228 -6.42 3.75 -47.85
CA SER C 228 -5.84 3.05 -48.97
C SER C 228 -4.62 2.25 -48.51
N MET C 229 -4.49 1.02 -49.04
CA MET C 229 -3.43 0.11 -48.62
C MET C 229 -3.06 -0.78 -49.80
N SER C 230 -1.87 -1.37 -49.72
CA SER C 230 -1.37 -2.26 -50.77
C SER C 230 -0.43 -3.28 -50.15
N ALA C 231 0.30 -4.01 -50.99
CA ALA C 231 1.13 -5.12 -50.54
C ALA C 231 2.41 -4.61 -49.88
N ASP C 232 2.49 -4.75 -48.55
CA ASP C 232 3.62 -4.30 -47.72
C ASP C 232 3.92 -2.82 -47.90
N VAL C 233 2.86 -2.02 -48.04
CA VAL C 233 2.97 -0.57 -48.12
C VAL C 233 2.29 -0.04 -46.86
N PRO C 234 2.82 1.02 -46.23
CA PRO C 234 2.14 1.59 -45.06
C PRO C 234 0.75 2.13 -45.37
N LEU C 235 -0.16 1.93 -44.43
CA LEU C 235 -1.56 2.33 -44.59
C LEU C 235 -1.67 3.84 -44.48
N VAL C 236 -2.55 4.43 -45.28
CA VAL C 236 -2.84 5.86 -45.23
C VAL C 236 -4.33 6.03 -44.96
N VAL C 237 -4.69 6.25 -43.70
CA VAL C 237 -6.04 6.65 -43.32
C VAL C 237 -6.17 8.14 -43.61
N GLU C 238 -7.15 8.51 -44.41
CA GLU C 238 -7.33 9.90 -44.82
C GLU C 238 -8.74 10.38 -44.46
N TYR C 239 -8.83 11.68 -44.17
CA TYR C 239 -10.09 12.35 -43.88
C TYR C 239 -10.20 13.59 -44.76
N LYS C 240 -11.42 14.03 -45.00
CA LYS C 240 -11.68 15.18 -45.86
C LYS C 240 -12.31 16.30 -45.04
N ILE C 241 -11.55 17.37 -44.78
CA ILE C 241 -12.05 18.50 -44.01
C ILE C 241 -12.75 19.47 -44.95
N ALA C 242 -14.02 19.17 -45.25
CA ALA C 242 -14.91 19.96 -46.13
C ALA C 242 -14.22 20.15 -47.48
N ASP C 243 -14.02 21.38 -47.95
CA ASP C 243 -13.11 21.67 -49.05
C ASP C 243 -11.83 22.34 -48.58
N MET C 244 -11.59 22.40 -47.27
CA MET C 244 -10.40 23.07 -46.75
C MET C 244 -9.15 22.23 -46.98
N GLY C 245 -9.10 21.04 -46.39
CA GLY C 245 -7.90 20.24 -46.49
C GLY C 245 -8.15 18.78 -46.20
N HIS C 246 -7.05 18.04 -46.07
CA HIS C 246 -7.12 16.62 -45.80
C HIS C 246 -6.11 16.26 -44.71
N LEU C 247 -6.44 15.21 -43.96
CA LEU C 247 -5.65 14.78 -42.81
C LEU C 247 -5.28 13.31 -43.00
N LYS C 248 -3.98 13.05 -43.13
CA LYS C 248 -3.47 11.73 -43.46
C LYS C 248 -2.57 11.21 -42.35
N TYR C 249 -2.58 9.89 -42.17
CA TYR C 249 -1.79 9.21 -41.16
C TYR C 249 -1.00 8.08 -41.80
N TYR C 250 0.25 7.90 -41.38
CA TYR C 250 1.10 6.86 -41.97
C TYR C 250 1.38 5.79 -40.92
N LEU C 251 0.69 4.65 -41.03
CA LEU C 251 0.87 3.53 -40.11
C LEU C 251 1.80 2.52 -40.75
N ALA C 252 2.93 2.24 -40.10
CA ALA C 252 3.84 1.21 -40.58
C ALA C 252 3.23 -0.18 -40.37
N PRO C 253 3.24 -1.03 -41.39
CA PRO C 253 2.48 -2.30 -41.30
C PRO C 253 3.14 -3.30 -40.36
N LYS C 254 2.29 -4.05 -39.66
CA LYS C 254 2.75 -5.10 -38.75
C LYS C 254 2.68 -6.44 -39.46
N ILE C 255 3.80 -7.15 -39.49
CA ILE C 255 3.90 -8.43 -40.17
C ILE C 255 4.13 -9.51 -39.11
N GLU C 256 3.29 -10.54 -39.13
CA GLU C 256 3.44 -11.68 -38.23
C GLU C 256 4.63 -12.51 -38.70
N ASP C 257 5.75 -12.37 -37.99
CA ASP C 257 6.98 -13.06 -38.40
C ASP C 257 6.90 -14.54 -38.07
N GLU C 258 7.25 -15.37 -39.05
CA GLU C 258 7.19 -16.81 -38.86
C GLU C 258 8.34 -17.30 -38.00
N GLU C 259 8.10 -18.38 -37.25
CA GLU C 259 9.16 -18.93 -36.36
C GLU C 259 10.28 -19.51 -37.22
N GLY C 260 9.94 -20.10 -38.37
CA GLY C 260 10.95 -20.73 -39.20
C GLY C 260 11.85 -19.78 -39.96
N SER C 261 11.59 -18.48 -39.87
CA SER C 261 12.41 -17.49 -40.56
C SER C 261 13.01 -16.50 -39.58
N MET D 1 -42.44 30.60 11.36
CA MET D 1 -41.49 29.78 10.63
C MET D 1 -41.16 30.41 9.27
N PHE D 2 -40.04 30.00 8.69
CA PHE D 2 -39.62 30.47 7.38
C PHE D 2 -40.25 29.57 6.33
N GLU D 3 -41.06 30.17 5.45
CA GLU D 3 -41.66 29.45 4.33
C GLU D 3 -41.44 30.26 3.07
N ALA D 4 -40.91 29.62 2.04
CA ALA D 4 -40.69 30.25 0.75
C ALA D 4 -41.30 29.38 -0.35
N ARG D 5 -41.75 30.01 -1.42
CA ARG D 5 -42.33 29.29 -2.55
C ARG D 5 -41.85 29.97 -3.83
N LEU D 6 -41.12 29.22 -4.66
CA LEU D 6 -40.50 29.73 -5.88
C LEU D 6 -40.96 28.90 -7.06
N VAL D 7 -41.51 29.57 -8.07
CA VAL D 7 -42.07 28.86 -9.23
C VAL D 7 -40.96 28.34 -10.12
N GLN D 8 -40.11 29.23 -10.63
CA GLN D 8 -39.01 28.83 -11.50
C GLN D 8 -37.91 28.30 -10.60
N GLY D 9 -37.92 26.98 -10.40
CA GLY D 9 -36.98 26.34 -9.50
C GLY D 9 -35.58 26.16 -10.03
N SER D 10 -35.34 26.55 -11.29
CA SER D 10 -34.02 26.48 -11.86
C SER D 10 -33.06 27.48 -11.24
N ILE D 11 -33.56 28.68 -10.93
CA ILE D 11 -32.65 29.75 -10.43
C ILE D 11 -32.00 29.29 -9.12
N LEU D 12 -32.76 28.68 -8.22
CA LEU D 12 -32.22 28.25 -6.90
C LEU D 12 -31.10 27.25 -7.13
N LYS D 13 -31.29 26.31 -8.07
CA LYS D 13 -30.26 25.27 -8.35
C LYS D 13 -28.98 25.97 -8.80
N LYS D 14 -29.09 26.92 -9.73
CA LYS D 14 -27.89 27.65 -10.24
C LYS D 14 -27.28 28.48 -9.11
N VAL D 15 -28.12 29.09 -8.27
CA VAL D 15 -27.60 29.87 -7.11
C VAL D 15 -26.72 28.94 -6.27
N LEU D 16 -27.20 27.72 -6.00
CA LEU D 16 -26.42 26.77 -5.16
C LEU D 16 -25.23 26.23 -5.95
N GLU D 17 -25.40 25.99 -7.25
CA GLU D 17 -24.25 25.54 -8.05
C GLU D 17 -23.19 26.63 -8.16
N ALA D 18 -23.57 27.89 -7.99
CA ALA D 18 -22.60 28.98 -7.96
C ALA D 18 -21.94 29.10 -6.58
N LEU D 19 -22.54 28.50 -5.56
CA LEU D 19 -22.05 28.60 -4.20
C LEU D 19 -21.43 27.32 -3.67
N LYS D 20 -21.67 26.19 -4.34
CA LYS D 20 -20.97 24.95 -4.02
C LYS D 20 -19.47 25.07 -4.23
N ASP D 21 -19.04 25.58 -5.38
CA ASP D 21 -17.66 25.48 -5.80
C ASP D 21 -16.73 26.40 -5.04
N LEU D 22 -17.26 27.39 -4.33
CA LEU D 22 -16.43 28.43 -3.70
C LEU D 22 -16.49 28.42 -2.19
N ILE D 23 -17.67 28.25 -1.58
CA ILE D 23 -17.82 28.36 -0.14
C ILE D 23 -18.13 26.96 0.39
N ASN D 24 -17.30 26.47 1.31
CA ASN D 24 -17.61 25.20 1.95
C ASN D 24 -18.67 25.36 3.03
N GLU D 25 -18.70 26.48 3.75
CA GLU D 25 -19.62 26.67 4.86
C GLU D 25 -20.04 28.15 4.87
N ALA D 26 -21.30 28.42 4.57
CA ALA D 26 -21.80 29.78 4.50
C ALA D 26 -22.89 30.00 5.52
N CYS D 27 -23.28 31.26 5.69
CA CYS D 27 -24.27 31.67 6.68
C CYS D 27 -25.41 32.41 6.00
N TRP D 28 -26.63 31.98 6.31
CA TRP D 28 -27.85 32.51 5.71
C TRP D 28 -28.61 33.31 6.75
N ASP D 29 -29.56 34.12 6.27
CA ASP D 29 -30.33 35.00 7.15
C ASP D 29 -31.66 35.31 6.50
N ILE D 30 -32.68 35.52 7.35
CA ILE D 30 -34.02 35.90 6.92
C ILE D 30 -34.44 37.16 7.66
N SER D 31 -34.90 38.15 6.91
CA SER D 31 -35.46 39.37 7.48
C SER D 31 -36.81 39.64 6.81
N SER D 32 -37.38 40.81 7.09
CA SER D 32 -38.63 41.21 6.45
C SER D 32 -38.43 41.59 4.99
N SER D 33 -37.27 42.15 4.64
CA SER D 33 -37.00 42.56 3.26
C SER D 33 -36.76 41.37 2.33
N GLY D 34 -36.46 40.19 2.88
CA GLY D 34 -36.24 38.99 2.09
C GLY D 34 -35.11 38.17 2.66
N VAL D 35 -34.68 37.18 1.90
CA VAL D 35 -33.62 36.26 2.31
C VAL D 35 -32.29 36.82 1.83
N ASN D 36 -31.36 36.99 2.75
CA ASN D 36 -30.01 37.47 2.44
C ASN D 36 -28.99 36.56 3.11
N LEU D 37 -27.86 36.36 2.44
CA LEU D 37 -26.74 35.63 3.03
C LEU D 37 -25.47 36.43 2.83
N GLN D 38 -24.51 36.23 3.73
CA GLN D 38 -23.23 36.95 3.65
C GLN D 38 -22.17 36.13 4.36
N SER D 39 -21.20 35.62 3.60
CA SER D 39 -20.15 34.78 4.16
C SER D 39 -18.92 34.87 3.26
N MET D 40 -17.79 34.43 3.80
CA MET D 40 -16.50 34.48 3.12
C MET D 40 -15.99 33.07 2.90
N ASP D 41 -14.82 32.96 2.27
CA ASP D 41 -14.19 31.68 2.02
C ASP D 41 -13.16 31.37 3.09
N SER D 42 -12.47 30.24 2.94
CA SER D 42 -11.50 29.80 3.94
C SER D 42 -10.21 30.60 3.87
N SER D 43 -9.85 31.11 2.70
CA SER D 43 -8.61 31.88 2.56
C SER D 43 -8.81 33.38 2.77
N HIS D 44 -10.04 33.80 3.11
CA HIS D 44 -10.39 35.20 3.40
C HIS D 44 -10.06 36.13 2.23
N VAL D 45 -10.42 35.71 1.02
CA VAL D 45 -10.14 36.48 -0.19
C VAL D 45 -11.42 37.02 -0.82
N SER D 46 -12.50 36.23 -0.82
CA SER D 46 -13.75 36.64 -1.45
C SER D 46 -14.91 36.63 -0.48
N LEU D 47 -15.67 37.72 -0.46
CA LEU D 47 -16.93 37.83 0.26
C LEU D 47 -18.08 37.62 -0.71
N VAL D 48 -19.12 36.94 -0.25
CA VAL D 48 -20.22 36.51 -1.10
C VAL D 48 -21.54 37.01 -0.50
N GLN D 49 -22.33 37.70 -1.32
CA GLN D 49 -23.63 38.21 -0.88
C GLN D 49 -24.69 37.84 -1.89
N LEU D 50 -25.80 37.29 -1.40
CA LEU D 50 -26.95 36.99 -2.24
C LEU D 50 -28.19 37.49 -1.50
N THR D 51 -28.94 38.39 -2.12
CA THR D 51 -30.17 38.91 -1.55
C THR D 51 -31.33 38.57 -2.48
N LEU D 52 -32.32 37.86 -1.94
CA LEU D 52 -33.56 37.57 -2.65
C LEU D 52 -34.69 38.29 -1.96
N ARG D 53 -35.34 39.22 -2.66
CA ARG D 53 -36.36 40.05 -2.04
C ARG D 53 -37.66 39.27 -1.84
N SER D 54 -38.51 39.82 -0.97
CA SER D 54 -39.69 39.09 -0.51
C SER D 54 -40.78 39.04 -1.58
N GLU D 55 -41.05 40.15 -2.26
CA GLU D 55 -42.15 40.18 -3.21
C GLU D 55 -41.83 39.47 -4.53
N GLY D 56 -40.56 39.16 -4.76
CA GLY D 56 -40.19 38.41 -5.96
C GLY D 56 -40.65 36.97 -5.94
N PHE D 57 -40.77 36.37 -4.76
CA PHE D 57 -41.22 34.98 -4.65
C PHE D 57 -42.70 34.88 -4.99
N ASP D 58 -43.16 33.65 -5.19
CA ASP D 58 -44.57 33.43 -5.51
C ASP D 58 -45.45 33.76 -4.31
N THR D 59 -45.07 33.29 -3.13
CA THR D 59 -45.65 33.74 -1.87
C THR D 59 -44.61 33.61 -0.77
N TYR D 60 -44.61 34.57 0.15
CA TYR D 60 -43.57 34.68 1.17
C TYR D 60 -44.23 34.75 2.54
N ARG D 61 -43.70 33.93 3.47
CA ARG D 61 -44.21 33.93 4.87
C ARG D 61 -43.03 34.20 5.82
N CYS D 62 -42.98 35.38 6.45
CA CYS D 62 -41.92 35.76 7.36
C CYS D 62 -42.52 35.99 8.74
N ASP D 63 -41.91 35.38 9.76
CA ASP D 63 -42.36 35.55 11.14
C ASP D 63 -41.33 36.31 11.98
N ARG D 64 -40.10 35.80 12.04
CA ARG D 64 -39.04 36.39 12.83
C ARG D 64 -37.73 36.31 12.06
N ASN D 65 -36.63 36.58 12.76
CA ASN D 65 -35.31 36.56 12.15
C ASN D 65 -34.59 35.31 12.62
N LEU D 66 -34.07 34.53 11.68
CA LEU D 66 -33.28 33.34 11.98
C LEU D 66 -31.96 33.41 11.23
N ALA D 67 -30.89 32.97 11.87
CA ALA D 67 -29.58 32.89 11.25
C ALA D 67 -29.27 31.43 10.96
N MET D 68 -28.96 31.12 9.71
CA MET D 68 -28.83 29.74 9.27
C MET D 68 -27.42 29.47 8.77
N GLY D 69 -26.76 28.51 9.41
CA GLY D 69 -25.37 28.20 9.13
C GLY D 69 -25.19 26.95 8.30
N VAL D 70 -25.99 26.81 7.23
CA VAL D 70 -26.04 25.58 6.45
C VAL D 70 -24.73 25.38 5.69
N ASN D 71 -24.28 24.13 5.62
CA ASN D 71 -23.14 23.78 4.78
C ASN D 71 -23.57 23.78 3.32
N LEU D 72 -22.85 24.53 2.50
CA LEU D 72 -23.20 24.61 1.08
C LEU D 72 -22.44 23.60 0.24
N THR D 73 -21.60 22.78 0.86
CA THR D 73 -21.00 21.64 0.20
C THR D 73 -21.94 20.45 0.13
N SER D 74 -23.09 20.51 0.81
CA SER D 74 -24.05 19.41 0.82
C SER D 74 -25.45 19.86 0.43
N MET D 75 -25.67 21.15 0.24
CA MET D 75 -27.01 21.63 -0.08
C MET D 75 -27.40 21.33 -1.53
N SER D 76 -26.49 21.51 -2.49
CA SER D 76 -26.83 21.14 -3.86
C SER D 76 -26.41 19.70 -4.17
N LYS D 77 -26.79 18.79 -3.28
CA LYS D 77 -26.80 17.36 -3.53
C LYS D 77 -28.13 16.82 -3.02
N ILE D 78 -28.69 17.50 -2.01
CA ILE D 78 -30.08 17.29 -1.64
C ILE D 78 -30.99 18.16 -2.48
N LEU D 79 -30.42 19.15 -3.17
CA LEU D 79 -31.15 20.02 -4.08
C LEU D 79 -30.83 19.74 -5.54
N LYS D 80 -29.74 19.02 -5.82
CA LYS D 80 -29.42 18.55 -7.16
C LYS D 80 -30.44 17.53 -7.67
N CYS D 81 -31.22 16.95 -6.75
CA CYS D 81 -32.27 15.96 -7.12
C CYS D 81 -33.55 16.64 -7.58
N ALA D 82 -33.47 17.90 -8.02
CA ALA D 82 -34.63 18.64 -8.49
C ALA D 82 -34.53 18.90 -9.99
N GLY D 83 -35.68 18.91 -10.64
CA GLY D 83 -35.77 19.44 -11.99
C GLY D 83 -35.82 20.95 -11.97
N ASN D 84 -35.58 21.54 -13.15
CA ASN D 84 -35.53 23.00 -13.25
C ASN D 84 -36.90 23.63 -13.15
N GLU D 85 -37.92 23.05 -13.77
CA GLU D 85 -39.22 23.70 -13.94
C GLU D 85 -40.20 23.35 -12.82
N ASP D 86 -39.76 22.57 -11.84
CA ASP D 86 -40.57 22.24 -10.67
C ASP D 86 -40.58 23.37 -9.65
N ILE D 87 -41.67 23.46 -8.89
CA ILE D 87 -41.82 24.46 -7.84
C ILE D 87 -41.01 24.04 -6.62
N ILE D 88 -40.32 25.00 -6.00
CA ILE D 88 -39.45 24.75 -4.86
C ILE D 88 -40.08 25.36 -3.61
N THR D 89 -40.26 24.55 -2.57
CA THR D 89 -40.75 25.00 -1.28
C THR D 89 -39.68 24.76 -0.21
N LEU D 90 -39.34 25.81 0.53
CA LEU D 90 -38.38 25.73 1.63
C LEU D 90 -39.11 25.98 2.94
N ARG D 91 -38.90 25.09 3.92
CA ARG D 91 -39.46 25.26 5.25
C ARG D 91 -38.35 25.19 6.28
N ALA D 92 -38.27 26.23 7.13
CA ALA D 92 -37.30 26.28 8.22
C ALA D 92 -38.06 26.63 9.49
N GLU D 93 -37.98 25.75 10.49
CA GLU D 93 -38.72 25.96 11.72
C GLU D 93 -38.01 26.99 12.60
N ASP D 94 -38.75 27.48 13.61
CA ASP D 94 -38.22 28.51 14.50
C ASP D 94 -37.17 27.94 15.45
N ASN D 95 -37.45 26.79 16.06
CA ASN D 95 -36.59 26.22 17.09
C ASN D 95 -36.34 24.74 16.84
N ALA D 96 -36.01 24.38 15.61
CA ALA D 96 -35.69 23.00 15.26
C ALA D 96 -34.46 22.98 14.36
N ASP D 97 -33.73 21.86 14.41
CA ASP D 97 -32.53 21.70 13.62
C ASP D 97 -32.78 20.94 12.31
N THR D 98 -33.97 21.08 11.73
CA THR D 98 -34.30 20.47 10.45
C THR D 98 -34.74 21.55 9.48
N LEU D 99 -34.19 21.51 8.28
CA LEU D 99 -34.59 22.38 7.17
C LEU D 99 -35.27 21.51 6.12
N ALA D 100 -36.49 21.88 5.74
CA ALA D 100 -37.32 21.06 4.87
C ALA D 100 -37.35 21.63 3.47
N LEU D 101 -37.03 20.79 2.47
CA LEU D 101 -37.07 21.15 1.06
C LEU D 101 -38.09 20.27 0.36
N VAL D 102 -39.08 20.90 -0.29
CA VAL D 102 -40.13 20.19 -1.01
C VAL D 102 -40.11 20.66 -2.46
N PHE D 103 -40.17 19.72 -3.40
CA PHE D 103 -40.24 20.01 -4.82
C PHE D 103 -41.53 19.43 -5.38
N GLU D 104 -42.26 20.22 -6.16
CA GLU D 104 -43.56 19.81 -6.69
C GLU D 104 -43.50 19.82 -8.21
N ALA D 105 -43.97 18.74 -8.83
CA ALA D 105 -43.96 18.64 -10.28
C ALA D 105 -45.04 19.53 -10.88
N PRO D 106 -44.85 19.99 -12.12
CA PRO D 106 -45.92 20.74 -12.81
C PRO D 106 -47.17 19.93 -13.10
N ASN D 107 -47.06 18.60 -13.14
CA ASN D 107 -48.20 17.70 -13.22
C ASN D 107 -48.85 17.44 -11.87
N GLN D 108 -48.32 18.07 -10.81
CA GLN D 108 -48.89 18.08 -9.45
C GLN D 108 -48.97 16.68 -8.85
N GLU D 109 -48.07 15.79 -9.28
CA GLU D 109 -48.10 14.39 -8.93
C GLU D 109 -46.83 13.95 -8.22
N LYS D 110 -45.66 14.32 -8.75
CA LYS D 110 -44.39 13.89 -8.18
C LYS D 110 -43.94 14.91 -7.14
N VAL D 111 -44.02 14.54 -5.87
CA VAL D 111 -43.66 15.42 -4.76
C VAL D 111 -42.48 14.80 -4.03
N SER D 112 -41.37 15.54 -3.98
CA SER D 112 -40.13 15.08 -3.34
C SER D 112 -39.85 15.97 -2.14
N ASP D 113 -39.97 15.41 -0.94
CA ASP D 113 -39.75 16.13 0.31
C ASP D 113 -38.49 15.61 0.98
N TYR D 114 -37.69 16.53 1.51
CA TYR D 114 -36.42 16.19 2.13
C TYR D 114 -36.24 17.00 3.41
N GLU D 115 -35.43 16.46 4.32
CA GLU D 115 -35.05 17.12 5.56
C GLU D 115 -33.53 17.18 5.63
N MET D 116 -32.99 18.32 6.07
CA MET D 116 -31.56 18.48 6.22
C MET D 116 -31.24 18.98 7.62
N LYS D 117 -30.33 18.27 8.31
CA LYS D 117 -29.92 18.65 9.65
C LYS D 117 -29.05 19.90 9.62
N LEU D 118 -29.16 20.70 10.69
CA LEU D 118 -28.47 21.97 10.79
C LEU D 118 -27.41 21.92 11.88
N MET D 119 -26.43 22.82 11.77
CA MET D 119 -25.32 22.84 12.72
C MET D 119 -24.84 24.27 12.92
N ASP D 120 -24.07 24.46 13.99
CA ASP D 120 -23.55 25.78 14.32
C ASP D 120 -22.41 26.17 13.40
N LEU D 121 -22.17 27.49 13.31
CA LEU D 121 -21.09 28.01 12.47
C LEU D 121 -20.60 29.32 13.07
N ASP D 122 -19.30 29.57 12.93
CA ASP D 122 -18.66 30.78 13.45
C ASP D 122 -18.04 31.52 12.28
N VAL D 123 -18.81 32.46 11.71
CA VAL D 123 -18.42 33.19 10.52
C VAL D 123 -18.45 34.68 10.84
N GLU D 124 -17.35 35.37 10.51
CA GLU D 124 -17.29 36.83 10.65
C GLU D 124 -18.28 37.50 9.71
N GLN D 125 -19.19 38.29 10.28
CA GLN D 125 -20.07 39.13 9.48
C GLN D 125 -19.36 40.45 9.21
N LEU D 126 -19.40 40.90 7.96
CA LEU D 126 -18.70 42.11 7.54
C LEU D 126 -19.71 43.10 6.99
N GLY D 127 -19.64 44.34 7.44
CA GLY D 127 -20.54 45.37 6.94
C GLY D 127 -20.12 45.82 5.55
N ILE D 128 -21.10 46.05 4.68
CA ILE D 128 -20.85 46.49 3.31
C ILE D 128 -20.98 48.01 3.25
N PRO D 129 -19.91 48.74 2.95
CA PRO D 129 -20.04 50.17 2.72
C PRO D 129 -20.50 50.45 1.28
N GLU D 130 -21.04 51.64 1.09
CA GLU D 130 -21.49 52.09 -0.22
C GLU D 130 -20.40 52.96 -0.85
N GLN D 131 -19.92 52.55 -2.01
CA GLN D 131 -18.79 53.20 -2.65
C GLN D 131 -19.16 53.56 -4.08
N GLU D 132 -18.73 54.75 -4.50
CA GLU D 132 -18.98 55.24 -5.86
C GLU D 132 -17.91 54.64 -6.76
N TYR D 133 -18.30 53.65 -7.56
CA TYR D 133 -17.36 52.92 -8.40
C TYR D 133 -16.96 53.78 -9.60
N SER D 134 -15.66 53.84 -9.87
CA SER D 134 -15.16 54.66 -10.98
C SER D 134 -15.44 54.03 -12.34
N CYS D 135 -15.69 52.72 -12.38
CA CYS D 135 -16.02 52.03 -13.62
C CYS D 135 -17.18 51.09 -13.36
N VAL D 136 -18.10 51.00 -14.33
CA VAL D 136 -19.20 50.05 -14.32
C VAL D 136 -19.29 49.46 -15.72
N VAL D 137 -19.25 48.14 -15.83
CA VAL D 137 -19.49 47.45 -17.09
C VAL D 137 -20.65 46.47 -16.88
N LYS D 138 -21.59 46.48 -17.83
CA LYS D 138 -22.74 45.60 -17.82
C LYS D 138 -22.62 44.67 -19.02
N MET D 139 -22.26 43.42 -18.76
CA MET D 139 -21.85 42.46 -19.77
C MET D 139 -22.79 41.27 -19.74
N PRO D 140 -23.04 40.62 -20.87
CA PRO D 140 -23.73 39.33 -20.85
C PRO D 140 -22.94 38.29 -20.07
N SER D 141 -23.66 37.47 -19.30
CA SER D 141 -23.02 36.57 -18.35
C SER D 141 -22.34 35.40 -19.03
N GLY D 142 -22.86 34.96 -20.17
CA GLY D 142 -22.20 33.92 -20.93
C GLY D 142 -20.85 34.36 -21.45
N GLU D 143 -20.76 35.62 -21.87
CA GLU D 143 -19.47 36.15 -22.34
C GLU D 143 -18.48 36.30 -21.19
N PHE D 144 -18.94 36.65 -19.99
CA PHE D 144 -18.03 36.79 -18.86
C PHE D 144 -17.55 35.44 -18.35
N ALA D 145 -18.45 34.43 -18.34
CA ALA D 145 -18.04 33.08 -18.01
C ALA D 145 -17.07 32.53 -19.04
N ARG D 146 -17.33 32.81 -20.32
CA ARG D 146 -16.42 32.42 -21.37
C ARG D 146 -15.07 33.11 -21.21
N ILE D 147 -15.08 34.38 -20.79
CA ILE D 147 -13.84 35.14 -20.73
C ILE D 147 -12.98 34.66 -19.55
N CYS D 148 -13.62 34.27 -18.44
CA CYS D 148 -12.82 33.82 -17.30
C CYS D 148 -12.38 32.38 -17.49
N ARG D 149 -13.21 31.54 -18.13
CA ARG D 149 -12.80 30.17 -18.40
C ARG D 149 -11.74 30.10 -19.49
N ASP D 150 -11.76 31.04 -20.43
CA ASP D 150 -10.72 31.10 -21.45
C ASP D 150 -9.41 31.65 -20.89
N LEU D 151 -9.47 32.66 -20.02
CA LEU D 151 -8.23 33.16 -19.44
C LEU D 151 -7.69 32.27 -18.33
N SER D 152 -8.49 31.32 -17.82
CA SER D 152 -8.02 30.44 -16.75
C SER D 152 -6.95 29.47 -17.23
N HIS D 153 -6.94 29.17 -18.53
CA HIS D 153 -5.93 28.29 -19.09
C HIS D 153 -4.60 28.98 -19.32
N ILE D 154 -4.54 30.30 -19.13
CA ILE D 154 -3.32 31.07 -19.31
C ILE D 154 -2.58 31.24 -17.99
N GLY D 155 -3.25 31.82 -17.00
CA GLY D 155 -2.63 32.04 -15.70
C GLY D 155 -3.68 32.25 -14.65
N ASP D 156 -3.21 32.60 -13.44
CA ASP D 156 -4.09 32.85 -12.31
C ASP D 156 -4.24 34.32 -11.97
N ALA D 157 -3.36 35.18 -12.44
CA ALA D 157 -3.45 36.62 -12.22
C ALA D 157 -4.20 37.24 -13.39
N VAL D 158 -5.32 37.90 -13.10
CA VAL D 158 -6.15 38.54 -14.12
C VAL D 158 -6.10 40.03 -13.91
N VAL D 159 -5.75 40.76 -14.96
CA VAL D 159 -5.68 42.22 -14.93
C VAL D 159 -6.90 42.79 -15.64
N ILE D 160 -7.79 43.41 -14.88
CA ILE D 160 -8.99 44.03 -15.43
C ILE D 160 -8.72 45.52 -15.56
N SER D 161 -8.50 45.97 -16.80
CA SER D 161 -8.13 47.35 -17.09
C SER D 161 -9.14 47.92 -18.07
N CYS D 162 -9.79 49.01 -17.70
CA CYS D 162 -10.71 49.69 -18.59
C CYS D 162 -10.18 51.09 -18.91
N ALA D 163 -10.02 51.37 -20.20
CA ALA D 163 -9.67 52.70 -20.67
C ALA D 163 -10.73 53.14 -21.65
N LYS D 164 -10.49 54.29 -22.29
CA LYS D 164 -11.51 54.95 -23.12
C LYS D 164 -11.87 54.13 -24.36
N ASP D 165 -10.98 53.27 -24.83
CA ASP D 165 -11.30 52.40 -25.96
C ASP D 165 -12.24 51.27 -25.56
N GLY D 166 -12.02 50.66 -24.41
CA GLY D 166 -12.88 49.56 -23.97
C GLY D 166 -12.32 48.88 -22.73
N VAL D 167 -12.84 47.69 -22.47
CA VAL D 167 -12.49 46.90 -21.28
C VAL D 167 -11.53 45.81 -21.69
N LYS D 168 -10.43 45.68 -20.95
CA LYS D 168 -9.42 44.66 -21.19
C LYS D 168 -9.39 43.68 -20.03
N PHE D 169 -9.50 42.39 -20.36
CA PHE D 169 -9.26 41.31 -19.41
C PHE D 169 -7.93 40.67 -19.79
N SER D 170 -6.91 40.92 -18.99
CA SER D 170 -5.55 40.48 -19.30
C SER D 170 -5.09 39.43 -18.31
N ALA D 171 -4.46 38.37 -18.84
CA ALA D 171 -3.89 37.32 -18.00
C ALA D 171 -2.55 36.91 -18.60
N SER D 172 -1.65 36.44 -17.74
CA SER D 172 -0.32 36.04 -18.15
C SER D 172 0.06 34.75 -17.44
N GLY D 173 0.93 33.97 -18.07
CA GLY D 173 1.31 32.70 -17.50
C GLY D 173 2.59 32.17 -18.12
N GLU D 174 2.89 30.92 -17.78
CA GLU D 174 4.12 30.27 -18.24
C GLU D 174 4.10 29.97 -19.73
N LEU D 175 2.92 29.79 -20.32
CA LEU D 175 2.78 29.50 -21.74
C LEU D 175 2.56 30.75 -22.58
N GLY D 176 2.57 31.93 -21.97
CA GLY D 176 2.33 33.16 -22.70
C GLY D 176 1.38 34.09 -21.97
N ASN D 177 0.78 35.03 -22.68
CA ASN D 177 -0.16 35.96 -22.09
C ASN D 177 -1.35 36.16 -23.01
N GLY D 178 -2.47 36.55 -22.43
CA GLY D 178 -3.66 36.83 -23.21
C GLY D 178 -4.45 38.01 -22.68
N ASN D 179 -4.68 39.00 -23.53
CA ASN D 179 -5.46 40.18 -23.19
C ASN D 179 -6.59 40.32 -24.21
N ILE D 180 -7.82 40.40 -23.72
CA ILE D 180 -9.01 40.39 -24.57
C ILE D 180 -9.77 41.68 -24.37
N LYS D 181 -10.08 42.36 -25.48
CA LYS D 181 -10.72 43.67 -25.48
C LYS D 181 -12.19 43.54 -25.86
N LEU D 182 -13.06 44.22 -25.12
CA LEU D 182 -14.47 44.33 -25.44
C LEU D 182 -14.84 45.78 -25.68
N SER D 183 -15.63 46.02 -26.72
CA SER D 183 -16.02 47.35 -27.13
C SER D 183 -17.49 47.60 -26.82
N GLN D 184 -17.86 48.88 -26.77
CA GLN D 184 -19.23 49.25 -26.47
C GLN D 184 -20.13 49.01 -27.67
N THR D 185 -21.35 48.56 -27.39
CA THR D 185 -22.35 48.39 -28.44
C THR D 185 -22.91 49.74 -28.86
N SER D 186 -23.27 49.84 -30.14
CA SER D 186 -23.77 51.09 -30.68
C SER D 186 -25.11 50.90 -31.38
N ASN D 187 -25.30 49.76 -32.04
CA ASN D 187 -26.50 49.48 -32.81
C ASN D 187 -27.20 48.22 -32.32
N VAL D 188 -27.12 47.93 -31.03
CA VAL D 188 -27.78 46.79 -30.43
C VAL D 188 -28.85 47.30 -29.47
N ASP D 189 -30.10 46.87 -29.69
CA ASP D 189 -31.22 47.32 -28.88
C ASP D 189 -31.62 46.32 -27.80
N LYS D 190 -31.15 45.09 -27.87
CA LYS D 190 -31.49 44.09 -26.87
C LYS D 190 -30.76 44.37 -25.56
N GLU D 191 -31.49 44.25 -24.44
CA GLU D 191 -30.89 44.49 -23.14
C GLU D 191 -29.92 43.38 -22.76
N GLU D 192 -30.26 42.13 -23.09
CA GLU D 192 -29.45 40.98 -22.70
C GLU D 192 -28.23 40.78 -23.58
N GLU D 193 -28.15 41.45 -24.72
CA GLU D 193 -27.04 41.28 -25.66
C GLU D 193 -26.06 42.44 -25.65
N ALA D 194 -26.55 43.66 -25.51
CA ALA D 194 -25.70 44.84 -25.55
C ALA D 194 -24.85 44.97 -24.30
N VAL D 195 -23.66 45.56 -24.47
CA VAL D 195 -22.73 45.81 -23.37
C VAL D 195 -22.55 47.32 -23.24
N THR D 196 -22.69 47.83 -22.02
CA THR D 196 -22.61 49.26 -21.74
C THR D 196 -21.56 49.51 -20.66
N ILE D 197 -20.93 50.69 -20.73
CA ILE D 197 -19.84 51.05 -19.83
C ILE D 197 -20.09 52.44 -19.27
N GLU D 198 -19.71 52.64 -18.00
CA GLU D 198 -19.81 53.93 -17.32
C GLU D 198 -18.44 54.26 -16.76
N MET D 199 -17.97 55.48 -16.96
CA MET D 199 -16.60 55.84 -16.61
C MET D 199 -16.54 57.10 -15.77
N ASN D 200 -15.62 57.10 -14.81
CA ASN D 200 -15.16 58.29 -14.11
C ASN D 200 -13.67 58.51 -14.30
N GLU D 201 -12.87 57.46 -14.12
CA GLU D 201 -11.44 57.46 -14.30
C GLU D 201 -11.03 56.05 -14.72
N PRO D 202 -10.07 55.92 -15.64
CA PRO D 202 -9.60 54.57 -16.04
C PRO D 202 -8.95 53.82 -14.89
N VAL D 203 -9.36 52.56 -14.72
CA VAL D 203 -8.94 51.75 -13.59
C VAL D 203 -7.99 50.66 -14.08
N GLN D 204 -7.11 50.22 -13.19
CA GLN D 204 -6.16 49.16 -13.50
C GLN D 204 -5.97 48.33 -12.23
N LEU D 205 -6.70 47.24 -12.12
CA LEU D 205 -6.65 46.36 -10.96
C LEU D 205 -6.23 44.96 -11.38
N THR D 206 -5.86 44.15 -10.40
CA THR D 206 -5.37 42.80 -10.65
C THR D 206 -5.98 41.85 -9.62
N PHE D 207 -6.53 40.73 -10.09
CA PHE D 207 -7.29 39.83 -9.25
C PHE D 207 -6.79 38.40 -9.42
N ALA D 208 -7.46 37.47 -8.76
CA ALA D 208 -7.19 36.05 -8.86
C ALA D 208 -8.21 35.41 -9.80
N LEU D 209 -7.72 34.71 -10.82
CA LEU D 209 -8.59 34.17 -11.85
C LEU D 209 -9.35 32.93 -11.40
N ARG D 210 -8.82 32.18 -10.43
CA ARG D 210 -9.54 31.03 -9.91
C ARG D 210 -10.82 31.46 -9.20
N TYR D 211 -10.77 32.59 -8.49
CA TYR D 211 -11.98 33.10 -7.86
C TYR D 211 -12.96 33.63 -8.89
N LEU D 212 -12.47 34.10 -10.03
CA LEU D 212 -13.36 34.51 -11.11
C LEU D 212 -14.01 33.32 -11.79
N ASN D 213 -13.31 32.18 -11.83
CA ASN D 213 -13.94 30.94 -12.30
C ASN D 213 -14.99 30.46 -11.32
N PHE D 214 -14.70 30.56 -10.02
CA PHE D 214 -15.68 30.18 -8.99
C PHE D 214 -16.87 31.12 -8.96
N PHE D 215 -16.70 32.38 -9.40
CA PHE D 215 -17.83 33.31 -9.43
C PHE D 215 -18.81 32.97 -10.54
N THR D 216 -18.31 32.52 -11.69
CA THR D 216 -19.12 32.41 -12.90
C THR D 216 -19.79 31.05 -13.07
N LYS D 217 -20.09 30.35 -11.97
CA LYS D 217 -21.01 29.22 -12.05
C LYS D 217 -22.46 29.68 -11.94
N ALA D 218 -22.70 30.99 -11.86
CA ALA D 218 -24.01 31.60 -11.96
C ALA D 218 -24.34 32.07 -13.37
N THR D 219 -23.88 31.32 -14.38
CA THR D 219 -23.94 31.84 -15.75
C THR D 219 -25.34 31.81 -16.36
N PRO D 220 -26.13 30.73 -16.31
CA PRO D 220 -27.51 30.85 -16.81
C PRO D 220 -28.50 31.33 -15.76
N LEU D 221 -28.00 31.79 -14.60
CA LEU D 221 -28.83 32.52 -13.65
C LEU D 221 -29.40 33.79 -14.25
N SER D 222 -28.53 34.62 -14.82
CA SER D 222 -28.93 35.86 -15.46
C SER D 222 -28.29 35.91 -16.83
N SER D 223 -28.94 36.60 -17.76
CA SER D 223 -28.35 36.77 -19.07
C SER D 223 -27.39 37.94 -19.13
N THR D 224 -27.28 38.72 -18.05
CA THR D 224 -26.35 39.84 -17.96
C THR D 224 -25.67 39.83 -16.59
N VAL D 225 -24.46 40.38 -16.55
CA VAL D 225 -23.72 40.53 -15.30
C VAL D 225 -23.14 41.94 -15.25
N THR D 226 -23.19 42.56 -14.07
CA THR D 226 -22.66 43.90 -13.87
C THR D 226 -21.39 43.81 -13.03
N LEU D 227 -20.29 44.36 -13.56
CA LEU D 227 -19.04 44.46 -12.83
C LEU D 227 -18.75 45.94 -12.58
N SER D 228 -18.64 46.31 -11.31
CA SER D 228 -18.28 47.67 -10.92
C SER D 228 -17.01 47.62 -10.09
N MET D 229 -16.04 48.47 -10.42
CA MET D 229 -14.74 48.44 -9.77
C MET D 229 -14.27 49.84 -9.50
N SER D 230 -13.34 49.96 -8.55
CA SER D 230 -12.72 51.23 -8.18
C SER D 230 -11.35 50.95 -7.61
N ALA D 231 -10.54 52.00 -7.53
CA ALA D 231 -9.17 51.86 -7.05
C ALA D 231 -9.14 51.56 -5.56
N ASP D 232 -8.38 50.51 -5.20
CA ASP D 232 -8.29 49.98 -3.82
C ASP D 232 -9.65 49.61 -3.25
N VAL D 233 -10.55 49.15 -4.11
CA VAL D 233 -11.91 48.76 -3.73
C VAL D 233 -12.15 47.39 -4.34
N PRO D 234 -12.72 46.43 -3.60
CA PRO D 234 -13.00 45.12 -4.18
C PRO D 234 -14.02 45.19 -5.31
N LEU D 235 -13.77 44.40 -6.35
CA LEU D 235 -14.68 44.31 -7.49
C LEU D 235 -15.95 43.58 -7.11
N VAL D 236 -17.05 44.00 -7.72
CA VAL D 236 -18.35 43.38 -7.49
C VAL D 236 -18.73 42.60 -8.75
N VAL D 237 -19.27 41.41 -8.56
CA VAL D 237 -19.82 40.62 -9.66
C VAL D 237 -21.30 40.47 -9.37
N GLU D 238 -22.10 41.40 -9.89
CA GLU D 238 -23.52 41.47 -9.60
C GLU D 238 -24.27 40.70 -10.67
N TYR D 239 -24.94 39.62 -10.27
CA TYR D 239 -25.83 38.87 -11.13
C TYR D 239 -27.26 39.25 -10.78
N LYS D 240 -27.92 39.95 -11.70
CA LYS D 240 -29.29 40.41 -11.48
C LYS D 240 -30.24 39.29 -11.88
N ILE D 241 -30.71 38.54 -10.89
CA ILE D 241 -31.58 37.40 -11.16
C ILE D 241 -32.99 37.94 -11.38
N ALA D 242 -33.31 38.30 -12.63
CA ALA D 242 -34.59 38.82 -13.09
C ALA D 242 -35.09 39.99 -12.23
N ASP D 243 -36.29 39.84 -11.67
CA ASP D 243 -36.76 40.68 -10.57
C ASP D 243 -36.73 39.92 -9.25
N MET D 244 -36.12 38.75 -9.23
CA MET D 244 -36.17 37.89 -8.05
C MET D 244 -35.21 38.39 -6.97
N GLY D 245 -34.07 38.93 -7.38
CA GLY D 245 -33.07 39.37 -6.42
C GLY D 245 -31.76 39.65 -7.12
N HIS D 246 -30.67 39.60 -6.35
CA HIS D 246 -29.35 39.83 -6.91
C HIS D 246 -28.32 39.01 -6.15
N LEU D 247 -27.20 38.76 -6.82
CA LEU D 247 -26.11 37.94 -6.29
C LEU D 247 -24.81 38.70 -6.50
N LYS D 248 -24.15 39.08 -5.41
CA LYS D 248 -22.94 39.90 -5.46
C LYS D 248 -21.74 39.08 -5.03
N TYR D 249 -20.65 39.20 -5.78
CA TYR D 249 -19.39 38.52 -5.47
C TYR D 249 -18.30 39.57 -5.28
N TYR D 250 -17.76 39.65 -4.08
CA TYR D 250 -16.78 40.65 -3.71
C TYR D 250 -15.40 40.01 -3.82
N LEU D 251 -14.47 40.66 -4.52
CA LEU D 251 -13.17 40.07 -4.82
C LEU D 251 -12.06 41.02 -4.39
N ALA D 252 -11.24 40.58 -3.43
CA ALA D 252 -10.13 41.40 -2.96
C ALA D 252 -9.02 41.46 -4.02
N PRO D 253 -8.56 42.64 -4.40
CA PRO D 253 -7.62 42.75 -5.52
C PRO D 253 -6.19 42.42 -5.13
N LYS D 254 -5.31 42.62 -6.10
CA LYS D 254 -3.85 42.61 -5.91
C LYS D 254 -3.31 43.94 -6.41
N ILE D 255 -2.88 44.80 -5.49
CA ILE D 255 -2.13 45.98 -5.87
C ILE D 255 -0.65 45.76 -5.59
N GLU D 256 0.20 46.53 -6.27
CA GLU D 256 1.64 46.43 -6.02
C GLU D 256 1.99 47.13 -4.73
N ASP D 257 2.68 46.44 -3.84
CA ASP D 257 3.19 47.04 -2.61
C ASP D 257 4.53 47.71 -2.90
N GLU D 258 4.64 48.97 -2.52
CA GLU D 258 5.88 49.73 -2.74
C GLU D 258 6.86 49.33 -1.64
N GLU D 259 7.53 48.21 -1.86
CA GLU D 259 8.49 47.69 -0.88
C GLU D 259 9.75 48.54 -0.82
N GLY D 260 10.19 49.09 -1.96
CA GLY D 260 11.33 49.98 -1.96
C GLY D 260 11.05 51.30 -1.28
N SER D 261 9.85 51.84 -1.48
CA SER D 261 9.46 53.10 -0.86
C SER D 261 8.26 52.92 0.07
#